data_1HTE
# 
_entry.id   1HTE 
# 
_audit_conform.dict_name       mmcif_pdbx.dic 
_audit_conform.dict_version    5.386 
_audit_conform.dict_location   http://mmcif.pdb.org/dictionaries/ascii/mmcif_pdbx.dic 
# 
loop_
_database_2.database_id 
_database_2.database_code 
_database_2.pdbx_database_accession 
_database_2.pdbx_DOI 
PDB   1HTE         pdb_00001hte 10.2210/pdb1hte/pdb 
WWPDB D_1000174011 ?            ?                   
# 
loop_
_pdbx_audit_revision_history.ordinal 
_pdbx_audit_revision_history.data_content_type 
_pdbx_audit_revision_history.major_revision 
_pdbx_audit_revision_history.minor_revision 
_pdbx_audit_revision_history.revision_date 
1 'Structure model' 1 0 1994-07-31 
2 'Structure model' 1 1 2008-03-24 
3 'Structure model' 1 2 2011-07-13 
4 'Structure model' 1 3 2017-11-29 
5 'Structure model' 1 4 2024-02-07 
# 
_pdbx_audit_revision_details.ordinal             1 
_pdbx_audit_revision_details.revision_ordinal    1 
_pdbx_audit_revision_details.data_content_type   'Structure model' 
_pdbx_audit_revision_details.provider            repository 
_pdbx_audit_revision_details.type                'Initial release' 
_pdbx_audit_revision_details.description         ? 
_pdbx_audit_revision_details.details             ? 
# 
loop_
_pdbx_audit_revision_group.ordinal 
_pdbx_audit_revision_group.revision_ordinal 
_pdbx_audit_revision_group.data_content_type 
_pdbx_audit_revision_group.group 
1 2 'Structure model' 'Version format compliance' 
2 3 'Structure model' 'Version format compliance' 
3 4 'Structure model' Advisory                    
4 4 'Structure model' 'Derived calculations'      
5 4 'Structure model' Other                       
6 5 'Structure model' Advisory                    
7 5 'Structure model' 'Data collection'           
8 5 'Structure model' 'Database references'       
9 5 'Structure model' 'Derived calculations'      
# 
loop_
_pdbx_audit_revision_category.ordinal 
_pdbx_audit_revision_category.revision_ordinal 
_pdbx_audit_revision_category.data_content_type 
_pdbx_audit_revision_category.category 
1 4 'Structure model' pdbx_database_status         
2 4 'Structure model' pdbx_unobs_or_zero_occ_atoms 
3 4 'Structure model' struct_conf                  
4 4 'Structure model' struct_conf_type             
5 5 'Structure model' chem_comp_atom               
6 5 'Structure model' chem_comp_bond               
7 5 'Structure model' database_2                   
8 5 'Structure model' pdbx_unobs_or_zero_occ_atoms 
9 5 'Structure model' struct_site                  
# 
loop_
_pdbx_audit_revision_item.ordinal 
_pdbx_audit_revision_item.revision_ordinal 
_pdbx_audit_revision_item.data_content_type 
_pdbx_audit_revision_item.item 
1 4 'Structure model' '_pdbx_database_status.process_site'  
2 5 'Structure model' '_database_2.pdbx_DOI'                
3 5 'Structure model' '_database_2.pdbx_database_accession' 
4 5 'Structure model' '_struct_site.pdbx_auth_asym_id'      
5 5 'Structure model' '_struct_site.pdbx_auth_comp_id'      
6 5 'Structure model' '_struct_site.pdbx_auth_seq_id'       
# 
_pdbx_database_status.status_code                     REL 
_pdbx_database_status.entry_id                        1HTE 
_pdbx_database_status.recvd_initial_deposition_date   1994-04-29 
_pdbx_database_status.deposit_site                    ? 
_pdbx_database_status.process_site                    BNL 
_pdbx_database_status.SG_entry                        . 
_pdbx_database_status.pdb_format_compatible           Y 
_pdbx_database_status.status_code_mr                  ? 
_pdbx_database_status.status_code_sf                  ? 
_pdbx_database_status.status_code_cs                  ? 
_pdbx_database_status.methods_development_category    ? 
_pdbx_database_status.status_code_nmr_data            ? 
# 
loop_
_audit_author.name 
_audit_author.pdbx_ordinal 
'Jhoti, H.'       1 
'Wonacott, A.'    2 
'Murray-Rust, P.' 3 
# 
loop_
_citation.id 
_citation.title 
_citation.journal_abbrev 
_citation.journal_volume 
_citation.page_first 
_citation.page_last 
_citation.year 
_citation.journal_id_ASTM 
_citation.country 
_citation.journal_id_ISSN 
_citation.journal_id_CSD 
_citation.book_publisher 
_citation.pdbx_database_id_PubMed 
_citation.pdbx_database_id_DOI 
primary 'X-ray crystallographic studies of a series of penicillin-derived asymmetric inhibitors of HIV-1 protease.'   Biochemistry 
33 8417 8427 1994 BICHAW US 0006-2960 0033 ? 8031777 10.1021/bi00194a005 
1       'A Series of Penicillin-Derived C2-Symmetric Inhibitors of HIV-1 Proteinase: Structural and Modeling Studies' J.Med.Chem.  
36 3113 ?    1993 JMCMAR US 0022-2623 0151 ? ?       ?                   
# 
loop_
_citation_author.citation_id 
_citation_author.name 
_citation_author.ordinal 
_citation_author.identifier_ORCID 
primary 'Jhoti, H.'       1  ? 
primary 'Singh, O.M.'     2  ? 
primary 'Weir, M.P.'      3  ? 
primary 'Cooke, R.'       4  ? 
primary 'Murray-Rust, P.' 5  ? 
primary 'Wonacott, A.'    6  ? 
1       'Wonacott, A.'    7  ? 
1       'Cooke, R.'       8  ? 
1       'Hayes, F.R.'     9  ? 
1       'Hayes, M.M.'     10 ? 
1       'Jhoti, H.'       11 ? 
1       'Mcmeekin, P.'    12 ? 
1       'Mistry, A.'      13 ? 
1       'Murray-Rust, P.' 14 ? 
1       'Singh, O.M.P.'   15 ? 
1       'Weir, M.P.'      16 ? 
# 
loop_
_entity.id 
_entity.type 
_entity.src_method 
_entity.pdbx_description 
_entity.formula_weight 
_entity.pdbx_number_of_molecules 
_entity.pdbx_ec 
_entity.pdbx_mutation 
_entity.pdbx_fragment 
_entity.details 
1 polymer     man 'HIV-1 PROTEASE'                                                                                  10803.756 2   
? ? ? ? 
2 polymer     man 'HIV-1 PROTEASE'                                                                                  475.493   1   
? ? ? ? 
3 non-polymer syn '(2R,4S)-2-[(R)-BENZYLCARBAMOYL-PHENYLACETYL-METHYL]-5,5-DIMETHYL-THIAZOLIDINE-4-CARBOXYLIC ACID' 441.543   1   
? ? ? ? 
4 water       nat water                                                                                             18.015    121 
? ? ? ? 
# 
loop_
_entity_poly.entity_id 
_entity_poly.type 
_entity_poly.nstd_linkage 
_entity_poly.nstd_monomer 
_entity_poly.pdbx_seq_one_letter_code 
_entity_poly.pdbx_seq_one_letter_code_can 
_entity_poly.pdbx_strand_id 
_entity_poly.pdbx_target_identifier 
1 'polypeptide(L)' no no 
;PQITLWQRPLVTIKIGGQLKEALLDTGADDTVLEEMSLPGRWKPKMIGGIGGFIKVRQYDQILIEICGHKAIGTVLVGPT
PVNIIGRNLLTQIGCTLNF
;
;PQITLWQRPLVTIKIGGQLKEALLDTGADDTVLEEMSLPGRWKPKMIGGIGGFIKVRQYDQILIEICGHKAIGTVLVGPT
PVNIIGRNLLTQIGCTLNF
;
A,B ? 
2 'polypeptide(L)' no no LQES                                                                                                   
LQES                                                                                                   C   ? 
# 
loop_
_pdbx_entity_nonpoly.entity_id 
_pdbx_entity_nonpoly.name 
_pdbx_entity_nonpoly.comp_id 
3 '(2R,4S)-2-[(R)-BENZYLCARBAMOYL-PHENYLACETYL-METHYL]-5,5-DIMETHYL-THIAZOLIDINE-4-CARBOXYLIC ACID' G23 
4 water                                                                                             HOH 
# 
loop_
_entity_poly_seq.entity_id 
_entity_poly_seq.num 
_entity_poly_seq.mon_id 
_entity_poly_seq.hetero 
1 1  PRO n 
1 2  GLN n 
1 3  ILE n 
1 4  THR n 
1 5  LEU n 
1 6  TRP n 
1 7  GLN n 
1 8  ARG n 
1 9  PRO n 
1 10 LEU n 
1 11 VAL n 
1 12 THR n 
1 13 ILE n 
1 14 LYS n 
1 15 ILE n 
1 16 GLY n 
1 17 GLY n 
1 18 GLN n 
1 19 LEU n 
1 20 LYS n 
1 21 GLU n 
1 22 ALA n 
1 23 LEU n 
1 24 LEU n 
1 25 ASP n 
1 26 THR n 
1 27 GLY n 
1 28 ALA n 
1 29 ASP n 
1 30 ASP n 
1 31 THR n 
1 32 VAL n 
1 33 LEU n 
1 34 GLU n 
1 35 GLU n 
1 36 MET n 
1 37 SER n 
1 38 LEU n 
1 39 PRO n 
1 40 GLY n 
1 41 ARG n 
1 42 TRP n 
1 43 LYS n 
1 44 PRO n 
1 45 LYS n 
1 46 MET n 
1 47 ILE n 
1 48 GLY n 
1 49 GLY n 
1 50 ILE n 
1 51 GLY n 
1 52 GLY n 
1 53 PHE n 
1 54 ILE n 
1 55 LYS n 
1 56 VAL n 
1 57 ARG n 
1 58 GLN n 
1 59 TYR n 
1 60 ASP n 
1 61 GLN n 
1 62 ILE n 
1 63 LEU n 
1 64 ILE n 
1 65 GLU n 
1 66 ILE n 
1 67 CYS n 
1 68 GLY n 
1 69 HIS n 
1 70 LYS n 
1 71 ALA n 
1 72 ILE n 
1 73 GLY n 
1 74 THR n 
1 75 VAL n 
1 76 LEU n 
1 77 VAL n 
1 78 GLY n 
1 79 PRO n 
1 80 THR n 
1 81 PRO n 
1 82 VAL n 
1 83 ASN n 
1 84 ILE n 
1 85 ILE n 
1 86 GLY n 
1 87 ARG n 
1 88 ASN n 
1 89 LEU n 
1 90 LEU n 
1 91 THR n 
1 92 GLN n 
1 93 ILE n 
1 94 GLY n 
1 95 CYS n 
1 96 THR n 
1 97 LEU n 
1 98 ASN n 
1 99 PHE n 
2 1  LEU n 
2 2  GLN n 
2 3  GLU n 
2 4  SER n 
# 
_entity_src_gen.entity_id                          1 
_entity_src_gen.pdbx_src_id                        1 
_entity_src_gen.pdbx_alt_source_flag               sample 
_entity_src_gen.pdbx_seq_type                      ? 
_entity_src_gen.pdbx_beg_seq_num                   ? 
_entity_src_gen.pdbx_end_seq_num                   ? 
_entity_src_gen.gene_src_common_name               ? 
_entity_src_gen.gene_src_genus                     Lentivirus 
_entity_src_gen.pdbx_gene_src_gene                 ? 
_entity_src_gen.gene_src_species                   ? 
_entity_src_gen.gene_src_strain                    ? 
_entity_src_gen.gene_src_tissue                    ? 
_entity_src_gen.gene_src_tissue_fraction           ? 
_entity_src_gen.gene_src_details                   ? 
_entity_src_gen.pdbx_gene_src_fragment             ? 
_entity_src_gen.pdbx_gene_src_scientific_name      'Human immunodeficiency virus 1' 
_entity_src_gen.pdbx_gene_src_ncbi_taxonomy_id     11676 
_entity_src_gen.pdbx_gene_src_variant              ? 
_entity_src_gen.pdbx_gene_src_cell_line            ? 
_entity_src_gen.pdbx_gene_src_atcc                 ? 
_entity_src_gen.pdbx_gene_src_organ                ? 
_entity_src_gen.pdbx_gene_src_organelle            ? 
_entity_src_gen.pdbx_gene_src_cell                 ? 
_entity_src_gen.pdbx_gene_src_cellular_location    ? 
_entity_src_gen.host_org_common_name               ? 
_entity_src_gen.pdbx_host_org_scientific_name      'Escherichia coli' 
_entity_src_gen.pdbx_host_org_ncbi_taxonomy_id     562 
_entity_src_gen.host_org_genus                     Escherichia 
_entity_src_gen.pdbx_host_org_gene                 ? 
_entity_src_gen.pdbx_host_org_organ                ? 
_entity_src_gen.host_org_species                   ? 
_entity_src_gen.pdbx_host_org_tissue               ? 
_entity_src_gen.pdbx_host_org_tissue_fraction      ? 
_entity_src_gen.pdbx_host_org_strain               ? 
_entity_src_gen.pdbx_host_org_variant              ? 
_entity_src_gen.pdbx_host_org_cell_line            ? 
_entity_src_gen.pdbx_host_org_atcc                 ? 
_entity_src_gen.pdbx_host_org_culture_collection   ? 
_entity_src_gen.pdbx_host_org_cell                 ? 
_entity_src_gen.pdbx_host_org_organelle            ? 
_entity_src_gen.pdbx_host_org_cellular_location    ? 
_entity_src_gen.pdbx_host_org_vector_type          ? 
_entity_src_gen.pdbx_host_org_vector               ? 
_entity_src_gen.host_org_details                   ? 
_entity_src_gen.expression_system_id               ? 
_entity_src_gen.plasmid_name                       ? 
_entity_src_gen.plasmid_details                    ? 
_entity_src_gen.pdbx_description                   ? 
# 
loop_
_chem_comp.id 
_chem_comp.type 
_chem_comp.mon_nstd_flag 
_chem_comp.name 
_chem_comp.pdbx_synonyms 
_chem_comp.formula 
_chem_comp.formula_weight 
ALA 'L-peptide linking' y ALANINE                                                                                           ? 
'C3 H7 N O2'      89.093  
ARG 'L-peptide linking' y ARGININE                                                                                          ? 
'C6 H15 N4 O2 1'  175.209 
ASN 'L-peptide linking' y ASPARAGINE                                                                                        ? 
'C4 H8 N2 O3'     132.118 
ASP 'L-peptide linking' y 'ASPARTIC ACID'                                                                                   ? 
'C4 H7 N O4'      133.103 
CYS 'L-peptide linking' y CYSTEINE                                                                                          ? 
'C3 H7 N O2 S'    121.158 
G23 non-polymer         . '(2R,4S)-2-[(R)-BENZYLCARBAMOYL-PHENYLACETYL-METHYL]-5,5-DIMETHYL-THIAZOLIDINE-4-CARBOXYLIC ACID' 
GR123976 'C23 H27 N3 O4 S' 441.543 
GLN 'L-peptide linking' y GLUTAMINE                                                                                         ? 
'C5 H10 N2 O3'    146.144 
GLU 'L-peptide linking' y 'GLUTAMIC ACID'                                                                                   ? 
'C5 H9 N O4'      147.129 
GLY 'peptide linking'   y GLYCINE                                                                                           ? 
'C2 H5 N O2'      75.067  
HIS 'L-peptide linking' y HISTIDINE                                                                                         ? 
'C6 H10 N3 O2 1'  156.162 
HOH non-polymer         . WATER                                                                                             ? 
'H2 O'            18.015  
ILE 'L-peptide linking' y ISOLEUCINE                                                                                        ? 
'C6 H13 N O2'     131.173 
LEU 'L-peptide linking' y LEUCINE                                                                                           ? 
'C6 H13 N O2'     131.173 
LYS 'L-peptide linking' y LYSINE                                                                                            ? 
'C6 H15 N2 O2 1'  147.195 
MET 'L-peptide linking' y METHIONINE                                                                                        ? 
'C5 H11 N O2 S'   149.211 
PHE 'L-peptide linking' y PHENYLALANINE                                                                                     ? 
'C9 H11 N O2'     165.189 
PRO 'L-peptide linking' y PROLINE                                                                                           ? 
'C5 H9 N O2'      115.130 
SER 'L-peptide linking' y SERINE                                                                                            ? 
'C3 H7 N O3'      105.093 
THR 'L-peptide linking' y THREONINE                                                                                         ? 
'C4 H9 N O3'      119.119 
TRP 'L-peptide linking' y TRYPTOPHAN                                                                                        ? 
'C11 H12 N2 O2'   204.225 
TYR 'L-peptide linking' y TYROSINE                                                                                          ? 
'C9 H11 N O3'     181.189 
VAL 'L-peptide linking' y VALINE                                                                                            ? 
'C5 H11 N O2'     117.146 
# 
loop_
_pdbx_poly_seq_scheme.asym_id 
_pdbx_poly_seq_scheme.entity_id 
_pdbx_poly_seq_scheme.seq_id 
_pdbx_poly_seq_scheme.mon_id 
_pdbx_poly_seq_scheme.ndb_seq_num 
_pdbx_poly_seq_scheme.pdb_seq_num 
_pdbx_poly_seq_scheme.auth_seq_num 
_pdbx_poly_seq_scheme.pdb_mon_id 
_pdbx_poly_seq_scheme.auth_mon_id 
_pdbx_poly_seq_scheme.pdb_strand_id 
_pdbx_poly_seq_scheme.pdb_ins_code 
_pdbx_poly_seq_scheme.hetero 
A 1 1  PRO 1  1   1   PRO PRO A . n 
A 1 2  GLN 2  2   2   GLN GLN A . n 
A 1 3  ILE 3  3   3   ILE ILE A . n 
A 1 4  THR 4  4   4   THR THR A . n 
A 1 5  LEU 5  5   5   LEU LEU A . n 
A 1 6  TRP 6  6   6   TRP TRP A . n 
A 1 7  GLN 7  7   7   GLN GLN A . n 
A 1 8  ARG 8  8   8   ARG ARG A . n 
A 1 9  PRO 9  9   9   PRO PRO A . n 
A 1 10 LEU 10 10  10  LEU LEU A . n 
A 1 11 VAL 11 11  11  VAL VAL A . n 
A 1 12 THR 12 12  12  THR THR A . n 
A 1 13 ILE 13 13  13  ILE ILE A . n 
A 1 14 LYS 14 14  14  LYS LYS A . n 
A 1 15 ILE 15 15  15  ILE ILE A . n 
A 1 16 GLY 16 16  16  GLY GLY A . n 
A 1 17 GLY 17 17  17  GLY GLY A . n 
A 1 18 GLN 18 18  18  GLN GLN A . n 
A 1 19 LEU 19 19  19  LEU LEU A . n 
A 1 20 LYS 20 20  20  LYS LYS A . n 
A 1 21 GLU 21 21  21  GLU GLU A . n 
A 1 22 ALA 22 22  22  ALA ALA A . n 
A 1 23 LEU 23 23  23  LEU LEU A . n 
A 1 24 LEU 24 24  24  LEU LEU A . n 
A 1 25 ASP 25 25  25  ASP ASP A . n 
A 1 26 THR 26 26  26  THR THR A . n 
A 1 27 GLY 27 27  27  GLY GLY A . n 
A 1 28 ALA 28 28  28  ALA ALA A . n 
A 1 29 ASP 29 29  29  ASP ASP A . n 
A 1 30 ASP 30 30  30  ASP ASP A . n 
A 1 31 THR 31 31  31  THR THR A . n 
A 1 32 VAL 32 32  32  VAL VAL A . n 
A 1 33 LEU 33 33  33  LEU LEU A . n 
A 1 34 GLU 34 34  34  GLU GLU A . n 
A 1 35 GLU 35 35  35  GLU GLU A . n 
A 1 36 MET 36 36  36  MET MET A . n 
A 1 37 SER 37 37  37  SER SER A . n 
A 1 38 LEU 38 38  38  LEU LEU A . n 
A 1 39 PRO 39 39  39  PRO PRO A . n 
A 1 40 GLY 40 40  40  GLY GLY A . n 
A 1 41 ARG 41 41  41  ARG ARG A . n 
A 1 42 TRP 42 42  42  TRP TRP A . n 
A 1 43 LYS 43 43  43  LYS LYS A . n 
A 1 44 PRO 44 44  44  PRO PRO A . n 
A 1 45 LYS 45 45  45  LYS LYS A . n 
A 1 46 MET 46 46  46  MET MET A . n 
A 1 47 ILE 47 47  47  ILE ILE A . n 
A 1 48 GLY 48 48  48  GLY GLY A . n 
A 1 49 GLY 49 49  49  GLY GLY A . n 
A 1 50 ILE 50 50  50  ILE ILE A . n 
A 1 51 GLY 51 51  51  GLY GLY A . n 
A 1 52 GLY 52 52  52  GLY GLY A . n 
A 1 53 PHE 53 53  53  PHE PHE A . n 
A 1 54 ILE 54 54  54  ILE ILE A . n 
A 1 55 LYS 55 55  55  LYS LYS A . n 
A 1 56 VAL 56 56  56  VAL VAL A . n 
A 1 57 ARG 57 57  57  ARG ARG A . n 
A 1 58 GLN 58 58  58  GLN GLN A . n 
A 1 59 TYR 59 59  59  TYR TYR A . n 
A 1 60 ASP 60 60  60  ASP ASP A . n 
A 1 61 GLN 61 61  61  GLN GLN A . n 
A 1 62 ILE 62 62  62  ILE ILE A . n 
A 1 63 LEU 63 63  63  LEU LEU A . n 
A 1 64 ILE 64 64  64  ILE ILE A . n 
A 1 65 GLU 65 65  65  GLU GLU A . n 
A 1 66 ILE 66 66  66  ILE ILE A . n 
A 1 67 CYS 67 67  67  CYS CYS A . n 
A 1 68 GLY 68 68  68  GLY GLY A . n 
A 1 69 HIS 69 69  69  HIS HIS A . n 
A 1 70 LYS 70 70  70  LYS LYS A . n 
A 1 71 ALA 71 71  71  ALA ALA A . n 
A 1 72 ILE 72 72  72  ILE ILE A . n 
A 1 73 GLY 73 73  73  GLY GLY A . n 
A 1 74 THR 74 74  74  THR THR A . n 
A 1 75 VAL 75 75  75  VAL VAL A . n 
A 1 76 LEU 76 76  76  LEU LEU A . n 
A 1 77 VAL 77 77  77  VAL VAL A . n 
A 1 78 GLY 78 78  78  GLY GLY A . n 
A 1 79 PRO 79 79  79  PRO PRO A . n 
A 1 80 THR 80 80  80  THR THR A . n 
A 1 81 PRO 81 81  81  PRO PRO A . n 
A 1 82 VAL 82 82  82  VAL VAL A . n 
A 1 83 ASN 83 83  83  ASN ASN A . n 
A 1 84 ILE 84 84  84  ILE ILE A . n 
A 1 85 ILE 85 85  85  ILE ILE A . n 
A 1 86 GLY 86 86  86  GLY GLY A . n 
A 1 87 ARG 87 87  87  ARG ARG A . n 
A 1 88 ASN 88 88  88  ASN ASN A . n 
A 1 89 LEU 89 89  89  LEU LEU A . n 
A 1 90 LEU 90 90  90  LEU LEU A . n 
A 1 91 THR 91 91  91  THR THR A . n 
A 1 92 GLN 92 92  92  GLN GLN A . n 
A 1 93 ILE 93 93  93  ILE ILE A . n 
A 1 94 GLY 94 94  94  GLY GLY A . n 
A 1 95 CYS 95 95  95  CYS CYS A . n 
A 1 96 THR 96 96  96  THR THR A . n 
A 1 97 LEU 97 97  97  LEU LEU A . n 
A 1 98 ASN 98 98  98  ASN ASN A . n 
A 1 99 PHE 99 99  99  PHE PHE A . n 
B 1 1  PRO 1  1   1   PRO PRO B . n 
B 1 2  GLN 2  2   2   GLN GLN B . n 
B 1 3  ILE 3  3   3   ILE ILE B . n 
B 1 4  THR 4  4   4   THR THR B . n 
B 1 5  LEU 5  5   5   LEU LEU B . n 
B 1 6  TRP 6  6   6   TRP TRP B . n 
B 1 7  GLN 7  7   7   GLN GLN B . n 
B 1 8  ARG 8  8   8   ARG ARG B . n 
B 1 9  PRO 9  9   9   PRO PRO B . n 
B 1 10 LEU 10 10  10  LEU LEU B . n 
B 1 11 VAL 11 11  11  VAL VAL B . n 
B 1 12 THR 12 12  12  THR THR B . n 
B 1 13 ILE 13 13  13  ILE ILE B . n 
B 1 14 LYS 14 14  14  LYS LYS B . n 
B 1 15 ILE 15 15  15  ILE ILE B . n 
B 1 16 GLY 16 16  16  GLY GLY B . n 
B 1 17 GLY 17 17  17  GLY GLY B . n 
B 1 18 GLN 18 18  18  GLN GLN B . n 
B 1 19 LEU 19 19  19  LEU LEU B . n 
B 1 20 LYS 20 20  20  LYS LYS B . n 
B 1 21 GLU 21 21  21  GLU GLU B . n 
B 1 22 ALA 22 22  22  ALA ALA B . n 
B 1 23 LEU 23 23  23  LEU LEU B . n 
B 1 24 LEU 24 24  24  LEU LEU B . n 
B 1 25 ASP 25 25  25  ASP ASP B . n 
B 1 26 THR 26 26  26  THR THR B . n 
B 1 27 GLY 27 27  27  GLY GLY B . n 
B 1 28 ALA 28 28  28  ALA ALA B . n 
B 1 29 ASP 29 29  29  ASP ASP B . n 
B 1 30 ASP 30 30  30  ASP ASP B . n 
B 1 31 THR 31 31  31  THR THR B . n 
B 1 32 VAL 32 32  32  VAL VAL B . n 
B 1 33 LEU 33 33  33  LEU LEU B . n 
B 1 34 GLU 34 34  34  GLU GLU B . n 
B 1 35 GLU 35 35  35  GLU GLU B . n 
B 1 36 MET 36 36  36  MET MET B . n 
B 1 37 SER 37 37  37  SER SER B . n 
B 1 38 LEU 38 38  38  LEU LEU B . n 
B 1 39 PRO 39 39  39  PRO PRO B . n 
B 1 40 GLY 40 40  40  GLY GLY B . n 
B 1 41 ARG 41 41  41  ARG ARG B . n 
B 1 42 TRP 42 42  42  TRP TRP B . n 
B 1 43 LYS 43 43  43  LYS LYS B . n 
B 1 44 PRO 44 44  44  PRO PRO B . n 
B 1 45 LYS 45 45  45  LYS LYS B . n 
B 1 46 MET 46 46  46  MET MET B . n 
B 1 47 ILE 47 47  47  ILE ILE B . n 
B 1 48 GLY 48 48  48  GLY GLY B . n 
B 1 49 GLY 49 49  49  GLY GLY B . n 
B 1 50 ILE 50 50  50  ILE ILE B . n 
B 1 51 GLY 51 51  51  GLY GLY B . n 
B 1 52 GLY 52 52  52  GLY GLY B . n 
B 1 53 PHE 53 53  53  PHE PHE B . n 
B 1 54 ILE 54 54  54  ILE ILE B . n 
B 1 55 LYS 55 55  55  LYS LYS B . n 
B 1 56 VAL 56 56  56  VAL VAL B . n 
B 1 57 ARG 57 57  57  ARG ARG B . n 
B 1 58 GLN 58 58  58  GLN GLN B . n 
B 1 59 TYR 59 59  59  TYR TYR B . n 
B 1 60 ASP 60 60  60  ASP ASP B . n 
B 1 61 GLN 61 61  61  GLN GLN B . n 
B 1 62 ILE 62 62  62  ILE ILE B . n 
B 1 63 LEU 63 63  63  LEU LEU B . n 
B 1 64 ILE 64 64  64  ILE ILE B . n 
B 1 65 GLU 65 65  65  GLU GLU B . n 
B 1 66 ILE 66 66  66  ILE ILE B . n 
B 1 67 CYS 67 67  67  CYS CYS B . n 
B 1 68 GLY 68 68  68  GLY GLY B . n 
B 1 69 HIS 69 69  69  HIS HIS B . n 
B 1 70 LYS 70 70  70  LYS LYS B . n 
B 1 71 ALA 71 71  71  ALA ALA B . n 
B 1 72 ILE 72 72  72  ILE ILE B . n 
B 1 73 GLY 73 73  73  GLY GLY B . n 
B 1 74 THR 74 74  74  THR THR B . n 
B 1 75 VAL 75 75  75  VAL VAL B . n 
B 1 76 LEU 76 76  76  LEU LEU B . n 
B 1 77 VAL 77 77  77  VAL VAL B . n 
B 1 78 GLY 78 78  78  GLY GLY B . n 
B 1 79 PRO 79 79  79  PRO PRO B . n 
B 1 80 THR 80 80  80  THR THR B . n 
B 1 81 PRO 81 81  81  PRO PRO B . n 
B 1 82 VAL 82 82  82  VAL VAL B . n 
B 1 83 ASN 83 83  83  ASN ASN B . n 
B 1 84 ILE 84 84  84  ILE ILE B . n 
B 1 85 ILE 85 85  85  ILE ILE B . n 
B 1 86 GLY 86 86  86  GLY GLY B . n 
B 1 87 ARG 87 87  87  ARG ARG B . n 
B 1 88 ASN 88 88  88  ASN ASN B . n 
B 1 89 LEU 89 89  89  LEU LEU B . n 
B 1 90 LEU 90 90  90  LEU LEU B . n 
B 1 91 THR 91 91  91  THR THR B . n 
B 1 92 GLN 92 92  92  GLN GLN B . n 
B 1 93 ILE 93 93  93  ILE ILE B . n 
B 1 94 GLY 94 94  94  GLY GLY B . n 
B 1 95 CYS 95 95  95  CYS CYS B . n 
B 1 96 THR 96 96  96  THR THR B . n 
B 1 97 LEU 97 97  97  LEU LEU B . n 
B 1 98 ASN 98 98  98  ASN ASN B . n 
B 1 99 PHE 99 99  99  PHE PHE B . n 
C 2 1  LEU 1  202 202 LEU LEU C . n 
C 2 2  GLN 2  203 203 GLN GLN C . n 
C 2 3  GLU 3  204 204 GLU GLU C . n 
C 2 4  SER 4  205 205 SER SER C . n 
# 
loop_
_pdbx_nonpoly_scheme.asym_id 
_pdbx_nonpoly_scheme.entity_id 
_pdbx_nonpoly_scheme.mon_id 
_pdbx_nonpoly_scheme.ndb_seq_num 
_pdbx_nonpoly_scheme.pdb_seq_num 
_pdbx_nonpoly_scheme.auth_seq_num 
_pdbx_nonpoly_scheme.pdb_mon_id 
_pdbx_nonpoly_scheme.auth_mon_id 
_pdbx_nonpoly_scheme.pdb_strand_id 
_pdbx_nonpoly_scheme.pdb_ins_code 
D 3 G23 1  200 200 G23 G23 A . 
E 4 HOH 1  301 301 HOH HOH A . 
E 4 HOH 2  303 303 HOH HOH A . 
E 4 HOH 3  305 305 HOH HOH A . 
E 4 HOH 4  309 309 HOH HOH A . 
E 4 HOH 5  310 310 HOH HOH A . 
E 4 HOH 6  311 311 HOH HOH A . 
E 4 HOH 7  318 318 HOH HOH A . 
E 4 HOH 8  320 320 HOH HOH A . 
E 4 HOH 9  321 321 HOH HOH A . 
E 4 HOH 10 322 322 HOH HOH A . 
E 4 HOH 11 326 326 HOH HOH A . 
E 4 HOH 12 331 331 HOH HOH A . 
E 4 HOH 13 334 334 HOH HOH A . 
E 4 HOH 14 336 336 HOH HOH A . 
E 4 HOH 15 338 338 HOH HOH A . 
E 4 HOH 16 340 340 HOH HOH A . 
E 4 HOH 17 344 344 HOH HOH A . 
E 4 HOH 18 345 345 HOH HOH A . 
E 4 HOH 19 347 347 HOH HOH A . 
E 4 HOH 20 348 348 HOH HOH A . 
E 4 HOH 21 350 350 HOH HOH A . 
E 4 HOH 22 351 351 HOH HOH A . 
E 4 HOH 23 352 352 HOH HOH A . 
E 4 HOH 24 356 356 HOH HOH A . 
E 4 HOH 25 358 358 HOH HOH A . 
E 4 HOH 26 359 359 HOH HOH A . 
E 4 HOH 27 360 360 HOH HOH A . 
E 4 HOH 28 362 362 HOH HOH A . 
E 4 HOH 29 364 364 HOH HOH A . 
E 4 HOH 30 365 365 HOH HOH A . 
E 4 HOH 31 368 368 HOH HOH A . 
E 4 HOH 32 369 369 HOH HOH A . 
E 4 HOH 33 370 370 HOH HOH A . 
E 4 HOH 34 371 371 HOH HOH A . 
E 4 HOH 35 373 373 HOH HOH A . 
E 4 HOH 36 374 374 HOH HOH A . 
E 4 HOH 37 375 375 HOH HOH A . 
E 4 HOH 38 376 376 HOH HOH A . 
E 4 HOH 39 377 377 HOH HOH A . 
E 4 HOH 40 379 379 HOH HOH A . 
E 4 HOH 41 380 380 HOH HOH A . 
E 4 HOH 42 381 381 HOH HOH A . 
E 4 HOH 43 384 384 HOH HOH A . 
E 4 HOH 44 385 385 HOH HOH A . 
E 4 HOH 45 387 387 HOH HOH A . 
E 4 HOH 46 389 389 HOH HOH A . 
E 4 HOH 47 390 390 HOH HOH A . 
E 4 HOH 48 395 395 HOH HOH A . 
E 4 HOH 49 397 397 HOH HOH A . 
E 4 HOH 50 402 402 HOH HOH A . 
E 4 HOH 51 406 406 HOH HOH A . 
E 4 HOH 52 407 407 HOH HOH A . 
E 4 HOH 53 409 409 HOH HOH A . 
E 4 HOH 54 411 411 HOH HOH A . 
E 4 HOH 55 412 412 HOH HOH A . 
E 4 HOH 56 413 413 HOH HOH A . 
E 4 HOH 57 414 414 HOH HOH A . 
E 4 HOH 58 418 418 HOH HOH A . 
E 4 HOH 59 420 420 HOH HOH A . 
F 4 HOH 1  302 302 HOH HOH B . 
F 4 HOH 2  304 304 HOH HOH B . 
F 4 HOH 3  307 307 HOH HOH B . 
F 4 HOH 4  308 308 HOH HOH B . 
F 4 HOH 5  312 312 HOH HOH B . 
F 4 HOH 6  313 313 HOH HOH B . 
F 4 HOH 7  314 314 HOH HOH B . 
F 4 HOH 8  315 315 HOH HOH B . 
F 4 HOH 9  316 316 HOH HOH B . 
F 4 HOH 10 317 317 HOH HOH B . 
F 4 HOH 11 319 319 HOH HOH B . 
F 4 HOH 12 323 323 HOH HOH B . 
F 4 HOH 13 324 324 HOH HOH B . 
F 4 HOH 14 325 325 HOH HOH B . 
F 4 HOH 15 327 327 HOH HOH B . 
F 4 HOH 16 328 328 HOH HOH B . 
F 4 HOH 17 329 329 HOH HOH B . 
F 4 HOH 18 330 330 HOH HOH B . 
F 4 HOH 19 332 332 HOH HOH B . 
F 4 HOH 20 333 333 HOH HOH B . 
F 4 HOH 21 335 335 HOH HOH B . 
F 4 HOH 22 337 337 HOH HOH B . 
F 4 HOH 23 339 339 HOH HOH B . 
F 4 HOH 24 341 341 HOH HOH B . 
F 4 HOH 25 342 342 HOH HOH B . 
F 4 HOH 26 343 343 HOH HOH B . 
F 4 HOH 27 346 346 HOH HOH B . 
F 4 HOH 28 349 349 HOH HOH B . 
F 4 HOH 29 353 353 HOH HOH B . 
F 4 HOH 30 354 354 HOH HOH B . 
F 4 HOH 31 355 355 HOH HOH B . 
F 4 HOH 32 357 357 HOH HOH B . 
F 4 HOH 33 361 361 HOH HOH B . 
F 4 HOH 34 363 363 HOH HOH B . 
F 4 HOH 35 366 366 HOH HOH B . 
F 4 HOH 36 367 367 HOH HOH B . 
F 4 HOH 37 372 372 HOH HOH B . 
F 4 HOH 38 378 378 HOH HOH B . 
F 4 HOH 39 382 382 HOH HOH B . 
F 4 HOH 40 383 383 HOH HOH B . 
F 4 HOH 41 386 386 HOH HOH B . 
F 4 HOH 42 388 388 HOH HOH B . 
F 4 HOH 43 391 391 HOH HOH B . 
F 4 HOH 44 392 392 HOH HOH B . 
F 4 HOH 45 393 393 HOH HOH B . 
F 4 HOH 46 394 394 HOH HOH B . 
F 4 HOH 47 396 396 HOH HOH B . 
F 4 HOH 48 398 398 HOH HOH B . 
F 4 HOH 49 399 399 HOH HOH B . 
F 4 HOH 50 400 400 HOH HOH B . 
F 4 HOH 51 401 401 HOH HOH B . 
F 4 HOH 52 403 403 HOH HOH B . 
F 4 HOH 53 404 404 HOH HOH B . 
F 4 HOH 54 405 405 HOH HOH B . 
F 4 HOH 55 408 408 HOH HOH B . 
F 4 HOH 56 410 410 HOH HOH B . 
F 4 HOH 57 415 415 HOH HOH B . 
F 4 HOH 58 416 416 HOH HOH B . 
F 4 HOH 59 417 417 HOH HOH B . 
F 4 HOH 60 419 419 HOH HOH B . 
G 4 HOH 1  300 300 HOH HOH C . 
G 4 HOH 2  306 306 HOH HOH C . 
# 
loop_
_pdbx_unobs_or_zero_occ_atoms.id 
_pdbx_unobs_or_zero_occ_atoms.PDB_model_num 
_pdbx_unobs_or_zero_occ_atoms.polymer_flag 
_pdbx_unobs_or_zero_occ_atoms.occupancy_flag 
_pdbx_unobs_or_zero_occ_atoms.auth_asym_id 
_pdbx_unobs_or_zero_occ_atoms.auth_comp_id 
_pdbx_unobs_or_zero_occ_atoms.auth_seq_id 
_pdbx_unobs_or_zero_occ_atoms.PDB_ins_code 
_pdbx_unobs_or_zero_occ_atoms.auth_atom_id 
_pdbx_unobs_or_zero_occ_atoms.label_alt_id 
_pdbx_unobs_or_zero_occ_atoms.label_asym_id 
_pdbx_unobs_or_zero_occ_atoms.label_comp_id 
_pdbx_unobs_or_zero_occ_atoms.label_seq_id 
_pdbx_unobs_or_zero_occ_atoms.label_atom_id 
1  1 Y 0 A SER 37 ? OG  ? A SER 37 OG  
2  1 Y 0 A ARG 41 ? CG  ? A ARG 41 CG  
3  1 Y 0 A ARG 41 ? CD  ? A ARG 41 CD  
4  1 Y 0 A ARG 41 ? NE  ? A ARG 41 NE  
5  1 Y 0 A ARG 41 ? CZ  ? A ARG 41 CZ  
6  1 Y 0 A ARG 41 ? NH1 ? A ARG 41 NH1 
7  1 Y 0 A ARG 41 ? NH2 ? A ARG 41 NH2 
8  1 Y 0 A LYS 43 ? CG  ? A LYS 43 CG  
9  1 Y 0 A LYS 43 ? CD  ? A LYS 43 CD  
10 1 Y 0 A LYS 43 ? CE  ? A LYS 43 CE  
11 1 Y 0 A LYS 43 ? NZ  ? A LYS 43 NZ  
12 1 Y 0 A GLN 61 ? CG  ? A GLN 61 CG  
13 1 Y 0 A GLN 61 ? CD  ? A GLN 61 CD  
14 1 Y 0 A GLN 61 ? OE1 ? A GLN 61 OE1 
15 1 Y 0 A GLN 61 ? NE2 ? A GLN 61 NE2 
16 1 Y 0 A ILE 72 ? CG1 ? A ILE 72 CG1 
17 1 Y 0 A ILE 72 ? CG2 ? A ILE 72 CG2 
18 1 Y 0 A ILE 72 ? CD1 ? A ILE 72 CD1 
19 1 Y 0 B SER 37 ? OG  ? B SER 37 OG  
# 
_software.name             PROLSQ 
_software.classification   refinement 
_software.version          . 
_software.citation_id      ? 
_software.pdbx_ordinal     1 
# 
_cell.entry_id           1HTE 
_cell.length_a           58.300 
_cell.length_b           87.300 
_cell.length_c           46.400 
_cell.angle_alpha        90.00 
_cell.angle_beta         90.00 
_cell.angle_gamma        90.00 
_cell.Z_PDB              8 
_cell.pdbx_unique_axis   ? 
# 
_symmetry.entry_id                         1HTE 
_symmetry.space_group_name_H-M             'P 21 21 2' 
_symmetry.pdbx_full_space_group_name_H-M   ? 
_symmetry.cell_setting                     ? 
_symmetry.Int_Tables_number                18 
# 
_exptl.entry_id          1HTE 
_exptl.method            'X-RAY DIFFRACTION' 
_exptl.crystals_number   ? 
# 
_exptl_crystal.id                    1 
_exptl_crystal.density_meas          ? 
_exptl_crystal.density_Matthews      2.67 
_exptl_crystal.density_percent_sol   53.97 
_exptl_crystal.description           ? 
# 
_diffrn.id                     1 
_diffrn.ambient_temp           ? 
_diffrn.ambient_temp_details   ? 
_diffrn.crystal_id             1 
# 
_diffrn_radiation.diffrn_id                        1 
_diffrn_radiation.wavelength_id                    1 
_diffrn_radiation.pdbx_monochromatic_or_laue_m_l   ? 
_diffrn_radiation.monochromator                    ? 
_diffrn_radiation.pdbx_diffrn_protocol             ? 
_diffrn_radiation.pdbx_scattering_type             x-ray 
# 
_diffrn_radiation_wavelength.id           1 
_diffrn_radiation_wavelength.wavelength   . 
_diffrn_radiation_wavelength.wt           1.0 
# 
_refine.entry_id                                 1HTE 
_refine.ls_number_reflns_obs                     5915 
_refine.ls_number_reflns_all                     ? 
_refine.pdbx_ls_sigma_I                          ? 
_refine.pdbx_ls_sigma_F                          0.0 
_refine.pdbx_data_cutoff_high_absF               ? 
_refine.pdbx_data_cutoff_low_absF                ? 
_refine.pdbx_data_cutoff_high_rms_absF           ? 
_refine.ls_d_res_low                             10. 
_refine.ls_d_res_high                            2.8 
_refine.ls_percent_reflns_obs                    ? 
_refine.ls_R_factor_obs                          0.1610000 
_refine.ls_R_factor_all                          ? 
_refine.ls_R_factor_R_work                       ? 
_refine.ls_R_factor_R_free                       ? 
_refine.ls_R_factor_R_free_error                 ? 
_refine.ls_R_factor_R_free_error_details         ? 
_refine.ls_percent_reflns_R_free                 ? 
_refine.ls_number_reflns_R_free                  ? 
_refine.ls_number_parameters                     ? 
_refine.ls_number_restraints                     ? 
_refine.occupancy_min                            ? 
_refine.occupancy_max                            ? 
_refine.B_iso_mean                               ? 
_refine.aniso_B[1][1]                            ? 
_refine.aniso_B[2][2]                            ? 
_refine.aniso_B[3][3]                            ? 
_refine.aniso_B[1][2]                            ? 
_refine.aniso_B[1][3]                            ? 
_refine.aniso_B[2][3]                            ? 
_refine.solvent_model_details                    ? 
_refine.solvent_model_param_ksol                 ? 
_refine.solvent_model_param_bsol                 ? 
_refine.pdbx_ls_cross_valid_method               ? 
_refine.details                                  ? 
_refine.pdbx_starting_model                      ? 
_refine.pdbx_method_to_determine_struct          ? 
_refine.pdbx_isotropic_thermal_model             ? 
_refine.pdbx_stereochemistry_target_values       ? 
_refine.pdbx_stereochem_target_val_spec_case     ? 
_refine.pdbx_R_Free_selection_details            ? 
_refine.pdbx_overall_ESU_R                       ? 
_refine.pdbx_overall_ESU_R_Free                  ? 
_refine.overall_SU_ML                            ? 
_refine.overall_SU_B                             ? 
_refine.pdbx_refine_id                           'X-RAY DIFFRACTION' 
_refine.pdbx_diffrn_id                           1 
_refine.pdbx_TLS_residual_ADP_flag               ? 
_refine.correlation_coeff_Fo_to_Fc               ? 
_refine.correlation_coeff_Fo_to_Fc_free          ? 
_refine.pdbx_solvent_vdw_probe_radii             ? 
_refine.pdbx_solvent_ion_probe_radii             ? 
_refine.pdbx_solvent_shrinkage_radii             ? 
_refine.pdbx_overall_phase_error                 ? 
_refine.overall_SU_R_Cruickshank_DPI             ? 
_refine.pdbx_overall_SU_R_free_Cruickshank_DPI   ? 
_refine.pdbx_overall_SU_R_Blow_DPI               ? 
_refine.pdbx_overall_SU_R_free_Blow_DPI          ? 
# 
_refine_hist.pdbx_refine_id                   'X-RAY DIFFRACTION' 
_refine_hist.cycle_id                         LAST 
_refine_hist.pdbx_number_atoms_protein        1549 
_refine_hist.pdbx_number_atoms_nucleic_acid   0 
_refine_hist.pdbx_number_atoms_ligand         31 
_refine_hist.number_atoms_solvent             121 
_refine_hist.number_atoms_total               1701 
_refine_hist.d_res_high                       2.8 
_refine_hist.d_res_low                        10. 
# 
loop_
_refine_ls_restr.type 
_refine_ls_restr.dev_ideal 
_refine_ls_restr.dev_ideal_target 
_refine_ls_restr.weight 
_refine_ls_restr.number 
_refine_ls_restr.pdbx_refine_id 
_refine_ls_restr.pdbx_restraint_function 
p_bond_d            0.026 0.02 ? ? 'X-RAY DIFFRACTION' ? 
p_angle_d           0.039 0.02 ? ? 'X-RAY DIFFRACTION' ? 
p_angle_deg         ?     ?    ? ? 'X-RAY DIFFRACTION' ? 
p_planar_d          0.059 0.04 ? ? 'X-RAY DIFFRACTION' ? 
p_hb_or_metal_coord ?     ?    ? ? 'X-RAY DIFFRACTION' ? 
p_mcbond_it         1.5   1.0  ? ? 'X-RAY DIFFRACTION' ? 
p_mcangle_it        2.6   2.0  ? ? 'X-RAY DIFFRACTION' ? 
p_scbond_it         3.1   2.0  ? ? 'X-RAY DIFFRACTION' ? 
p_scangle_it        5.0   2.5  ? ? 'X-RAY DIFFRACTION' ? 
p_plane_restr       0.028 0.02 ? ? 'X-RAY DIFFRACTION' ? 
p_chiral_restr      0.154 0.10 ? ? 'X-RAY DIFFRACTION' ? 
p_singtor_nbd       0.21  0.3  ? ? 'X-RAY DIFFRACTION' ? 
p_multtor_nbd       0.36  0.3  ? ? 'X-RAY DIFFRACTION' ? 
p_xhyhbond_nbd      0.26  0.3  ? ? 'X-RAY DIFFRACTION' ? 
p_xyhbond_nbd       ?     ?    ? ? 'X-RAY DIFFRACTION' ? 
p_planar_tor        8.8   10.0 ? ? 'X-RAY DIFFRACTION' ? 
p_staggered_tor     22.8  15.0 ? ? 'X-RAY DIFFRACTION' ? 
p_orthonormal_tor   29.4  20.0 ? ? 'X-RAY DIFFRACTION' ? 
p_transverse_tor    ?     ?    ? ? 'X-RAY DIFFRACTION' ? 
p_special_tor       ?     ?    ? ? 'X-RAY DIFFRACTION' ? 
# 
_struct.entry_id                  1HTE 
_struct.title                     
'X-RAY CRYSTALLOGRAPHIC STUDIES OF A SERIES OF PENICILLIN-DERIVED ASYMMETRIC INHIBITORS OF HIV-1 PROTEASE' 
_struct.pdbx_model_details        ? 
_struct.pdbx_CASP_flag            ? 
_struct.pdbx_model_type_details   ? 
# 
_struct_keywords.entry_id        1HTE 
_struct_keywords.pdbx_keywords   'HYDROLASE(ACID PROTEINASE)' 
_struct_keywords.text            'HYDROLASE(ACID PROTEINASE)' 
# 
loop_
_struct_asym.id 
_struct_asym.pdbx_blank_PDB_chainid_flag 
_struct_asym.pdbx_modified 
_struct_asym.entity_id 
_struct_asym.details 
A N N 1 ? 
B N N 1 ? 
C N N 2 ? 
D N N 3 ? 
E N N 4 ? 
F N N 4 ? 
G N N 4 ? 
# 
loop_
_struct_ref.id 
_struct_ref.db_name 
_struct_ref.db_code 
_struct_ref.entity_id 
_struct_ref.pdbx_db_accession 
_struct_ref.pdbx_align_begin 
_struct_ref.pdbx_seq_one_letter_code 
_struct_ref.pdbx_db_isoform 
1 UNP POL_HV1B1 1 P03366 1 
;FFREDLAFLQGKAREFSSEQTRANSPTISSEQTRANSPTRRELQVWGRDNNSPSEAGADRQGTVSFNFPQITLWQRPLVT
IKIGGQLKEALLDTGADDTVLEEMSLPGRWKPKMIGGIGGFIKVRQYDQILIEICGHKAIGTVLVGPTPVNIIGRNLLTQ
IGCTLNFPISPIETVPVKLKPGMDGPKVKQWPLTEEKIKALVEICTEMEKEGKISKIGPENPYNTPVFAIKKKDSTKWRK
LVDFRELNKRTQDFWEVQLGIPHPAGLKKKKSVTVLDVGDAYFSVPLDEDFRKYTAFTIPSINNETPGIRYQYNVLPQGW
KGSPAIFQSSMTKILEPFKKQNPDIVIYQYMDDLYVGSDLEIGQHRTKIEELRQHLLRWGLTTPDKKHQKEPPFLWMGYE
LHPDKWTVQPIVLPEKDSWTVNDIQKLVGKLNWASQIYPGIKVRQLCKLLRGTKALTEVIPLTEEAELELAENREILKEP
VHGVYYDPSKDLIAEIQKQGQGQWTYQIYQEPFKNLKTGKYARMRGAHTNDVKQLTEAVQKITTESIVIWGKTPKFKLPI
QKETWETWWTEYWQATWIPEWEFVNTPPLVKLWYQLEKEPIVGAETFYVDGAANRETKLGKAGYVTNKGRQKVVPLTNTT
NQKTELQAIYLALQDSGLEVNIVTDSQYALGIIQAQPDKSESELVNQIIEQLIKKEKVYLAWVPAHKGIGGNEQVDKLVS
AGIRKILFLDGIDKAQDEHEKYHSNWRAMASDFNLPPVVAKEIVASCDKCQLKGEAMHGQVDCSPGIWQLDCTHLEGKVI
LVAVHVASGYIEAEVIPAETGQETAYFLLKLAGRWPVKTIHTDNGSNFTSATVKAACWWAGIKQEFGIPYNPQSQGVVES
MNKELKKIIGQVRDQAEHLKTAVQMAVFIHNFKRKGGIGGYSAGERIVDIIATDIQTKELQKQITKIQNFRVYYRDSRNP
LWKGPAKLLWKGEGAVVIQDNSDIKVVPRRKAKIIRDYGKQMAGDDCVASRQDED
;
? 
2 PDB 1HTE      2 1HTE   ? ? ? 
# 
loop_
_struct_ref_seq.align_id 
_struct_ref_seq.ref_id 
_struct_ref_seq.pdbx_PDB_id_code 
_struct_ref_seq.pdbx_strand_id 
_struct_ref_seq.seq_align_beg 
_struct_ref_seq.pdbx_seq_align_beg_ins_code 
_struct_ref_seq.seq_align_end 
_struct_ref_seq.pdbx_seq_align_end_ins_code 
_struct_ref_seq.pdbx_db_accession 
_struct_ref_seq.db_align_beg 
_struct_ref_seq.pdbx_db_align_beg_ins_code 
_struct_ref_seq.db_align_end 
_struct_ref_seq.pdbx_db_align_end_ins_code 
_struct_ref_seq.pdbx_auth_seq_align_beg 
_struct_ref_seq.pdbx_auth_seq_align_end 
1 1 1HTE A 1 ? 99 ? P03366 69  ? 167 ? 1   99  
2 1 1HTE B 1 ? 99 ? P03366 69  ? 167 ? 1   99  
3 2 1HTE C 1 ? 4  ? 1HTE   202 ? 205 ? 202 205 
# 
_pdbx_struct_assembly.id                   1 
_pdbx_struct_assembly.details              author_and_software_defined_assembly 
_pdbx_struct_assembly.method_details       PISA 
_pdbx_struct_assembly.oligomeric_details   trimeric 
_pdbx_struct_assembly.oligomeric_count     3 
# 
loop_
_pdbx_struct_assembly_prop.biol_id 
_pdbx_struct_assembly_prop.type 
_pdbx_struct_assembly_prop.value 
_pdbx_struct_assembly_prop.details 
1 'ABSA (A^2)' 5580 ? 
1 MORE         -24  ? 
1 'SSA (A^2)'  9140 ? 
# 
_pdbx_struct_assembly_gen.assembly_id       1 
_pdbx_struct_assembly_gen.oper_expression   1 
_pdbx_struct_assembly_gen.asym_id_list      A,B,C,D,E,F,G 
# 
_pdbx_struct_oper_list.id                   1 
_pdbx_struct_oper_list.type                 'identity operation' 
_pdbx_struct_oper_list.name                 1_555 
_pdbx_struct_oper_list.symmetry_operation   x,y,z 
_pdbx_struct_oper_list.matrix[1][1]         1.0000000000 
_pdbx_struct_oper_list.matrix[1][2]         0.0000000000 
_pdbx_struct_oper_list.matrix[1][3]         0.0000000000 
_pdbx_struct_oper_list.vector[1]            0.0000000000 
_pdbx_struct_oper_list.matrix[2][1]         0.0000000000 
_pdbx_struct_oper_list.matrix[2][2]         1.0000000000 
_pdbx_struct_oper_list.matrix[2][3]         0.0000000000 
_pdbx_struct_oper_list.vector[2]            0.0000000000 
_pdbx_struct_oper_list.matrix[3][1]         0.0000000000 
_pdbx_struct_oper_list.matrix[3][2]         0.0000000000 
_pdbx_struct_oper_list.matrix[3][3]         1.0000000000 
_pdbx_struct_oper_list.vector[3]            0.0000000000 
# 
_struct_biol.id   1 
# 
loop_
_struct_conf.conf_type_id 
_struct_conf.id 
_struct_conf.pdbx_PDB_helix_id 
_struct_conf.beg_label_comp_id 
_struct_conf.beg_label_asym_id 
_struct_conf.beg_label_seq_id 
_struct_conf.pdbx_beg_PDB_ins_code 
_struct_conf.end_label_comp_id 
_struct_conf.end_label_asym_id 
_struct_conf.end_label_seq_id 
_struct_conf.pdbx_end_PDB_ins_code 
_struct_conf.beg_auth_comp_id 
_struct_conf.beg_auth_asym_id 
_struct_conf.beg_auth_seq_id 
_struct_conf.end_auth_comp_id 
_struct_conf.end_auth_asym_id 
_struct_conf.end_auth_seq_id 
_struct_conf.pdbx_PDB_helix_class 
_struct_conf.details 
_struct_conf.pdbx_PDB_helix_length 
HELX_P HELX_P1 HA ARG A 87 ? LEU A 90 ? ARG A 87 LEU A 90 1 ? 4 
HELX_P HELX_P2 HB ARG B 87 ? LEU B 90 ? ARG B 87 LEU B 90 1 ? 4 
# 
_struct_conf_type.id          HELX_P 
_struct_conf_type.criteria    ? 
_struct_conf_type.reference   ? 
# 
loop_
_struct_sheet.id 
_struct_sheet.type 
_struct_sheet.number_strands 
_struct_sheet.details 
COA ? 8 ? 
COB ? 8 ? 
INT ? 2 ? 
# 
loop_
_struct_sheet_order.sheet_id 
_struct_sheet_order.range_id_1 
_struct_sheet_order.range_id_2 
_struct_sheet_order.offset 
_struct_sheet_order.sense 
COA 1 2 ? anti-parallel 
COA 2 3 ? anti-parallel 
COA 3 4 ? parallel      
COA 4 5 ? anti-parallel 
COA 5 6 ? anti-parallel 
COA 6 7 ? anti-parallel 
COA 7 8 ? anti-parallel 
COB 1 2 ? anti-parallel 
COB 2 3 ? anti-parallel 
COB 3 4 ? parallel      
COB 4 5 ? anti-parallel 
COB 5 6 ? anti-parallel 
COB 6 7 ? anti-parallel 
COB 7 8 ? anti-parallel 
INT 1 2 ? anti-parallel 
# 
loop_
_struct_sheet_range.sheet_id 
_struct_sheet_range.id 
_struct_sheet_range.beg_label_comp_id 
_struct_sheet_range.beg_label_asym_id 
_struct_sheet_range.beg_label_seq_id 
_struct_sheet_range.pdbx_beg_PDB_ins_code 
_struct_sheet_range.end_label_comp_id 
_struct_sheet_range.end_label_asym_id 
_struct_sheet_range.end_label_seq_id 
_struct_sheet_range.pdbx_end_PDB_ins_code 
_struct_sheet_range.beg_auth_comp_id 
_struct_sheet_range.beg_auth_asym_id 
_struct_sheet_range.beg_auth_seq_id 
_struct_sheet_range.end_auth_comp_id 
_struct_sheet_range.end_auth_asym_id 
_struct_sheet_range.end_auth_seq_id 
COA 1 LYS A 43 ? GLY A 49 ? LYS A 43 GLY A 49 
COA 2 GLY A 52 ? ILE A 66 ? GLY A 52 ILE A 66 
COA 3 GLY A 73 ? GLY A 78 ? GLY A 73 GLY A 78 
COA 4 THR A 31 ? GLU A 34 ? THR A 31 GLU A 34 
COA 5 GLN A 18 ? LEU A 24 ? GLN A 18 LEU A 24 
COA 6 LEU A 10 ? ILE A 15 ? LEU A 10 ILE A 15 
COA 7 ILE A 62 ? ILE A 66 ? ILE A 62 ILE A 66 
COA 8 HIS A 69 ? GLY A 73 ? HIS A 69 GLY A 73 
COB 1 LYS B 43 ? GLY B 49 ? LYS B 43 GLY B 49 
COB 2 GLY B 52 ? ILE B 66 ? GLY B 52 ILE B 66 
COB 3 GLY B 73 ? GLY B 78 ? GLY B 73 GLY B 78 
COB 4 THR B 31 ? GLU B 34 ? THR B 31 GLU B 34 
COB 5 GLN B 18 ? LEU B 24 ? GLN B 18 LEU B 24 
COB 6 LEU B 10 ? ILE B 15 ? LEU B 10 ILE B 15 
COB 7 ILE B 62 ? ILE B 66 ? ILE B 62 ILE B 66 
COB 8 HIS B 69 ? GLY B 73 ? HIS B 69 GLY B 73 
INT 1 THR A 96 ? ASN A 98 ? THR A 96 ASN A 98 
INT 2 THR B 96 ? ASN B 98 ? THR B 96 ASN B 98 
# 
_struct_site.id                   AC1 
_struct_site.pdbx_evidence_code   Software 
_struct_site.pdbx_auth_asym_id    A 
_struct_site.pdbx_auth_comp_id    G23 
_struct_site.pdbx_auth_seq_id     200 
_struct_site.pdbx_auth_ins_code   ? 
_struct_site.pdbx_num_residues    15 
_struct_site.details              'BINDING SITE FOR RESIDUE G23 A 200' 
# 
loop_
_struct_site_gen.id 
_struct_site_gen.site_id 
_struct_site_gen.pdbx_num_res 
_struct_site_gen.label_comp_id 
_struct_site_gen.label_asym_id 
_struct_site_gen.label_seq_id 
_struct_site_gen.pdbx_auth_ins_code 
_struct_site_gen.auth_comp_id 
_struct_site_gen.auth_asym_id 
_struct_site_gen.auth_seq_id 
_struct_site_gen.label_atom_id 
_struct_site_gen.label_alt_id 
_struct_site_gen.symmetry 
_struct_site_gen.details 
1  AC1 15 ALA A 28 ? ALA A 28  . ? 1_555 ? 
2  AC1 15 ASP A 29 ? ASP A 29  . ? 1_555 ? 
3  AC1 15 ASP A 30 ? ASP A 30  . ? 1_555 ? 
4  AC1 15 VAL A 32 ? VAL A 32  . ? 1_555 ? 
5  AC1 15 GLY A 49 ? GLY A 49  . ? 1_555 ? 
6  AC1 15 HOH E .  ? HOH A 301 . ? 1_555 ? 
7  AC1 15 HOH E .  ? HOH A 371 . ? 1_555 ? 
8  AC1 15 ARG B 8  ? ARG B 8   . ? 1_555 ? 
9  AC1 15 LEU B 10 ? LEU B 10  . ? 1_555 ? 
10 AC1 15 ASP B 25 ? ASP B 25  . ? 1_555 ? 
11 AC1 15 ILE B 50 ? ILE B 50  . ? 1_555 ? 
12 AC1 15 PRO B 81 ? PRO B 81  . ? 1_555 ? 
13 AC1 15 VAL B 82 ? VAL B 82  . ? 1_555 ? 
14 AC1 15 ILE B 84 ? ILE B 84  . ? 1_555 ? 
15 AC1 15 LEU C 1  ? LEU C 202 . ? 1_555 ? 
# 
_pdbx_validate_symm_contact.id                1 
_pdbx_validate_symm_contact.PDB_model_num     1 
_pdbx_validate_symm_contact.auth_atom_id_1    NE2 
_pdbx_validate_symm_contact.auth_asym_id_1    A 
_pdbx_validate_symm_contact.auth_comp_id_1    GLN 
_pdbx_validate_symm_contact.auth_seq_id_1     18 
_pdbx_validate_symm_contact.PDB_ins_code_1    ? 
_pdbx_validate_symm_contact.label_alt_id_1    ? 
_pdbx_validate_symm_contact.site_symmetry_1   1_555 
_pdbx_validate_symm_contact.auth_atom_id_2    O 
_pdbx_validate_symm_contact.auth_asym_id_2    B 
_pdbx_validate_symm_contact.auth_comp_id_2    HOH 
_pdbx_validate_symm_contact.auth_seq_id_2     304 
_pdbx_validate_symm_contact.PDB_ins_code_2    ? 
_pdbx_validate_symm_contact.label_alt_id_2    ? 
_pdbx_validate_symm_contact.site_symmetry_2   1_556 
_pdbx_validate_symm_contact.dist              2.13 
# 
loop_
_pdbx_validate_rmsd_angle.id 
_pdbx_validate_rmsd_angle.PDB_model_num 
_pdbx_validate_rmsd_angle.auth_atom_id_1 
_pdbx_validate_rmsd_angle.auth_asym_id_1 
_pdbx_validate_rmsd_angle.auth_comp_id_1 
_pdbx_validate_rmsd_angle.auth_seq_id_1 
_pdbx_validate_rmsd_angle.PDB_ins_code_1 
_pdbx_validate_rmsd_angle.label_alt_id_1 
_pdbx_validate_rmsd_angle.auth_atom_id_2 
_pdbx_validate_rmsd_angle.auth_asym_id_2 
_pdbx_validate_rmsd_angle.auth_comp_id_2 
_pdbx_validate_rmsd_angle.auth_seq_id_2 
_pdbx_validate_rmsd_angle.PDB_ins_code_2 
_pdbx_validate_rmsd_angle.label_alt_id_2 
_pdbx_validate_rmsd_angle.auth_atom_id_3 
_pdbx_validate_rmsd_angle.auth_asym_id_3 
_pdbx_validate_rmsd_angle.auth_comp_id_3 
_pdbx_validate_rmsd_angle.auth_seq_id_3 
_pdbx_validate_rmsd_angle.PDB_ins_code_3 
_pdbx_validate_rmsd_angle.label_alt_id_3 
_pdbx_validate_rmsd_angle.angle_value 
_pdbx_validate_rmsd_angle.angle_target_value 
_pdbx_validate_rmsd_angle.angle_deviation 
_pdbx_validate_rmsd_angle.angle_standard_deviation 
_pdbx_validate_rmsd_angle.linker_flag 
1  1 NE A ARG 8  ? ? CZ A ARG 8  ? ? NH1 A ARG 8  ? ? 116.90 120.30 -3.40 0.50 N 
2  1 CA A GLU 21 ? ? CB A GLU 21 ? ? CG  A GLU 21 ? ? 127.63 113.40 14.23 2.20 N 
3  1 CA A GLU 34 ? ? CB A GLU 34 ? ? CG  A GLU 34 ? ? 128.16 113.40 14.76 2.20 N 
4  1 NE A ARG 41 ? ? CZ A ARG 41 ? ? NH1 A ARG 41 ? ? 116.19 120.30 -4.11 0.50 N 
5  1 NE A ARG 41 ? ? CZ A ARG 41 ? ? NH2 A ARG 41 ? ? 125.92 120.30 5.62  0.50 N 
6  1 CA A MET 46 ? ? CB A MET 46 ? ? CG  A MET 46 ? ? 130.56 113.30 17.26 1.70 N 
7  1 NE A ARG 57 ? ? CZ A ARG 57 ? ? NH1 A ARG 57 ? ? 117.12 120.30 -3.18 0.50 N 
8  1 N  A TYR 59 ? ? CA A TYR 59 ? ? CB  A TYR 59 ? ? 123.61 110.60 13.01 1.80 N 
9  1 CB A ASP 60 ? ? CG A ASP 60 ? ? OD1 A ASP 60 ? ? 125.62 118.30 7.32  0.90 N 
10 1 CB A CYS 67 ? ? CA A CYS 67 ? ? C   A CYS 67 ? ? 119.48 111.50 7.98  1.20 N 
11 1 CA A CYS 67 ? ? CB A CYS 67 ? ? SG  A CYS 67 ? ? 128.27 114.20 14.07 1.10 N 
12 1 NE A ARG 87 ? ? CZ A ARG 87 ? ? NH2 A ARG 87 ? ? 125.35 120.30 5.05  0.50 N 
13 1 CA A ASN 88 ? ? CB A ASN 88 ? ? CG  A ASN 88 ? ? 127.97 113.40 14.57 2.20 N 
14 1 N  B GLU 21 ? ? CA B GLU 21 ? ? CB  B GLU 21 ? ? 121.95 110.60 11.35 1.80 N 
15 1 CA B GLU 21 ? ? CB B GLU 21 ? ? CG  B GLU 21 ? ? 134.70 113.40 21.30 2.20 N 
16 1 CB B ALA 22 ? ? CA B ALA 22 ? ? C   B ALA 22 ? ? 119.91 110.10 9.81  1.50 N 
17 1 CB B LEU 38 ? ? CA B LEU 38 ? ? C   B LEU 38 ? ? 124.09 110.20 13.89 1.90 N 
18 1 NE B ARG 41 ? ? CZ B ARG 41 ? ? NH1 B ARG 41 ? ? 115.50 120.30 -4.80 0.50 N 
19 1 NE B ARG 57 ? ? CZ B ARG 57 ? ? NH2 B ARG 57 ? ? 124.39 120.30 4.09  0.50 N 
20 1 N  B GLN 61 ? ? CA B GLN 61 ? ? CB  B GLN 61 ? ? 121.87 110.60 11.27 1.80 N 
21 1 CA B GLN 61 ? ? CB B GLN 61 ? ? CG  B GLN 61 ? ? 141.75 113.40 28.35 2.20 N 
22 1 NE B ARG 87 ? ? CZ B ARG 87 ? ? NH2 B ARG 87 ? ? 124.66 120.30 4.36  0.50 N 
23 1 C  B ILE 93 ? ? N  B GLY 94 ? ? CA  B GLY 94 ? ? 135.83 122.30 13.53 2.10 Y 
24 1 CA B PHE 99 ? ? CB B PHE 99 ? ? CG  B PHE 99 ? ? 130.53 113.90 16.63 2.40 N 
# 
loop_
_pdbx_validate_torsion.id 
_pdbx_validate_torsion.PDB_model_num 
_pdbx_validate_torsion.auth_comp_id 
_pdbx_validate_torsion.auth_asym_id 
_pdbx_validate_torsion.auth_seq_id 
_pdbx_validate_torsion.PDB_ins_code 
_pdbx_validate_torsion.label_alt_id 
_pdbx_validate_torsion.phi 
_pdbx_validate_torsion.psi 
1 1 GLN A 18 ? ? -33.41 144.31 
2 1 PRO A 79 ? ? -69.31 55.09  
3 1 GLU B 35 ? ? -33.89 123.23 
4 1 GLN B 61 ? ? 46.13  78.04  
# 
loop_
_pdbx_validate_planes.id 
_pdbx_validate_planes.PDB_model_num 
_pdbx_validate_planes.auth_comp_id 
_pdbx_validate_planes.auth_asym_id 
_pdbx_validate_planes.auth_seq_id 
_pdbx_validate_planes.PDB_ins_code 
_pdbx_validate_planes.label_alt_id 
_pdbx_validate_planes.rmsd 
_pdbx_validate_planes.type 
1 1 ARG A 8  ? ? 0.105 'SIDE CHAIN' 
2 1 ARG A 57 ? ? 0.173 'SIDE CHAIN' 
3 1 ARG B 8  ? ? 0.308 'SIDE CHAIN' 
4 1 ARG B 41 ? ? 0.243 'SIDE CHAIN' 
# 
_pdbx_entry_details.entry_id                 1HTE 
_pdbx_entry_details.compound_details         ? 
_pdbx_entry_details.source_details           ? 
_pdbx_entry_details.nonpolymer_details       
;GR123976 IS (2R,4S)-2-[(R)-BENZYLCARBAMOYL-
PHENYLACETYLAMINO-METHYL]-5,5-DIMETHYL-THIAZOLIDINE-4-
CARBOXYLIC ACID.
;
_pdbx_entry_details.sequence_details         ? 
_pdbx_entry_details.has_ligand_of_interest   ? 
# 
loop_
_chem_comp_atom.comp_id 
_chem_comp_atom.atom_id 
_chem_comp_atom.type_symbol 
_chem_comp_atom.pdbx_aromatic_flag 
_chem_comp_atom.pdbx_stereo_config 
_chem_comp_atom.pdbx_ordinal 
ALA N    N N N 1   
ALA CA   C N S 2   
ALA C    C N N 3   
ALA O    O N N 4   
ALA CB   C N N 5   
ALA OXT  O N N 6   
ALA H    H N N 7   
ALA H2   H N N 8   
ALA HA   H N N 9   
ALA HB1  H N N 10  
ALA HB2  H N N 11  
ALA HB3  H N N 12  
ALA HXT  H N N 13  
ARG N    N N N 14  
ARG CA   C N S 15  
ARG C    C N N 16  
ARG O    O N N 17  
ARG CB   C N N 18  
ARG CG   C N N 19  
ARG CD   C N N 20  
ARG NE   N N N 21  
ARG CZ   C N N 22  
ARG NH1  N N N 23  
ARG NH2  N N N 24  
ARG OXT  O N N 25  
ARG H    H N N 26  
ARG H2   H N N 27  
ARG HA   H N N 28  
ARG HB2  H N N 29  
ARG HB3  H N N 30  
ARG HG2  H N N 31  
ARG HG3  H N N 32  
ARG HD2  H N N 33  
ARG HD3  H N N 34  
ARG HE   H N N 35  
ARG HH11 H N N 36  
ARG HH12 H N N 37  
ARG HH21 H N N 38  
ARG HH22 H N N 39  
ARG HXT  H N N 40  
ASN N    N N N 41  
ASN CA   C N S 42  
ASN C    C N N 43  
ASN O    O N N 44  
ASN CB   C N N 45  
ASN CG   C N N 46  
ASN OD1  O N N 47  
ASN ND2  N N N 48  
ASN OXT  O N N 49  
ASN H    H N N 50  
ASN H2   H N N 51  
ASN HA   H N N 52  
ASN HB2  H N N 53  
ASN HB3  H N N 54  
ASN HD21 H N N 55  
ASN HD22 H N N 56  
ASN HXT  H N N 57  
ASP N    N N N 58  
ASP CA   C N S 59  
ASP C    C N N 60  
ASP O    O N N 61  
ASP CB   C N N 62  
ASP CG   C N N 63  
ASP OD1  O N N 64  
ASP OD2  O N N 65  
ASP OXT  O N N 66  
ASP H    H N N 67  
ASP H2   H N N 68  
ASP HA   H N N 69  
ASP HB2  H N N 70  
ASP HB3  H N N 71  
ASP HD2  H N N 72  
ASP HXT  H N N 73  
CYS N    N N N 74  
CYS CA   C N R 75  
CYS C    C N N 76  
CYS O    O N N 77  
CYS CB   C N N 78  
CYS SG   S N N 79  
CYS OXT  O N N 80  
CYS H    H N N 81  
CYS H2   H N N 82  
CYS HA   H N N 83  
CYS HB2  H N N 84  
CYS HB3  H N N 85  
CYS HG   H N N 86  
CYS HXT  H N N 87  
G23 C1   C N S 88  
G23 C2   C N R 89  
G23 C3   C N R 90  
G23 C4   C N N 91  
G23 C5   C N N 92  
G23 C6   C N N 93  
G23 C7   C N N 94  
G23 C8   C N N 95  
G23 C9   C N N 96  
G23 C10  C N N 97  
G23 C11  C N N 98  
G23 C12  C Y N 99  
G23 C13  C Y N 100 
G23 C14  C Y N 101 
G23 C15  C Y N 102 
G23 C16  C Y N 103 
G23 C17  C Y N 104 
G23 C18  C Y N 105 
G23 C19  C Y N 106 
G23 C20  C Y N 107 
G23 C21  C Y N 108 
G23 C22  C Y N 109 
G23 C23  C Y N 110 
G23 N1   N N N 111 
G23 N2   N N N 112 
G23 N3   N N N 113 
G23 O1   O N N 114 
G23 O2   O N N 115 
G23 O3   O N N 116 
G23 O4   O N N 117 
G23 S1   S N N 118 
G23 H1   H N N 119 
G23 H2   H N N 120 
G23 H3   H N N 121 
G23 H51  H N N 122 
G23 H52  H N N 123 
G23 H53  H N N 124 
G23 H61  H N N 125 
G23 H62  H N N 126 
G23 H63  H N N 127 
G23 H91  H N N 128 
G23 H92  H N N 129 
G23 H111 H N N 130 
G23 H112 H N N 131 
G23 H12  H N N 132 
G23 H14  H N N 133 
G23 H15  H N N 134 
G23 H16  H N N 135 
G23 H17  H N N 136 
G23 H18  H N N 137 
G23 H19  H N N 138 
G23 H20  H N N 139 
G23 H21  H N N 140 
G23 H23  H N N 141 
G23 HN1  H N N 142 
G23 HN2  H N N 143 
G23 HN3  H N N 144 
G23 HO4  H N N 145 
GLN N    N N N 146 
GLN CA   C N S 147 
GLN C    C N N 148 
GLN O    O N N 149 
GLN CB   C N N 150 
GLN CG   C N N 151 
GLN CD   C N N 152 
GLN OE1  O N N 153 
GLN NE2  N N N 154 
GLN OXT  O N N 155 
GLN H    H N N 156 
GLN H2   H N N 157 
GLN HA   H N N 158 
GLN HB2  H N N 159 
GLN HB3  H N N 160 
GLN HG2  H N N 161 
GLN HG3  H N N 162 
GLN HE21 H N N 163 
GLN HE22 H N N 164 
GLN HXT  H N N 165 
GLU N    N N N 166 
GLU CA   C N S 167 
GLU C    C N N 168 
GLU O    O N N 169 
GLU CB   C N N 170 
GLU CG   C N N 171 
GLU CD   C N N 172 
GLU OE1  O N N 173 
GLU OE2  O N N 174 
GLU OXT  O N N 175 
GLU H    H N N 176 
GLU H2   H N N 177 
GLU HA   H N N 178 
GLU HB2  H N N 179 
GLU HB3  H N N 180 
GLU HG2  H N N 181 
GLU HG3  H N N 182 
GLU HE2  H N N 183 
GLU HXT  H N N 184 
GLY N    N N N 185 
GLY CA   C N N 186 
GLY C    C N N 187 
GLY O    O N N 188 
GLY OXT  O N N 189 
GLY H    H N N 190 
GLY H2   H N N 191 
GLY HA2  H N N 192 
GLY HA3  H N N 193 
GLY HXT  H N N 194 
HIS N    N N N 195 
HIS CA   C N S 196 
HIS C    C N N 197 
HIS O    O N N 198 
HIS CB   C N N 199 
HIS CG   C Y N 200 
HIS ND1  N Y N 201 
HIS CD2  C Y N 202 
HIS CE1  C Y N 203 
HIS NE2  N Y N 204 
HIS OXT  O N N 205 
HIS H    H N N 206 
HIS H2   H N N 207 
HIS HA   H N N 208 
HIS HB2  H N N 209 
HIS HB3  H N N 210 
HIS HD1  H N N 211 
HIS HD2  H N N 212 
HIS HE1  H N N 213 
HIS HE2  H N N 214 
HIS HXT  H N N 215 
HOH O    O N N 216 
HOH H1   H N N 217 
HOH H2   H N N 218 
ILE N    N N N 219 
ILE CA   C N S 220 
ILE C    C N N 221 
ILE O    O N N 222 
ILE CB   C N S 223 
ILE CG1  C N N 224 
ILE CG2  C N N 225 
ILE CD1  C N N 226 
ILE OXT  O N N 227 
ILE H    H N N 228 
ILE H2   H N N 229 
ILE HA   H N N 230 
ILE HB   H N N 231 
ILE HG12 H N N 232 
ILE HG13 H N N 233 
ILE HG21 H N N 234 
ILE HG22 H N N 235 
ILE HG23 H N N 236 
ILE HD11 H N N 237 
ILE HD12 H N N 238 
ILE HD13 H N N 239 
ILE HXT  H N N 240 
LEU N    N N N 241 
LEU CA   C N S 242 
LEU C    C N N 243 
LEU O    O N N 244 
LEU CB   C N N 245 
LEU CG   C N N 246 
LEU CD1  C N N 247 
LEU CD2  C N N 248 
LEU OXT  O N N 249 
LEU H    H N N 250 
LEU H2   H N N 251 
LEU HA   H N N 252 
LEU HB2  H N N 253 
LEU HB3  H N N 254 
LEU HG   H N N 255 
LEU HD11 H N N 256 
LEU HD12 H N N 257 
LEU HD13 H N N 258 
LEU HD21 H N N 259 
LEU HD22 H N N 260 
LEU HD23 H N N 261 
LEU HXT  H N N 262 
LYS N    N N N 263 
LYS CA   C N S 264 
LYS C    C N N 265 
LYS O    O N N 266 
LYS CB   C N N 267 
LYS CG   C N N 268 
LYS CD   C N N 269 
LYS CE   C N N 270 
LYS NZ   N N N 271 
LYS OXT  O N N 272 
LYS H    H N N 273 
LYS H2   H N N 274 
LYS HA   H N N 275 
LYS HB2  H N N 276 
LYS HB3  H N N 277 
LYS HG2  H N N 278 
LYS HG3  H N N 279 
LYS HD2  H N N 280 
LYS HD3  H N N 281 
LYS HE2  H N N 282 
LYS HE3  H N N 283 
LYS HZ1  H N N 284 
LYS HZ2  H N N 285 
LYS HZ3  H N N 286 
LYS HXT  H N N 287 
MET N    N N N 288 
MET CA   C N S 289 
MET C    C N N 290 
MET O    O N N 291 
MET CB   C N N 292 
MET CG   C N N 293 
MET SD   S N N 294 
MET CE   C N N 295 
MET OXT  O N N 296 
MET H    H N N 297 
MET H2   H N N 298 
MET HA   H N N 299 
MET HB2  H N N 300 
MET HB3  H N N 301 
MET HG2  H N N 302 
MET HG3  H N N 303 
MET HE1  H N N 304 
MET HE2  H N N 305 
MET HE3  H N N 306 
MET HXT  H N N 307 
PHE N    N N N 308 
PHE CA   C N S 309 
PHE C    C N N 310 
PHE O    O N N 311 
PHE CB   C N N 312 
PHE CG   C Y N 313 
PHE CD1  C Y N 314 
PHE CD2  C Y N 315 
PHE CE1  C Y N 316 
PHE CE2  C Y N 317 
PHE CZ   C Y N 318 
PHE OXT  O N N 319 
PHE H    H N N 320 
PHE H2   H N N 321 
PHE HA   H N N 322 
PHE HB2  H N N 323 
PHE HB3  H N N 324 
PHE HD1  H N N 325 
PHE HD2  H N N 326 
PHE HE1  H N N 327 
PHE HE2  H N N 328 
PHE HZ   H N N 329 
PHE HXT  H N N 330 
PRO N    N N N 331 
PRO CA   C N S 332 
PRO C    C N N 333 
PRO O    O N N 334 
PRO CB   C N N 335 
PRO CG   C N N 336 
PRO CD   C N N 337 
PRO OXT  O N N 338 
PRO H    H N N 339 
PRO HA   H N N 340 
PRO HB2  H N N 341 
PRO HB3  H N N 342 
PRO HG2  H N N 343 
PRO HG3  H N N 344 
PRO HD2  H N N 345 
PRO HD3  H N N 346 
PRO HXT  H N N 347 
SER N    N N N 348 
SER CA   C N S 349 
SER C    C N N 350 
SER O    O N N 351 
SER CB   C N N 352 
SER OG   O N N 353 
SER OXT  O N N 354 
SER H    H N N 355 
SER H2   H N N 356 
SER HA   H N N 357 
SER HB2  H N N 358 
SER HB3  H N N 359 
SER HG   H N N 360 
SER HXT  H N N 361 
THR N    N N N 362 
THR CA   C N S 363 
THR C    C N N 364 
THR O    O N N 365 
THR CB   C N R 366 
THR OG1  O N N 367 
THR CG2  C N N 368 
THR OXT  O N N 369 
THR H    H N N 370 
THR H2   H N N 371 
THR HA   H N N 372 
THR HB   H N N 373 
THR HG1  H N N 374 
THR HG21 H N N 375 
THR HG22 H N N 376 
THR HG23 H N N 377 
THR HXT  H N N 378 
TRP N    N N N 379 
TRP CA   C N S 380 
TRP C    C N N 381 
TRP O    O N N 382 
TRP CB   C N N 383 
TRP CG   C Y N 384 
TRP CD1  C Y N 385 
TRP CD2  C Y N 386 
TRP NE1  N Y N 387 
TRP CE2  C Y N 388 
TRP CE3  C Y N 389 
TRP CZ2  C Y N 390 
TRP CZ3  C Y N 391 
TRP CH2  C Y N 392 
TRP OXT  O N N 393 
TRP H    H N N 394 
TRP H2   H N N 395 
TRP HA   H N N 396 
TRP HB2  H N N 397 
TRP HB3  H N N 398 
TRP HD1  H N N 399 
TRP HE1  H N N 400 
TRP HE3  H N N 401 
TRP HZ2  H N N 402 
TRP HZ3  H N N 403 
TRP HH2  H N N 404 
TRP HXT  H N N 405 
TYR N    N N N 406 
TYR CA   C N S 407 
TYR C    C N N 408 
TYR O    O N N 409 
TYR CB   C N N 410 
TYR CG   C Y N 411 
TYR CD1  C Y N 412 
TYR CD2  C Y N 413 
TYR CE1  C Y N 414 
TYR CE2  C Y N 415 
TYR CZ   C Y N 416 
TYR OH   O N N 417 
TYR OXT  O N N 418 
TYR H    H N N 419 
TYR H2   H N N 420 
TYR HA   H N N 421 
TYR HB2  H N N 422 
TYR HB3  H N N 423 
TYR HD1  H N N 424 
TYR HD2  H N N 425 
TYR HE1  H N N 426 
TYR HE2  H N N 427 
TYR HH   H N N 428 
TYR HXT  H N N 429 
VAL N    N N N 430 
VAL CA   C N S 431 
VAL C    C N N 432 
VAL O    O N N 433 
VAL CB   C N N 434 
VAL CG1  C N N 435 
VAL CG2  C N N 436 
VAL OXT  O N N 437 
VAL H    H N N 438 
VAL H2   H N N 439 
VAL HA   H N N 440 
VAL HB   H N N 441 
VAL HG11 H N N 442 
VAL HG12 H N N 443 
VAL HG13 H N N 444 
VAL HG21 H N N 445 
VAL HG22 H N N 446 
VAL HG23 H N N 447 
VAL HXT  H N N 448 
# 
loop_
_chem_comp_bond.comp_id 
_chem_comp_bond.atom_id_1 
_chem_comp_bond.atom_id_2 
_chem_comp_bond.value_order 
_chem_comp_bond.pdbx_aromatic_flag 
_chem_comp_bond.pdbx_stereo_config 
_chem_comp_bond.pdbx_ordinal 
ALA N   CA   sing N N 1   
ALA N   H    sing N N 2   
ALA N   H2   sing N N 3   
ALA CA  C    sing N N 4   
ALA CA  CB   sing N N 5   
ALA CA  HA   sing N N 6   
ALA C   O    doub N N 7   
ALA C   OXT  sing N N 8   
ALA CB  HB1  sing N N 9   
ALA CB  HB2  sing N N 10  
ALA CB  HB3  sing N N 11  
ALA OXT HXT  sing N N 12  
ARG N   CA   sing N N 13  
ARG N   H    sing N N 14  
ARG N   H2   sing N N 15  
ARG CA  C    sing N N 16  
ARG CA  CB   sing N N 17  
ARG CA  HA   sing N N 18  
ARG C   O    doub N N 19  
ARG C   OXT  sing N N 20  
ARG CB  CG   sing N N 21  
ARG CB  HB2  sing N N 22  
ARG CB  HB3  sing N N 23  
ARG CG  CD   sing N N 24  
ARG CG  HG2  sing N N 25  
ARG CG  HG3  sing N N 26  
ARG CD  NE   sing N N 27  
ARG CD  HD2  sing N N 28  
ARG CD  HD3  sing N N 29  
ARG NE  CZ   sing N N 30  
ARG NE  HE   sing N N 31  
ARG CZ  NH1  sing N N 32  
ARG CZ  NH2  doub N N 33  
ARG NH1 HH11 sing N N 34  
ARG NH1 HH12 sing N N 35  
ARG NH2 HH21 sing N N 36  
ARG NH2 HH22 sing N N 37  
ARG OXT HXT  sing N N 38  
ASN N   CA   sing N N 39  
ASN N   H    sing N N 40  
ASN N   H2   sing N N 41  
ASN CA  C    sing N N 42  
ASN CA  CB   sing N N 43  
ASN CA  HA   sing N N 44  
ASN C   O    doub N N 45  
ASN C   OXT  sing N N 46  
ASN CB  CG   sing N N 47  
ASN CB  HB2  sing N N 48  
ASN CB  HB3  sing N N 49  
ASN CG  OD1  doub N N 50  
ASN CG  ND2  sing N N 51  
ASN ND2 HD21 sing N N 52  
ASN ND2 HD22 sing N N 53  
ASN OXT HXT  sing N N 54  
ASP N   CA   sing N N 55  
ASP N   H    sing N N 56  
ASP N   H2   sing N N 57  
ASP CA  C    sing N N 58  
ASP CA  CB   sing N N 59  
ASP CA  HA   sing N N 60  
ASP C   O    doub N N 61  
ASP C   OXT  sing N N 62  
ASP CB  CG   sing N N 63  
ASP CB  HB2  sing N N 64  
ASP CB  HB3  sing N N 65  
ASP CG  OD1  doub N N 66  
ASP CG  OD2  sing N N 67  
ASP OD2 HD2  sing N N 68  
ASP OXT HXT  sing N N 69  
CYS N   CA   sing N N 70  
CYS N   H    sing N N 71  
CYS N   H2   sing N N 72  
CYS CA  C    sing N N 73  
CYS CA  CB   sing N N 74  
CYS CA  HA   sing N N 75  
CYS C   O    doub N N 76  
CYS C   OXT  sing N N 77  
CYS CB  SG   sing N N 78  
CYS CB  HB2  sing N N 79  
CYS CB  HB3  sing N N 80  
CYS SG  HG   sing N N 81  
CYS OXT HXT  sing N N 82  
G23 C1  C7   sing N N 83  
G23 C1  C8   sing N N 84  
G23 C1  N1   sing N N 85  
G23 C1  H1   sing N N 86  
G23 C2  C3   sing N N 87  
G23 C2  N1   sing N N 88  
G23 C2  S1   sing N N 89  
G23 C2  H2   sing N N 90  
G23 C3  C4   sing N N 91  
G23 C3  N2   sing N N 92  
G23 C3  H3   sing N N 93  
G23 C4  N3   sing N N 94  
G23 C4  O1   doub N N 95  
G23 C5  C8   sing N N 96  
G23 C5  H51  sing N N 97  
G23 C5  H52  sing N N 98  
G23 C5  H53  sing N N 99  
G23 C6  C8   sing N N 100 
G23 C6  H61  sing N N 101 
G23 C6  H62  sing N N 102 
G23 C6  H63  sing N N 103 
G23 C7  O3   doub N N 104 
G23 C7  O4   sing N N 105 
G23 C8  S1   sing N N 106 
G23 C9  C22  sing N N 107 
G23 C9  N3   sing N N 108 
G23 C9  H91  sing N N 109 
G23 C9  H92  sing N N 110 
G23 C10 C11  sing N N 111 
G23 C10 N2   sing N N 112 
G23 C10 O2   doub N N 113 
G23 C11 C13  sing N N 114 
G23 C11 H111 sing N N 115 
G23 C11 H112 sing N N 116 
G23 C12 C13  doub Y N 117 
G23 C12 C17  sing Y N 118 
G23 C12 H12  sing N N 119 
G23 C13 C14  sing Y N 120 
G23 C14 C15  doub Y N 121 
G23 C14 H14  sing N N 122 
G23 C15 C16  sing Y N 123 
G23 C15 H15  sing N N 124 
G23 C16 C17  doub Y N 125 
G23 C16 H16  sing N N 126 
G23 C17 H17  sing N N 127 
G23 C18 C19  doub Y N 128 
G23 C18 C23  sing Y N 129 
G23 C18 H18  sing N N 130 
G23 C19 C20  sing Y N 131 
G23 C19 H19  sing N N 132 
G23 C20 C21  doub Y N 133 
G23 C20 H20  sing N N 134 
G23 C21 C22  sing Y N 135 
G23 C21 H21  sing N N 136 
G23 C22 C23  doub Y N 137 
G23 C23 H23  sing N N 138 
G23 N1  HN1  sing N N 139 
G23 N2  HN2  sing N N 140 
G23 N3  HN3  sing N N 141 
G23 O4  HO4  sing N N 142 
GLN N   CA   sing N N 143 
GLN N   H    sing N N 144 
GLN N   H2   sing N N 145 
GLN CA  C    sing N N 146 
GLN CA  CB   sing N N 147 
GLN CA  HA   sing N N 148 
GLN C   O    doub N N 149 
GLN C   OXT  sing N N 150 
GLN CB  CG   sing N N 151 
GLN CB  HB2  sing N N 152 
GLN CB  HB3  sing N N 153 
GLN CG  CD   sing N N 154 
GLN CG  HG2  sing N N 155 
GLN CG  HG3  sing N N 156 
GLN CD  OE1  doub N N 157 
GLN CD  NE2  sing N N 158 
GLN NE2 HE21 sing N N 159 
GLN NE2 HE22 sing N N 160 
GLN OXT HXT  sing N N 161 
GLU N   CA   sing N N 162 
GLU N   H    sing N N 163 
GLU N   H2   sing N N 164 
GLU CA  C    sing N N 165 
GLU CA  CB   sing N N 166 
GLU CA  HA   sing N N 167 
GLU C   O    doub N N 168 
GLU C   OXT  sing N N 169 
GLU CB  CG   sing N N 170 
GLU CB  HB2  sing N N 171 
GLU CB  HB3  sing N N 172 
GLU CG  CD   sing N N 173 
GLU CG  HG2  sing N N 174 
GLU CG  HG3  sing N N 175 
GLU CD  OE1  doub N N 176 
GLU CD  OE2  sing N N 177 
GLU OE2 HE2  sing N N 178 
GLU OXT HXT  sing N N 179 
GLY N   CA   sing N N 180 
GLY N   H    sing N N 181 
GLY N   H2   sing N N 182 
GLY CA  C    sing N N 183 
GLY CA  HA2  sing N N 184 
GLY CA  HA3  sing N N 185 
GLY C   O    doub N N 186 
GLY C   OXT  sing N N 187 
GLY OXT HXT  sing N N 188 
HIS N   CA   sing N N 189 
HIS N   H    sing N N 190 
HIS N   H2   sing N N 191 
HIS CA  C    sing N N 192 
HIS CA  CB   sing N N 193 
HIS CA  HA   sing N N 194 
HIS C   O    doub N N 195 
HIS C   OXT  sing N N 196 
HIS CB  CG   sing N N 197 
HIS CB  HB2  sing N N 198 
HIS CB  HB3  sing N N 199 
HIS CG  ND1  sing Y N 200 
HIS CG  CD2  doub Y N 201 
HIS ND1 CE1  doub Y N 202 
HIS ND1 HD1  sing N N 203 
HIS CD2 NE2  sing Y N 204 
HIS CD2 HD2  sing N N 205 
HIS CE1 NE2  sing Y N 206 
HIS CE1 HE1  sing N N 207 
HIS NE2 HE2  sing N N 208 
HIS OXT HXT  sing N N 209 
HOH O   H1   sing N N 210 
HOH O   H2   sing N N 211 
ILE N   CA   sing N N 212 
ILE N   H    sing N N 213 
ILE N   H2   sing N N 214 
ILE CA  C    sing N N 215 
ILE CA  CB   sing N N 216 
ILE CA  HA   sing N N 217 
ILE C   O    doub N N 218 
ILE C   OXT  sing N N 219 
ILE CB  CG1  sing N N 220 
ILE CB  CG2  sing N N 221 
ILE CB  HB   sing N N 222 
ILE CG1 CD1  sing N N 223 
ILE CG1 HG12 sing N N 224 
ILE CG1 HG13 sing N N 225 
ILE CG2 HG21 sing N N 226 
ILE CG2 HG22 sing N N 227 
ILE CG2 HG23 sing N N 228 
ILE CD1 HD11 sing N N 229 
ILE CD1 HD12 sing N N 230 
ILE CD1 HD13 sing N N 231 
ILE OXT HXT  sing N N 232 
LEU N   CA   sing N N 233 
LEU N   H    sing N N 234 
LEU N   H2   sing N N 235 
LEU CA  C    sing N N 236 
LEU CA  CB   sing N N 237 
LEU CA  HA   sing N N 238 
LEU C   O    doub N N 239 
LEU C   OXT  sing N N 240 
LEU CB  CG   sing N N 241 
LEU CB  HB2  sing N N 242 
LEU CB  HB3  sing N N 243 
LEU CG  CD1  sing N N 244 
LEU CG  CD2  sing N N 245 
LEU CG  HG   sing N N 246 
LEU CD1 HD11 sing N N 247 
LEU CD1 HD12 sing N N 248 
LEU CD1 HD13 sing N N 249 
LEU CD2 HD21 sing N N 250 
LEU CD2 HD22 sing N N 251 
LEU CD2 HD23 sing N N 252 
LEU OXT HXT  sing N N 253 
LYS N   CA   sing N N 254 
LYS N   H    sing N N 255 
LYS N   H2   sing N N 256 
LYS CA  C    sing N N 257 
LYS CA  CB   sing N N 258 
LYS CA  HA   sing N N 259 
LYS C   O    doub N N 260 
LYS C   OXT  sing N N 261 
LYS CB  CG   sing N N 262 
LYS CB  HB2  sing N N 263 
LYS CB  HB3  sing N N 264 
LYS CG  CD   sing N N 265 
LYS CG  HG2  sing N N 266 
LYS CG  HG3  sing N N 267 
LYS CD  CE   sing N N 268 
LYS CD  HD2  sing N N 269 
LYS CD  HD3  sing N N 270 
LYS CE  NZ   sing N N 271 
LYS CE  HE2  sing N N 272 
LYS CE  HE3  sing N N 273 
LYS NZ  HZ1  sing N N 274 
LYS NZ  HZ2  sing N N 275 
LYS NZ  HZ3  sing N N 276 
LYS OXT HXT  sing N N 277 
MET N   CA   sing N N 278 
MET N   H    sing N N 279 
MET N   H2   sing N N 280 
MET CA  C    sing N N 281 
MET CA  CB   sing N N 282 
MET CA  HA   sing N N 283 
MET C   O    doub N N 284 
MET C   OXT  sing N N 285 
MET CB  CG   sing N N 286 
MET CB  HB2  sing N N 287 
MET CB  HB3  sing N N 288 
MET CG  SD   sing N N 289 
MET CG  HG2  sing N N 290 
MET CG  HG3  sing N N 291 
MET SD  CE   sing N N 292 
MET CE  HE1  sing N N 293 
MET CE  HE2  sing N N 294 
MET CE  HE3  sing N N 295 
MET OXT HXT  sing N N 296 
PHE N   CA   sing N N 297 
PHE N   H    sing N N 298 
PHE N   H2   sing N N 299 
PHE CA  C    sing N N 300 
PHE CA  CB   sing N N 301 
PHE CA  HA   sing N N 302 
PHE C   O    doub N N 303 
PHE C   OXT  sing N N 304 
PHE CB  CG   sing N N 305 
PHE CB  HB2  sing N N 306 
PHE CB  HB3  sing N N 307 
PHE CG  CD1  doub Y N 308 
PHE CG  CD2  sing Y N 309 
PHE CD1 CE1  sing Y N 310 
PHE CD1 HD1  sing N N 311 
PHE CD2 CE2  doub Y N 312 
PHE CD2 HD2  sing N N 313 
PHE CE1 CZ   doub Y N 314 
PHE CE1 HE1  sing N N 315 
PHE CE2 CZ   sing Y N 316 
PHE CE2 HE2  sing N N 317 
PHE CZ  HZ   sing N N 318 
PHE OXT HXT  sing N N 319 
PRO N   CA   sing N N 320 
PRO N   CD   sing N N 321 
PRO N   H    sing N N 322 
PRO CA  C    sing N N 323 
PRO CA  CB   sing N N 324 
PRO CA  HA   sing N N 325 
PRO C   O    doub N N 326 
PRO C   OXT  sing N N 327 
PRO CB  CG   sing N N 328 
PRO CB  HB2  sing N N 329 
PRO CB  HB3  sing N N 330 
PRO CG  CD   sing N N 331 
PRO CG  HG2  sing N N 332 
PRO CG  HG3  sing N N 333 
PRO CD  HD2  sing N N 334 
PRO CD  HD3  sing N N 335 
PRO OXT HXT  sing N N 336 
SER N   CA   sing N N 337 
SER N   H    sing N N 338 
SER N   H2   sing N N 339 
SER CA  C    sing N N 340 
SER CA  CB   sing N N 341 
SER CA  HA   sing N N 342 
SER C   O    doub N N 343 
SER C   OXT  sing N N 344 
SER CB  OG   sing N N 345 
SER CB  HB2  sing N N 346 
SER CB  HB3  sing N N 347 
SER OG  HG   sing N N 348 
SER OXT HXT  sing N N 349 
THR N   CA   sing N N 350 
THR N   H    sing N N 351 
THR N   H2   sing N N 352 
THR CA  C    sing N N 353 
THR CA  CB   sing N N 354 
THR CA  HA   sing N N 355 
THR C   O    doub N N 356 
THR C   OXT  sing N N 357 
THR CB  OG1  sing N N 358 
THR CB  CG2  sing N N 359 
THR CB  HB   sing N N 360 
THR OG1 HG1  sing N N 361 
THR CG2 HG21 sing N N 362 
THR CG2 HG22 sing N N 363 
THR CG2 HG23 sing N N 364 
THR OXT HXT  sing N N 365 
TRP N   CA   sing N N 366 
TRP N   H    sing N N 367 
TRP N   H2   sing N N 368 
TRP CA  C    sing N N 369 
TRP CA  CB   sing N N 370 
TRP CA  HA   sing N N 371 
TRP C   O    doub N N 372 
TRP C   OXT  sing N N 373 
TRP CB  CG   sing N N 374 
TRP CB  HB2  sing N N 375 
TRP CB  HB3  sing N N 376 
TRP CG  CD1  doub Y N 377 
TRP CG  CD2  sing Y N 378 
TRP CD1 NE1  sing Y N 379 
TRP CD1 HD1  sing N N 380 
TRP CD2 CE2  doub Y N 381 
TRP CD2 CE3  sing Y N 382 
TRP NE1 CE2  sing Y N 383 
TRP NE1 HE1  sing N N 384 
TRP CE2 CZ2  sing Y N 385 
TRP CE3 CZ3  doub Y N 386 
TRP CE3 HE3  sing N N 387 
TRP CZ2 CH2  doub Y N 388 
TRP CZ2 HZ2  sing N N 389 
TRP CZ3 CH2  sing Y N 390 
TRP CZ3 HZ3  sing N N 391 
TRP CH2 HH2  sing N N 392 
TRP OXT HXT  sing N N 393 
TYR N   CA   sing N N 394 
TYR N   H    sing N N 395 
TYR N   H2   sing N N 396 
TYR CA  C    sing N N 397 
TYR CA  CB   sing N N 398 
TYR CA  HA   sing N N 399 
TYR C   O    doub N N 400 
TYR C   OXT  sing N N 401 
TYR CB  CG   sing N N 402 
TYR CB  HB2  sing N N 403 
TYR CB  HB3  sing N N 404 
TYR CG  CD1  doub Y N 405 
TYR CG  CD2  sing Y N 406 
TYR CD1 CE1  sing Y N 407 
TYR CD1 HD1  sing N N 408 
TYR CD2 CE2  doub Y N 409 
TYR CD2 HD2  sing N N 410 
TYR CE1 CZ   doub Y N 411 
TYR CE1 HE1  sing N N 412 
TYR CE2 CZ   sing Y N 413 
TYR CE2 HE2  sing N N 414 
TYR CZ  OH   sing N N 415 
TYR OH  HH   sing N N 416 
TYR OXT HXT  sing N N 417 
VAL N   CA   sing N N 418 
VAL N   H    sing N N 419 
VAL N   H2   sing N N 420 
VAL CA  C    sing N N 421 
VAL CA  CB   sing N N 422 
VAL CA  HA   sing N N 423 
VAL C   O    doub N N 424 
VAL C   OXT  sing N N 425 
VAL CB  CG1  sing N N 426 
VAL CB  CG2  sing N N 427 
VAL CB  HB   sing N N 428 
VAL CG1 HG11 sing N N 429 
VAL CG1 HG12 sing N N 430 
VAL CG1 HG13 sing N N 431 
VAL CG2 HG21 sing N N 432 
VAL CG2 HG22 sing N N 433 
VAL CG2 HG23 sing N N 434 
VAL OXT HXT  sing N N 435 
# 
_atom_sites.entry_id                    1HTE 
_atom_sites.fract_transf_matrix[1][1]   -0.00221439 
_atom_sites.fract_transf_matrix[1][2]   -0.01276553 
_atom_sites.fract_transf_matrix[1][3]   -0.01124113 
_atom_sites.fract_transf_matrix[2][1]   0.00617963 
_atom_sites.fract_transf_matrix[2][2]   0.00574826 
_atom_sites.fract_transf_matrix[2][3]   -0.00774511 
_atom_sites.fract_transf_matrix[3][1]   0.01793233 
_atom_sites.fract_transf_matrix[3][2]   -0.00950067 
_atom_sites.fract_transf_matrix[3][3]   0.00725656 
_atom_sites.fract_transf_vector[1]      0.272975 
_atom_sites.fract_transf_vector[2]      0.306817 
_atom_sites.fract_transf_vector[3]      0.078034 
# 
_atom_sites_footnote.id     1 
_atom_sites_footnote.text   
'THE CONFORMATIONS OF THE SIDE CHAINS FOR RESIDUES SER A 37, ARG A 41, LYS A 43, GLN A 61, ILE A 72, AND SER B 37 ARE UNCLEAR.' 
# 
loop_
_atom_type.symbol 
C 
N 
O 
S 
# 
loop_
_atom_site.group_PDB 
_atom_site.id 
_atom_site.type_symbol 
_atom_site.label_atom_id 
_atom_site.label_alt_id 
_atom_site.label_comp_id 
_atom_site.label_asym_id 
_atom_site.label_entity_id 
_atom_site.label_seq_id 
_atom_site.pdbx_PDB_ins_code 
_atom_site.Cartn_x 
_atom_site.Cartn_y 
_atom_site.Cartn_z 
_atom_site.occupancy 
_atom_site.B_iso_or_equiv 
_atom_site.pdbx_formal_charge 
_atom_site.auth_seq_id 
_atom_site.auth_comp_id 
_atom_site.auth_asym_id 
_atom_site.auth_atom_id 
_atom_site.pdbx_PDB_model_num 
ATOM   1    N N   . PRO A 1 1  ? 5.040   -2.827  -19.538 1.00 64.98  ? 1   PRO A N   1 
ATOM   2    C CA  . PRO A 1 1  ? 4.706   -3.840  -18.571 1.00 64.50  ? 1   PRO A CA  1 
ATOM   3    C C   . PRO A 1 1  ? 3.594   -3.539  -17.598 1.00 62.78  ? 1   PRO A C   1 
ATOM   4    O O   . PRO A 1 1  ? 3.865   -2.997  -16.490 1.00 64.25  ? 1   PRO A O   1 
ATOM   5    C CB  . PRO A 1 1  ? 6.062   -4.065  -17.804 1.00 64.74  ? 1   PRO A CB  1 
ATOM   6    C CG  . PRO A 1 1  ? 7.092   -3.856  -18.895 1.00 64.72  ? 1   PRO A CG  1 
ATOM   7    C CD  . PRO A 1 1  ? 6.505   -2.819  -19.839 1.00 64.72  ? 1   PRO A CD  1 
ATOM   8    N N   . GLN A 1 2  ? 2.394   -3.996  -17.901 1.00 59.46  ? 2   GLN A N   1 
ATOM   9    C CA  . GLN A 1 2  ? 1.263   -3.963  -16.998 1.00 56.76  ? 2   GLN A CA  1 
ATOM   10   C C   . GLN A 1 2  ? 1.339   -5.148  -16.014 1.00 54.74  ? 2   GLN A C   1 
ATOM   11   O O   . GLN A 1 2  ? 1.529   -6.331  -16.323 1.00 55.38  ? 2   GLN A O   1 
ATOM   12   C CB  . GLN A 1 2  ? -0.077  -3.912  -17.737 1.00 58.45  ? 2   GLN A CB  1 
ATOM   13   C CG  . GLN A 1 2  ? -0.187  -2.699  -18.655 1.00 60.97  ? 2   GLN A CG  1 
ATOM   14   C CD  . GLN A 1 2  ? -1.593  -2.220  -18.910 1.00 62.72  ? 2   GLN A CD  1 
ATOM   15   O OE1 . GLN A 1 2  ? -2.545  -3.036  -18.971 1.00 63.23  ? 2   GLN A OE1 1 
ATOM   16   N NE2 . GLN A 1 2  ? -1.757  -0.902  -19.134 1.00 61.18  ? 2   GLN A NE2 1 
ATOM   17   N N   . ILE A 1 3  ? 1.256   -4.778  -14.733 1.00 51.64  ? 3   ILE A N   1 
ATOM   18   C CA  . ILE A 1 3  ? 1.147   -5.675  -13.585 1.00 47.23  ? 3   ILE A CA  1 
ATOM   19   C C   . ILE A 1 3  ? -0.335  -5.602  -13.142 1.00 45.67  ? 3   ILE A C   1 
ATOM   20   O O   . ILE A 1 3  ? -0.949  -4.537  -13.177 1.00 45.06  ? 3   ILE A O   1 
ATOM   21   C CB  . ILE A 1 3  ? 2.148   -5.382  -12.448 1.00 42.61  ? 3   ILE A CB  1 
ATOM   22   C CG1 . ILE A 1 3  ? 3.607   -5.495  -12.947 1.00 42.60  ? 3   ILE A CG1 1 
ATOM   23   C CG2 . ILE A 1 3  ? 1.918   -6.280  -11.197 1.00 41.14  ? 3   ILE A CG2 1 
ATOM   24   C CD1 . ILE A 1 3  ? 4.720   -5.554  -11.881 1.00 39.58  ? 3   ILE A CD1 1 
ATOM   25   N N   . THR A 1 4  ? -0.881  -6.776  -12.881 1.00 45.10  ? 4   THR A N   1 
ATOM   26   C CA  . THR A 1 4  ? -2.330  -6.879  -12.482 1.00 42.70  ? 4   THR A CA  1 
ATOM   27   C C   . THR A 1 4  ? -2.367  -7.052  -10.979 1.00 41.83  ? 4   THR A C   1 
ATOM   28   O O   . THR A 1 4  ? -1.351  -7.365  -10.304 1.00 41.70  ? 4   THR A O   1 
ATOM   29   C CB  . THR A 1 4  ? -3.099  -7.955  -13.318 1.00 39.44  ? 4   THR A CB  1 
ATOM   30   O OG1 . THR A 1 4  ? -2.206  -9.158  -13.293 1.00 38.15  ? 4   THR A OG1 1 
ATOM   31   C CG2 . THR A 1 4  ? -3.440  -7.510  -14.751 1.00 30.67  ? 4   THR A CG2 1 
ATOM   32   N N   . LEU A 1 5  ? -3.545  -6.711  -10.425 1.00 40.04  ? 5   LEU A N   1 
ATOM   33   C CA  . LEU A 1 5  ? -3.610  -6.749  -8.929  1.00 38.05  ? 5   LEU A CA  1 
ATOM   34   C C   . LEU A 1 5  ? -4.460  -7.898  -8.524  1.00 36.69  ? 5   LEU A C   1 
ATOM   35   O O   . LEU A 1 5  ? -5.101  -7.897  -7.475  1.00 36.15  ? 5   LEU A O   1 
ATOM   36   C CB  . LEU A 1 5  ? -3.951  -5.312  -8.491  1.00 35.92  ? 5   LEU A CB  1 
ATOM   37   C CG  . LEU A 1 5  ? -2.955  -4.258  -9.034  1.00 32.96  ? 5   LEU A CG  1 
ATOM   38   C CD1 . LEU A 1 5  ? -3.534  -2.892  -9.005  1.00 30.78  ? 5   LEU A CD1 1 
ATOM   39   C CD2 . LEU A 1 5  ? -1.672  -4.401  -8.201  1.00 32.51  ? 5   LEU A CD2 1 
ATOM   40   N N   . TRP A 1 6  ? -4.462  -8.932  -9.400  1.00 36.85  ? 6   TRP A N   1 
ATOM   41   C CA  . TRP A 1 6  ? -5.225  -10.161 -9.114  1.00 36.26  ? 6   TRP A CA  1 
ATOM   42   C C   . TRP A 1 6  ? -4.559  -10.805 -7.869  1.00 36.47  ? 6   TRP A C   1 
ATOM   43   O O   . TRP A 1 6  ? -5.295  -11.358 -7.062  1.00 37.50  ? 6   TRP A O   1 
ATOM   44   C CB  . TRP A 1 6  ? -5.355  -11.193 -10.194 1.00 32.41  ? 6   TRP A CB  1 
ATOM   45   C CG  . TRP A 1 6  ? -6.350  -10.867 -11.246 1.00 32.17  ? 6   TRP A CG  1 
ATOM   46   C CD1 . TRP A 1 6  ? -6.023  -10.493 -12.536 1.00 32.09  ? 6   TRP A CD1 1 
ATOM   47   C CD2 . TRP A 1 6  ? -7.770  -10.756 -11.124 1.00 29.98  ? 6   TRP A CD2 1 
ATOM   48   N NE1 . TRP A 1 6  ? -7.164  -10.201 -13.236 1.00 33.71  ? 6   TRP A NE1 1 
ATOM   49   C CE2 . TRP A 1 6  ? -8.258  -10.367 -12.398 1.00 32.43  ? 6   TRP A CE2 1 
ATOM   50   C CE3 . TRP A 1 6  ? -8.675  -10.908 -10.105 1.00 29.43  ? 6   TRP A CE3 1 
ATOM   51   C CZ2 . TRP A 1 6  ? -9.612  -10.128 -12.654 1.00 29.98  ? 6   TRP A CZ2 1 
ATOM   52   C CZ3 . TRP A 1 6  ? -10.045 -10.675 -10.362 1.00 29.39  ? 6   TRP A CZ3 1 
ATOM   53   C CH2 . TRP A 1 6  ? -10.494 -10.312 -11.604 1.00 27.23  ? 6   TRP A CH2 1 
ATOM   54   N N   . GLN A 1 7  ? -3.252  -10.687 -7.905  1.00 36.07  ? 7   GLN A N   1 
ATOM   55   C CA  . GLN A 1 7  ? -2.343  -11.228 -6.880  1.00 35.16  ? 7   GLN A CA  1 
ATOM   56   C C   . GLN A 1 7  ? -1.500  -10.075 -6.326  1.00 35.30  ? 7   GLN A C   1 
ATOM   57   O O   . GLN A 1 7  ? -1.303  -9.031  -6.988  1.00 35.27  ? 7   GLN A O   1 
ATOM   58   C CB  . GLN A 1 7  ? -1.452  -12.344 -7.414  1.00 32.05  ? 7   GLN A CB  1 
ATOM   59   C CG  . GLN A 1 7  ? -2.156  -13.536 -7.969  1.00 32.50  ? 7   GLN A CG  1 
ATOM   60   C CD  . GLN A 1 7  ? -2.528  -13.579 -9.401  1.00 34.65  ? 7   GLN A CD  1 
ATOM   61   O OE1 . GLN A 1 7  ? -1.834  -13.145 -10.363 1.00 35.28  ? 7   GLN A OE1 1 
ATOM   62   N NE2 . GLN A 1 7  ? -3.740  -14.154 -9.644  1.00 32.98  ? 7   GLN A NE2 1 
ATOM   63   N N   . ARG A 1 8  ? -1.119  -10.272 -5.081  1.00 35.24  ? 8   ARG A N   1 
ATOM   64   C CA  . ARG A 1 8  ? -0.240  -9.266  -4.407  1.00 34.66  ? 8   ARG A CA  1 
ATOM   65   C C   . ARG A 1 8  ? 0.936   -9.022  -5.342  1.00 33.32  ? 8   ARG A C   1 
ATOM   66   O O   . ARG A 1 8  ? 1.490   -10.056 -5.789  1.00 33.71  ? 8   ARG A O   1 
ATOM   67   C CB  . ARG A 1 8  ? 0.225   -9.893  -3.089  1.00 35.15  ? 8   ARG A CB  1 
ATOM   68   C CG  . ARG A 1 8  ? 0.263   -8.899  -1.952  1.00 42.16  ? 8   ARG A CG  1 
ATOM   69   C CD  . ARG A 1 8  ? 0.327   -9.550  -0.617  1.00 44.05  ? 8   ARG A CD  1 
ATOM   70   N NE  . ARG A 1 8  ? -0.863  -10.412 -0.406  1.00 43.50  ? 8   ARG A NE  1 
ATOM   71   C CZ  . ARG A 1 8  ? -0.833  -11.288 0.620   1.00 42.56  ? 8   ARG A CZ  1 
ATOM   72   N NH1 . ARG A 1 8  ? 0.364   -11.625 1.088   1.00 42.99  ? 8   ARG A NH1 1 
ATOM   73   N NH2 . ARG A 1 8  ? -1.920  -11.844 1.118   1.00 43.48  ? 8   ARG A NH2 1 
ATOM   74   N N   . PRO A 1 9  ? 1.291   -7.772  -5.620  1.00 31.59  ? 9   PRO A N   1 
ATOM   75   C CA  . PRO A 1 9  ? 2.356   -7.375  -6.556  1.00 29.41  ? 9   PRO A CA  1 
ATOM   76   C C   . PRO A 1 9  ? 3.799   -7.440  -6.117  1.00 27.18  ? 9   PRO A C   1 
ATOM   77   O O   . PRO A 1 9  ? 4.470   -6.421  -5.891  1.00 26.73  ? 9   PRO A O   1 
ATOM   78   C CB  . PRO A 1 9  ? 1.956   -5.933  -6.903  1.00 29.01  ? 9   PRO A CB  1 
ATOM   79   C CG  . PRO A 1 9  ? 1.309   -5.420  -5.644  1.00 29.19  ? 9   PRO A CG  1 
ATOM   80   C CD  . PRO A 1 9  ? 0.533   -6.584  -5.104  1.00 30.47  ? 9   PRO A CD  1 
ATOM   81   N N   . LEU A 1 10 ? 4.423   -8.608  -6.119  1.00 25.47  ? 10  LEU A N   1 
ATOM   82   C CA  . LEU A 1 10 ? 5.722   -8.896  -5.564  1.00 25.38  ? 10  LEU A CA  1 
ATOM   83   C C   . LEU A 1 10 ? 6.806   -8.982  -6.595  1.00 25.36  ? 10  LEU A C   1 
ATOM   84   O O   . LEU A 1 10 ? 6.646   -9.824  -7.484  1.00 26.05  ? 10  LEU A O   1 
ATOM   85   C CB  . LEU A 1 10 ? 5.648   -10.215 -4.728  1.00 23.55  ? 10  LEU A CB  1 
ATOM   86   C CG  . LEU A 1 10 ? 4.988   -10.178 -3.337  1.00 20.79  ? 10  LEU A CG  1 
ATOM   87   C CD1 . LEU A 1 10 ? 4.475   -11.605 -3.054  1.00 21.42  ? 10  LEU A CD1 1 
ATOM   88   C CD2 . LEU A 1 10 ? 5.908   -9.740  -2.251  1.00 15.01  ? 10  LEU A CD2 1 
ATOM   89   N N   . VAL A 1 11 ? 7.886   -8.225  -6.410  1.00 25.57  ? 11  VAL A N   1 
ATOM   90   C CA  . VAL A 1 11 ? 8.952   -8.246  -7.452  1.00 25.28  ? 11  VAL A CA  1 
ATOM   91   C C   . VAL A 1 11 ? 10.249  -8.689  -6.804  1.00 24.88  ? 11  VAL A C   1 
ATOM   92   O O   . VAL A 1 11 ? 10.320  -8.478  -5.622  1.00 25.19  ? 11  VAL A O   1 
ATOM   93   C CB  . VAL A 1 11 ? 9.174   -6.828  -8.041  1.00 24.84  ? 11  VAL A CB  1 
ATOM   94   C CG1 . VAL A 1 11 ? 8.028   -6.385  -8.891  1.00 26.55  ? 11  VAL A CG1 1 
ATOM   95   C CG2 . VAL A 1 11 ? 9.543   -5.828  -6.959  1.00 24.27  ? 11  VAL A CG2 1 
ATOM   96   N N   . THR A 1 12 ? 11.186  -9.115  -7.655  1.00 25.51  ? 12  THR A N   1 
ATOM   97   C CA  . THR A 1 12 ? 12.556  -9.352  -7.115  1.00 25.26  ? 12  THR A CA  1 
ATOM   98   C C   . THR A 1 12 ? 13.206  -7.985  -6.982  1.00 26.03  ? 12  THR A C   1 
ATOM   99   O O   . THR A 1 12 ? 12.785  -7.006  -7.656  1.00 27.90  ? 12  THR A O   1 
ATOM   100  C CB  . THR A 1 12 ? 13.398  -10.381 -7.860  1.00 23.81  ? 12  THR A CB  1 
ATOM   101  O OG1 . THR A 1 12 ? 12.527  -11.577 -7.897  1.00 29.22  ? 12  THR A OG1 1 
ATOM   102  C CG2 . THR A 1 12 ? 14.720  -10.828 -7.179  1.00 24.14  ? 12  THR A CG2 1 
ATOM   103  N N   . ILE A 1 13 ? 14.044  -7.881  -5.961  1.00 25.04  ? 13  ILE A N   1 
ATOM   104  C CA  . ILE A 1 13 ? 14.830  -6.627  -5.721  1.00 23.53  ? 13  ILE A CA  1 
ATOM   105  C C   . ILE A 1 13 ? 16.220  -7.206  -5.495  1.00 25.10  ? 13  ILE A C   1 
ATOM   106  O O   . ILE A 1 13 ? 16.299  -8.387  -5.010  1.00 24.75  ? 13  ILE A O   1 
ATOM   107  C CB  . ILE A 1 13 ? 14.222  -5.679  -4.688  1.00 18.04  ? 13  ILE A CB  1 
ATOM   108  C CG1 . ILE A 1 13 ? 14.080  -6.188  -3.293  1.00 21.56  ? 13  ILE A CG1 1 
ATOM   109  C CG2 . ILE A 1 13 ? 12.735  -5.143  -5.120  1.00 13.52  ? 13  ILE A CG2 1 
ATOM   110  C CD1 . ILE A 1 13 ? 15.096  -6.262  -2.209  1.00 24.86  ? 13  ILE A CD1 1 
ATOM   111  N N   . LYS A 1 14 ? 17.234  -6.602  -6.034  1.00 27.91  ? 14  LYS A N   1 
ATOM   112  C CA  . LYS A 1 14 ? 18.611  -7.051  -5.723  1.00 31.35  ? 14  LYS A CA  1 
ATOM   113  C C   . LYS A 1 14 ? 19.240  -5.932  -4.869  1.00 34.02  ? 14  LYS A C   1 
ATOM   114  O O   . LYS A 1 14 ? 19.260  -4.707  -5.152  1.00 35.41  ? 14  LYS A O   1 
ATOM   115  C CB  . LYS A 1 14 ? 19.471  -7.420  -6.841  1.00 35.15  ? 14  LYS A CB  1 
ATOM   116  C CG  . LYS A 1 14 ? 20.946  -7.642  -6.434  1.00 39.29  ? 14  LYS A CG  1 
ATOM   117  C CD  . LYS A 1 14 ? 21.839  -7.395  -7.624  1.00 45.40  ? 14  LYS A CD  1 
ATOM   118  C CE  . LYS A 1 14 ? 21.706  -8.511  -8.690  1.00 48.70  ? 14  LYS A CE  1 
ATOM   119  N NZ  . LYS A 1 14 ? 22.939  -8.417  -9.600  1.00 49.23  ? 14  LYS A NZ  1 
ATOM   120  N N   . ILE A 1 15 ? 19.650  -6.412  -3.732  1.00 35.61  ? 15  ILE A N   1 
ATOM   121  C CA  . ILE A 1 15 ? 20.196  -5.483  -2.674  1.00 37.40  ? 15  ILE A CA  1 
ATOM   122  C C   . ILE A 1 15 ? 21.423  -6.187  -2.141  1.00 39.11  ? 15  ILE A C   1 
ATOM   123  O O   . ILE A 1 15 ? 21.399  -7.456  -2.085  1.00 38.71  ? 15  ILE A O   1 
ATOM   124  C CB  . ILE A 1 15 ? 19.065  -5.188  -1.627  1.00 35.87  ? 15  ILE A CB  1 
ATOM   125  C CG1 . ILE A 1 15 ? 19.620  -4.431  -0.425  1.00 36.70  ? 15  ILE A CG1 1 
ATOM   126  C CG2 . ILE A 1 15 ? 18.279  -6.463  -1.113  1.00 30.21  ? 15  ILE A CG2 1 
ATOM   127  C CD1 . ILE A 1 15 ? 19.799  -2.931  -0.468  1.00 37.64  ? 15  ILE A CD1 1 
ATOM   128  N N   . GLY A 1 16 ? 22.479  -5.495  -1.897  1.00 41.82  ? 16  GLY A N   1 
ATOM   129  C CA  . GLY A 1 16 ? 23.728  -6.003  -1.361  1.00 45.36  ? 16  GLY A CA  1 
ATOM   130  C C   . GLY A 1 16 ? 24.104  -7.423  -1.670  1.00 47.50  ? 16  GLY A C   1 
ATOM   131  O O   . GLY A 1 16 ? 24.478  -8.208  -0.750  1.00 47.11  ? 16  GLY A O   1 
ATOM   132  N N   . GLY A 1 17 ? 24.153  -7.742  -2.967  1.00 49.57  ? 17  GLY A N   1 
ATOM   133  C CA  . GLY A 1 17 ? 24.484  -9.119  -3.444  1.00 50.52  ? 17  GLY A CA  1 
ATOM   134  C C   . GLY A 1 17 ? 23.093  -9.737  -3.799  1.00 51.70  ? 17  GLY A C   1 
ATOM   135  O O   . GLY A 1 17 ? 22.682  -9.742  -4.944  1.00 52.37  ? 17  GLY A O   1 
ATOM   136  N N   . GLN A 1 18 ? 22.421  -10.075 -2.730  1.00 52.24  ? 18  GLN A N   1 
ATOM   137  C CA  . GLN A 1 18 ? 21.167  -10.646 -2.517  1.00 51.46  ? 18  GLN A CA  1 
ATOM   138  C C   . GLN A 1 18 ? 20.095  -10.228 -3.578  1.00 49.49  ? 18  GLN A C   1 
ATOM   139  O O   . GLN A 1 18 ? 19.950  -9.119  -4.049  1.00 49.07  ? 18  GLN A O   1 
ATOM   140  C CB  . GLN A 1 18 ? 20.528  -10.349 -1.138  1.00 58.32  ? 18  GLN A CB  1 
ATOM   141  C CG  . GLN A 1 18 ? 21.279  -10.208 0.098   1.00 63.89  ? 18  GLN A CG  1 
ATOM   142  C CD  . GLN A 1 18 ? 20.754  -9.490  1.319   1.00 65.30  ? 18  GLN A CD  1 
ATOM   143  O OE1 . GLN A 1 18 ? 19.652  -9.001  1.550   1.00 64.02  ? 18  GLN A OE1 1 
ATOM   144  N NE2 . GLN A 1 18 ? 21.720  -9.357  2.296   1.00 66.40  ? 18  GLN A NE2 1 
ATOM   145  N N   . LEU A 1 19 ? 19.320  -11.238 -3.800  1.00 47.76  ? 19  LEU A N   1 
ATOM   146  C CA  . LEU A 1 19 ? 18.054  -11.318 -4.421  1.00 47.30  ? 19  LEU A CA  1 
ATOM   147  C C   . LEU A 1 19 ? 17.041  -11.701 -3.291  1.00 47.91  ? 19  LEU A C   1 
ATOM   148  O O   . LEU A 1 19 ? 17.142  -12.759 -2.665  1.00 48.03  ? 19  LEU A O   1 
ATOM   149  C CB  . LEU A 1 19 ? 18.045  -12.264 -5.607  1.00 42.56  ? 19  LEU A CB  1 
ATOM   150  C CG  . LEU A 1 19 ? 18.752  -11.644 -6.825  1.00 40.24  ? 19  LEU A CG  1 
ATOM   151  C CD1 . LEU A 1 19 ? 18.884  -12.662 -7.904  1.00 41.63  ? 19  LEU A CD1 1 
ATOM   152  C CD2 . LEU A 1 19 ? 17.908  -10.477 -7.313  1.00 40.19  ? 19  LEU A CD2 1 
ATOM   153  N N   . LYS A 1 20 ? 16.245  -10.709 -3.012  1.00 47.99  ? 20  LYS A N   1 
ATOM   154  C CA  . LYS A 1 20 ? 15.135  -10.660 -2.081  1.00 45.96  ? 20  LYS A CA  1 
ATOM   155  C C   . LYS A 1 20 ? 13.888  -10.304 -2.902  1.00 43.43  ? 20  LYS A C   1 
ATOM   156  O O   . LYS A 1 20 ? 14.030  -9.852  -4.049  1.00 43.35  ? 20  LYS A O   1 
ATOM   157  C CB  . LYS A 1 20 ? 15.288  -9.521  -1.042  1.00 48.17  ? 20  LYS A CB  1 
ATOM   158  C CG  . LYS A 1 20 ? 16.349  -9.814  0.023   1.00 52.20  ? 20  LYS A CG  1 
ATOM   159  C CD  . LYS A 1 20 ? 16.109  -8.920  1.248   1.00 57.47  ? 20  LYS A CD  1 
ATOM   160  C CE  . LYS A 1 20 ? 15.036  -9.519  2.193   1.00 59.65  ? 20  LYS A CE  1 
ATOM   161  N NZ  . LYS A 1 20 ? 15.296  -8.996  3.588   1.00 60.03  ? 20  LYS A NZ  1 
ATOM   162  N N   . GLU A 1 21 ? 12.755  -10.374 -2.280  1.00 41.88  ? 21  GLU A N   1 
ATOM   163  C CA  . GLU A 1 21 ? 11.557  -9.845  -2.977  1.00 40.35  ? 21  GLU A CA  1 
ATOM   164  C C   . GLU A 1 21 ? 10.809  -8.963  -1.968  1.00 37.11  ? 21  GLU A C   1 
ATOM   165  O O   . GLU A 1 21 ? 10.790  -9.165  -0.730  1.00 37.74  ? 21  GLU A O   1 
ATOM   166  C CB  . GLU A 1 21 ? 10.711  -10.798 -3.660  1.00 50.21  ? 21  GLU A CB  1 
ATOM   167  C CG  . GLU A 1 21 ? 9.477   -11.488 -3.123  1.00 59.79  ? 21  GLU A CG  1 
ATOM   168  C CD  . GLU A 1 21 ? 9.542   -12.994 -3.090  1.00 66.90  ? 21  GLU A CD  1 
ATOM   169  O OE1 . GLU A 1 21 ? 10.603  -13.432 -3.636  1.00 71.03  ? 21  GLU A OE1 1 
ATOM   170  O OE2 . GLU A 1 21 ? 8.693   -13.727 -2.577  1.00 71.83  ? 21  GLU A OE2 1 
ATOM   171  N N   . ALA A 1 22 ? 10.208  -7.987  -2.566  1.00 31.91  ? 22  ALA A N   1 
ATOM   172  C CA  . ALA A 1 22 ? 9.449   -6.907  -2.042  1.00 26.19  ? 22  ALA A CA  1 
ATOM   173  C C   . ALA A 1 22 ? 8.144   -6.720  -2.822  1.00 22.45  ? 22  ALA A C   1 
ATOM   174  O O   . ALA A 1 22 ? 7.933   -7.198  -3.938  1.00 19.41  ? 22  ALA A O   1 
ATOM   175  C CB  . ALA A 1 22 ? 10.369  -5.659  -2.180  1.00 26.93  ? 22  ALA A CB  1 
ATOM   176  N N   . LEU A 1 23 ? 7.281   -6.008  -2.143  1.00 21.33  ? 23  LEU A N   1 
ATOM   177  C CA  . LEU A 1 23 ? 5.948   -5.632  -2.525  1.00 21.01  ? 23  LEU A CA  1 
ATOM   178  C C   . LEU A 1 23 ? 5.948   -4.181  -3.015  1.00 20.94  ? 23  LEU A C   1 
ATOM   179  O O   . LEU A 1 23 ? 6.516   -3.293  -2.404  1.00 19.42  ? 23  LEU A O   1 
ATOM   180  C CB  . LEU A 1 23 ? 5.020   -5.927  -1.307  1.00 20.75  ? 23  LEU A CB  1 
ATOM   181  C CG  . LEU A 1 23 ? 3.570   -5.487  -1.511  1.00 20.49  ? 23  LEU A CG  1 
ATOM   182  C CD1 . LEU A 1 23 ? 2.763   -6.406  -2.345  1.00 18.55  ? 23  LEU A CD1 1 
ATOM   183  C CD2 . LEU A 1 23 ? 2.953   -5.293  -0.114  1.00 21.03  ? 23  LEU A CD2 1 
ATOM   184  N N   . LEU A 1 24 ? 5.444   -4.038  -4.237  1.00 21.64  ? 24  LEU A N   1 
ATOM   185  C CA  . LEU A 1 24 ? 5.263   -2.752  -4.936  1.00 21.08  ? 24  LEU A CA  1 
ATOM   186  C C   . LEU A 1 24 ? 3.982   -2.137  -4.321  1.00 19.66  ? 24  LEU A C   1 
ATOM   187  O O   . LEU A 1 24 ? 2.862   -2.619  -4.447  1.00 18.70  ? 24  LEU A O   1 
ATOM   188  C CB  . LEU A 1 24 ? 5.280   -2.949  -6.438  1.00 21.23  ? 24  LEU A CB  1 
ATOM   189  C CG  . LEU A 1 24 ? 6.495   -3.498  -7.149  1.00 22.67  ? 24  LEU A CG  1 
ATOM   190  C CD1 . LEU A 1 24 ? 6.305   -3.466  -8.650  1.00 19.54  ? 24  LEU A CD1 1 
ATOM   191  C CD2 . LEU A 1 24 ? 7.755   -2.715  -6.777  1.00 23.80  ? 24  LEU A CD2 1 
ATOM   192  N N   . ASP A 1 25 ? 4.195   -1.064  -3.617  1.00 19.64  ? 25  ASP A N   1 
ATOM   193  C CA  . ASP A 1 25 ? 3.121   -0.525  -2.759  1.00 20.65  ? 25  ASP A CA  1 
ATOM   194  C C   . ASP A 1 25 ? 3.019   0.992   -2.810  1.00 21.03  ? 25  ASP A C   1 
ATOM   195  O O   . ASP A 1 25 ? 3.749   1.778   -2.210  1.00 20.20  ? 25  ASP A O   1 
ATOM   196  C CB  . ASP A 1 25 ? 3.298   -1.098  -1.345  1.00 19.07  ? 25  ASP A CB  1 
ATOM   197  C CG  . ASP A 1 25 ? 2.487   -0.498  -0.260  1.00 16.61  ? 25  ASP A CG  1 
ATOM   198  O OD1 . ASP A 1 25 ? 1.470   0.170   -0.524  1.00 18.16  ? 25  ASP A OD1 1 
ATOM   199  O OD2 . ASP A 1 25 ? 2.852   -0.682  0.919   1.00 17.79  ? 25  ASP A OD2 1 
ATOM   200  N N   . THR A 1 26 ? 1.905   1.319   -3.433  1.00 21.71  ? 26  THR A N   1 
ATOM   201  C CA  . THR A 1 26 ? 1.438   2.647   -3.666  1.00 24.01  ? 26  THR A CA  1 
ATOM   202  C C   . THR A 1 26 ? 0.925   3.272   -2.410  1.00 26.17  ? 26  THR A C   1 
ATOM   203  O O   . THR A 1 26 ? 0.719   4.533   -2.392  1.00 28.61  ? 26  THR A O   1 
ATOM   204  C CB  . THR A 1 26 ? 0.476   2.626   -4.915  1.00 24.91  ? 26  THR A CB  1 
ATOM   205  O OG1 . THR A 1 26 ? -0.792  2.084   -4.539  1.00 24.28  ? 26  THR A OG1 1 
ATOM   206  C CG2 . THR A 1 26 ? 1.173   1.799   -6.050  1.00 25.90  ? 26  THR A CG2 1 
ATOM   207  N N   . GLY A 1 27 ? 0.842   2.501   -1.333  1.00 25.47  ? 27  GLY A N   1 
ATOM   208  C CA  . GLY A 1 27 ? 0.342   3.056   -0.050  1.00 25.22  ? 27  GLY A CA  1 
ATOM   209  C C   . GLY A 1 27 ? 1.518   3.557   0.776   1.00 25.00  ? 27  GLY A C   1 
ATOM   210  O O   . GLY A 1 27 ? 1.279   4.462   1.615   1.00 27.24  ? 27  GLY A O   1 
ATOM   211  N N   . ALA A 1 28 ? 2.698   3.032   0.595   1.00 22.14  ? 28  ALA A N   1 
ATOM   212  C CA  . ALA A 1 28 ? 3.884   3.420   1.254   1.00 22.68  ? 28  ALA A CA  1 
ATOM   213  C C   . ALA A 1 28 ? 4.624   4.553   0.474   1.00 25.58  ? 28  ALA A C   1 
ATOM   214  O O   . ALA A 1 28 ? 4.963   4.468   -0.703  1.00 26.66  ? 28  ALA A O   1 
ATOM   215  C CB  . ALA A 1 28 ? 4.862   2.273   1.473   1.00 19.92  ? 28  ALA A CB  1 
ATOM   216  N N   . ASP A 1 29 ? 4.909   5.579   1.234   1.00 26.93  ? 29  ASP A N   1 
ATOM   217  C CA  . ASP A 1 29 ? 5.639   6.768   0.983   1.00 28.16  ? 29  ASP A CA  1 
ATOM   218  C C   . ASP A 1 29 ? 7.144   6.442   0.789   1.00 28.43  ? 29  ASP A C   1 
ATOM   219  O O   . ASP A 1 29 ? 7.819   6.977   -0.099  1.00 28.15  ? 29  ASP A O   1 
ATOM   220  C CB  . ASP A 1 29 ? 5.505   7.787   2.149   1.00 28.25  ? 29  ASP A CB  1 
ATOM   221  C CG  . ASP A 1 29 ? 4.145   8.386   2.290   1.00 30.79  ? 29  ASP A CG  1 
ATOM   222  O OD1 . ASP A 1 29 ? 3.239   8.145   1.467   1.00 31.36  ? 29  ASP A OD1 1 
ATOM   223  O OD2 . ASP A 1 29 ? 3.882   9.115   3.289   1.00 34.06  ? 29  ASP A OD2 1 
ATOM   224  N N   . ASP A 1 30 ? 7.603   5.680   1.761   1.00 28.52  ? 30  ASP A N   1 
ATOM   225  C CA  . ASP A 1 30 ? 9.014   5.276   1.846   1.00 28.50  ? 30  ASP A CA  1 
ATOM   226  C C   . ASP A 1 30 ? 9.090   3.740   1.651   1.00 25.81  ? 30  ASP A C   1 
ATOM   227  O O   . ASP A 1 30 ? 8.037   3.082   1.548   1.00 26.16  ? 30  ASP A O   1 
ATOM   228  C CB  . ASP A 1 30 ? 9.681   5.697   3.144   1.00 36.16  ? 30  ASP A CB  1 
ATOM   229  C CG  . ASP A 1 30 ? 9.108   6.972   3.746   1.00 41.83  ? 30  ASP A CG  1 
ATOM   230  O OD1 . ASP A 1 30 ? 9.526   8.076   3.294   1.00 45.49  ? 30  ASP A OD1 1 
ATOM   231  O OD2 . ASP A 1 30 ? 8.259   6.833   4.666   1.00 41.63  ? 30  ASP A OD2 1 
ATOM   232  N N   . THR A 1 31 ? 10.313  3.340   1.618   1.00 22.36  ? 31  THR A N   1 
ATOM   233  C CA  . THR A 1 31 ? 10.650  1.898   1.398   1.00 21.07  ? 31  THR A CA  1 
ATOM   234  C C   . THR A 1 31 ? 11.050  1.379   2.750   1.00 20.70  ? 31  THR A C   1 
ATOM   235  O O   . THR A 1 31 ? 11.874  2.183   3.329   1.00 21.81  ? 31  THR A O   1 
ATOM   236  C CB  . THR A 1 31 ? 11.757  1.879   0.261   1.00 16.59  ? 31  THR A CB  1 
ATOM   237  O OG1 . THR A 1 31 ? 11.015  2.270   -0.972  1.00 15.49  ? 31  THR A OG1 1 
ATOM   238  C CG2 . THR A 1 31 ? 12.493  0.614   -0.024  1.00 16.20  ? 31  THR A CG2 1 
ATOM   239  N N   . VAL A 1 32 ? 10.503  0.324   3.294   1.00 19.63  ? 32  VAL A N   1 
ATOM   240  C CA  . VAL A 1 32 ? 10.907  -0.337  4.527   1.00 20.10  ? 32  VAL A CA  1 
ATOM   241  C C   . VAL A 1 32 ? 11.431  -1.767  4.109   1.00 21.18  ? 32  VAL A C   1 
ATOM   242  O O   . VAL A 1 32 ? 10.743  -2.351  3.302   1.00 20.76  ? 32  VAL A O   1 
ATOM   243  C CB  . VAL A 1 32 ? 9.936   -0.575  5.684   1.00 16.19  ? 32  VAL A CB  1 
ATOM   244  C CG1 . VAL A 1 32 ? 10.645  -0.468  7.092   1.00 13.38  ? 32  VAL A CG1 1 
ATOM   245  C CG2 . VAL A 1 32 ? 8.717   0.220   5.702   1.00 18.68  ? 32  VAL A CG2 1 
ATOM   246  N N   . LEU A 1 33 ? 12.461  -2.184  4.785   1.00 24.01  ? 33  LEU A N   1 
ATOM   247  C CA  . LEU A 1 33 ? 13.146  -3.464  4.559   1.00 27.24  ? 33  LEU A CA  1 
ATOM   248  C C   . LEU A 1 33 ? 13.248  -4.273  5.855   1.00 28.79  ? 33  LEU A C   1 
ATOM   249  O O   . LEU A 1 33 ? 13.090  -3.801  6.980   1.00 28.36  ? 33  LEU A O   1 
ATOM   250  C CB  . LEU A 1 33 ? 14.496  -3.211  3.874   1.00 30.97  ? 33  LEU A CB  1 
ATOM   251  C CG  . LEU A 1 33 ? 14.621  -2.943  2.396   1.00 33.77  ? 33  LEU A CG  1 
ATOM   252  C CD1 . LEU A 1 33 ? 16.104  -3.052  1.954   1.00 34.77  ? 33  LEU A CD1 1 
ATOM   253  C CD2 . LEU A 1 33 ? 13.787  -3.941  1.585   1.00 33.70  ? 33  LEU A CD2 1 
ATOM   254  N N   . GLU A 1 34 ? 13.416  -5.578  5.654   1.00 31.18  ? 34  GLU A N   1 
ATOM   255  C CA  . GLU A 1 34 ? 13.559  -6.507  6.778   1.00 33.78  ? 34  GLU A CA  1 
ATOM   256  C C   . GLU A 1 34 ? 14.791  -5.974  7.541   1.00 33.96  ? 34  GLU A C   1 
ATOM   257  O O   . GLU A 1 34 ? 15.682  -5.527  6.844   1.00 33.35  ? 34  GLU A O   1 
ATOM   258  C CB  . GLU A 1 34 ? 13.944  -7.893  6.372   1.00 43.51  ? 34  GLU A CB  1 
ATOM   259  C CG  . GLU A 1 34 ? 13.214  -8.820  5.484   1.00 52.46  ? 34  GLU A CG  1 
ATOM   260  C CD  . GLU A 1 34 ? 11.744  -9.030  5.698   1.00 58.73  ? 34  GLU A CD  1 
ATOM   261  O OE1 . GLU A 1 34 ? 11.034  -8.235  6.336   1.00 62.49  ? 34  GLU A OE1 1 
ATOM   262  O OE2 . GLU A 1 34 ? 11.352  -10.097 5.150   1.00 61.54  ? 34  GLU A OE2 1 
ATOM   263  N N   . GLU A 1 35 ? 14.817  -6.126  8.809   1.00 36.72  ? 35  GLU A N   1 
ATOM   264  C CA  . GLU A 1 35 ? 15.998  -5.725  9.636   1.00 38.75  ? 35  GLU A CA  1 
ATOM   265  C C   . GLU A 1 35 ? 17.269  -6.221  8.982   1.00 38.82  ? 35  GLU A C   1 
ATOM   266  O O   . GLU A 1 35 ? 17.424  -7.434  8.706   1.00 39.13  ? 35  GLU A O   1 
ATOM   267  C CB  . GLU A 1 35 ? 15.840  -6.392  10.992  1.00 42.57  ? 35  GLU A CB  1 
ATOM   268  C CG  . GLU A 1 35 ? 16.666  -5.927  12.134  1.00 50.38  ? 35  GLU A CG  1 
ATOM   269  C CD  . GLU A 1 35 ? 16.302  -4.607  12.739  1.00 56.60  ? 35  GLU A CD  1 
ATOM   270  O OE1 . GLU A 1 35 ? 15.062  -4.570  13.027  1.00 61.32  ? 35  GLU A OE1 1 
ATOM   271  O OE2 . GLU A 1 35 ? 17.064  -3.678  12.948  1.00 59.52  ? 35  GLU A OE2 1 
ATOM   272  N N   . MET A 1 36 ? 18.178  -5.371  8.634   1.00 39.16  ? 36  MET A N   1 
ATOM   273  C CA  . MET A 1 36 ? 19.481  -5.686  8.027   1.00 40.18  ? 36  MET A CA  1 
ATOM   274  C C   . MET A 1 36 ? 20.437  -4.554  8.385   1.00 42.85  ? 36  MET A C   1 
ATOM   275  O O   . MET A 1 36 ? 20.039  -3.609  9.120   1.00 43.23  ? 36  MET A O   1 
ATOM   276  C CB  . MET A 1 36 ? 19.395  -5.945  6.549   1.00 37.68  ? 36  MET A CB  1 
ATOM   277  C CG  . MET A 1 36 ? 18.910  -4.723  5.801   1.00 34.85  ? 36  MET A CG  1 
ATOM   278  S SD  . MET A 1 36 ? 18.714  -5.145  4.062   1.00 31.98  ? 36  MET A SD  1 
ATOM   279  C CE  . MET A 1 36 ? 20.308  -6.048  3.816   1.00 28.88  ? 36  MET A CE  1 
ATOM   280  N N   . SER A 1 37 ? 21.656  -4.623  7.892   1.00 46.15  ? 37  SER A N   1 
ATOM   281  C CA  . SER A 1 37 ? 22.617  -3.526  8.268   1.00 49.80  ? 37  SER A CA  1 
ATOM   282  C C   . SER A 1 37 ? 23.234  -2.907  7.036   1.00 51.00  ? 37  SER A C   1 
ATOM   283  O O   . SER A 1 37 ? 24.049  -3.492  6.295   1.00 51.59  ? 37  SER A O   1 
ATOM   284  C CB  . SER A 1 37 ? 23.590  -4.078  9.317   1.00 54.25  ? 37  SER A CB  1 
ATOM   285  O OG  . SER A 1 37 ? 23.413  -3.477  10.558  0.00 -10.00 ? 37  SER A OG  1 
ATOM   286  N N   . LEU A 1 38 ? 22.803  -1.679  6.791   1.00 52.05  ? 38  LEU A N   1 
ATOM   287  C CA  . LEU A 1 38 ? 23.282  -0.821  5.720   1.00 53.09  ? 38  LEU A CA  1 
ATOM   288  C C   . LEU A 1 38 ? 24.488  -0.044  6.194   1.00 55.31  ? 38  LEU A C   1 
ATOM   289  O O   . LEU A 1 38 ? 24.776  0.123   7.397   1.00 56.51  ? 38  LEU A O   1 
ATOM   290  C CB  . LEU A 1 38 ? 22.091  0.037   5.238   1.00 50.63  ? 38  LEU A CB  1 
ATOM   291  C CG  . LEU A 1 38 ? 20.972  -0.856  4.620   1.00 50.15  ? 38  LEU A CG  1 
ATOM   292  C CD1 . LEU A 1 38 ? 19.762  -0.056  4.244   1.00 48.35  ? 38  LEU A CD1 1 
ATOM   293  C CD2 . LEU A 1 38 ? 21.625  -1.537  3.406   1.00 49.82  ? 38  LEU A CD2 1 
ATOM   294  N N   . PRO A 1 39 ? 25.254  0.382   5.231   1.00 57.39  ? 39  PRO A N   1 
ATOM   295  C CA  . PRO A 1 39 ? 26.471  1.172   5.438   1.00 57.75  ? 39  PRO A CA  1 
ATOM   296  C C   . PRO A 1 39 ? 26.109  2.651   5.518   1.00 58.30  ? 39  PRO A C   1 
ATOM   297  O O   . PRO A 1 39 ? 25.336  3.306   4.787   1.00 57.36  ? 39  PRO A O   1 
ATOM   298  C CB  . PRO A 1 39 ? 27.373  0.778   4.301   1.00 57.88  ? 39  PRO A CB  1 
ATOM   299  C CG  . PRO A 1 39 ? 26.605  -0.167  3.411   1.00 57.87  ? 39  PRO A CG  1 
ATOM   300  C CD  . PRO A 1 39 ? 25.111  0.136   3.754   1.00 58.42  ? 39  PRO A CD  1 
ATOM   301  N N   . GLY A 1 40 ? 26.759  3.192   6.560   1.00 59.34  ? 40  GLY A N   1 
ATOM   302  C CA  . GLY A 1 40 ? 26.656  4.618   6.879   1.00 59.52  ? 40  GLY A CA  1 
ATOM   303  C C   . GLY A 1 40 ? 25.889  4.784   8.190   1.00 59.06  ? 40  GLY A C   1 
ATOM   304  O O   . GLY A 1 40 ? 25.667  3.851   8.977   1.00 59.85  ? 40  GLY A O   1 
ATOM   305  N N   . ARG A 1 41 ? 25.501  6.048   8.353   1.00 57.57  ? 41  ARG A N   1 
ATOM   306  C CA  . ARG A 1 41 ? 24.720  6.395   9.521   1.00 56.28  ? 41  ARG A CA  1 
ATOM   307  C C   . ARG A 1 41 ? 23.258  6.567   9.063   1.00 55.28  ? 41  ARG A C   1 
ATOM   308  O O   . ARG A 1 41 ? 22.924  6.955   7.946   1.00 54.81  ? 41  ARG A O   1 
ATOM   309  C CB  . ARG A 1 41 ? 25.229  7.586   10.272  1.00 59.21  ? 41  ARG A CB  1 
ATOM   310  C CG  . ARG A 1 41 ? 25.838  7.325   11.666  0.00 -10.00 ? 41  ARG A CG  1 
ATOM   311  C CD  . ARG A 1 41 ? 26.345  8.587   12.326  0.00 -10.00 ? 41  ARG A CD  1 
ATOM   312  N NE  . ARG A 1 41 ? 26.743  8.211   13.718  0.00 -10.00 ? 41  ARG A NE  1 
ATOM   313  C CZ  . ARG A 1 41 ? 27.328  9.044   14.563  0.00 -10.00 ? 41  ARG A CZ  1 
ATOM   314  N NH1 . ARG A 1 41 ? 27.457  10.302  14.153  0.00 -10.00 ? 41  ARG A NH1 1 
ATOM   315  N NH2 . ARG A 1 41 ? 27.781  8.736   15.761  0.00 -10.00 ? 41  ARG A NH2 1 
ATOM   316  N N   . TRP A 1 42 ? 22.484  6.273   10.089  1.00 53.96  ? 42  TRP A N   1 
ATOM   317  C CA  . TRP A 1 42 ? 21.043  6.309   10.066  1.00 52.17  ? 42  TRP A CA  1 
ATOM   318  C C   . TRP A 1 42 ? 20.500  7.332   11.045  1.00 49.75  ? 42  TRP A C   1 
ATOM   319  O O   . TRP A 1 42 ? 21.168  7.852   11.938  1.00 49.40  ? 42  TRP A O   1 
ATOM   320  C CB  . TRP A 1 42 ? 20.524  4.877   10.316  1.00 55.82  ? 42  TRP A CB  1 
ATOM   321  C CG  . TRP A 1 42 ? 21.222  4.173   11.424  1.00 56.97  ? 42  TRP A CG  1 
ATOM   322  C CD1 . TRP A 1 42 ? 22.359  3.413   11.413  1.00 56.57  ? 42  TRP A CD1 1 
ATOM   323  C CD2 . TRP A 1 42 ? 20.744  4.194   12.781  1.00 58.41  ? 42  TRP A CD2 1 
ATOM   324  N NE1 . TRP A 1 42 ? 22.646  2.965   12.690  1.00 56.75  ? 42  TRP A NE1 1 
ATOM   325  C CE2 . TRP A 1 42 ? 21.660  3.413   13.537  1.00 59.56  ? 42  TRP A CE2 1 
ATOM   326  C CE3 . TRP A 1 42 ? 19.644  4.805   13.393  1.00 58.62  ? 42  TRP A CE3 1 
ATOM   327  C CZ2 . TRP A 1 42 ? 21.475  3.224   14.912  1.00 60.57  ? 42  TRP A CZ2 1 
ATOM   328  C CZ3 . TRP A 1 42 ? 19.457  4.612   14.754  1.00 58.83  ? 42  TRP A CZ3 1 
ATOM   329  C CH2 . TRP A 1 42 ? 20.353  3.838   15.498  1.00 60.34  ? 42  TRP A CH2 1 
ATOM   330  N N   . LYS A 1 43 ? 19.292  7.727   10.728  1.00 47.71  ? 43  LYS A N   1 
ATOM   331  C CA  . LYS A 1 43 ? 18.472  8.599   11.567  1.00 45.98  ? 43  LYS A CA  1 
ATOM   332  C C   . LYS A 1 43 ? 17.284  7.648   11.899  1.00 45.74  ? 43  LYS A C   1 
ATOM   333  O O   . LYS A 1 43 ? 16.852  7.043   10.904  1.00 46.56  ? 43  LYS A O   1 
ATOM   334  C CB  . LYS A 1 43 ? 18.069  9.858   10.845  1.00 39.55  ? 43  LYS A CB  1 
ATOM   335  C CG  . LYS A 1 43 ? 18.393  11.239  11.462  0.00 -10.00 ? 43  LYS A CG  1 
ATOM   336  C CD  . LYS A 1 43 ? 17.803  12.293  10.514  0.00 -10.00 ? 43  LYS A CD  1 
ATOM   337  C CE  . LYS A 1 43 ? 17.841  13.770  10.777  0.00 -10.00 ? 43  LYS A CE  1 
ATOM   338  N NZ  . LYS A 1 43 ? 18.424  14.122  12.081  0.00 -10.00 ? 43  LYS A NZ  1 
ATOM   339  N N   . PRO A 1 44 ? 16.981  7.446   13.156  1.00 45.18  ? 44  PRO A N   1 
ATOM   340  C CA  . PRO A 1 44 ? 15.789  6.750   13.656  1.00 43.80  ? 44  PRO A CA  1 
ATOM   341  C C   . PRO A 1 44 ? 14.519  7.594   13.342  1.00 41.06  ? 44  PRO A C   1 
ATOM   342  O O   . PRO A 1 44 ? 14.509  8.834   13.444  1.00 41.24  ? 44  PRO A O   1 
ATOM   343  C CB  . PRO A 1 44 ? 15.935  6.672   15.174  1.00 44.52  ? 44  PRO A CB  1 
ATOM   344  C CG  . PRO A 1 44 ? 17.354  7.121   15.450  1.00 44.53  ? 44  PRO A CG  1 
ATOM   345  C CD  . PRO A 1 44 ? 17.591  8.174   14.328  1.00 44.62  ? 44  PRO A CD  1 
ATOM   346  N N   . LYS A 1 45 ? 13.496  6.887   13.023  1.00 38.12  ? 45  LYS A N   1 
ATOM   347  C CA  . LYS A 1 45 ? 12.204  7.361   12.574  1.00 35.24  ? 45  LYS A CA  1 
ATOM   348  C C   . LYS A 1 45 ? 11.149  6.388   13.073  1.00 32.95  ? 45  LYS A C   1 
ATOM   349  O O   . LYS A 1 45 ? 11.503  5.239   13.354  1.00 31.88  ? 45  LYS A O   1 
ATOM   350  C CB  . LYS A 1 45 ? 12.220  7.290   11.047  1.00 38.21  ? 45  LYS A CB  1 
ATOM   351  C CG  . LYS A 1 45 ? 11.249  8.174   10.328  1.00 40.82  ? 45  LYS A CG  1 
ATOM   352  C CD  . LYS A 1 45 ? 11.865  8.741   9.062   1.00 41.53  ? 45  LYS A CD  1 
ATOM   353  C CE  . LYS A 1 45 ? 10.783  9.078   8.014   1.00 43.00  ? 45  LYS A CE  1 
ATOM   354  N NZ  . LYS A 1 45 ? 11.532  9.380   6.709   1.00 45.86  ? 45  LYS A NZ  1 
ATOM   355  N N   . MET A 1 46 ? 9.943   6.860   13.147  1.00 31.96  ? 46  MET A N   1 
ATOM   356  C CA  . MET A 1 46 ? 8.756   6.072   13.554  1.00 30.10  ? 46  MET A CA  1 
ATOM   357  C C   . MET A 1 46 ? 7.781   6.125   12.314  1.00 28.86  ? 46  MET A C   1 
ATOM   358  O O   . MET A 1 46 ? 7.326   7.236   12.000  1.00 29.86  ? 46  MET A O   1 
ATOM   359  C CB  . MET A 1 46 ? 8.005   6.530   14.739  1.00 25.19  ? 46  MET A CB  1 
ATOM   360  C CG  . MET A 1 46 ? 8.383   6.631   16.040  1.00 23.10  ? 46  MET A CG  1 
ATOM   361  S SD  . MET A 1 46 ? 8.946   5.328   16.966  1.00 30.19  ? 46  MET A SD  1 
ATOM   362  C CE  . MET A 1 46 ? 7.503   4.600   17.749  1.00 28.36  ? 46  MET A CE  1 
ATOM   363  N N   . ILE A 1 47 ? 7.514   4.969   11.759  1.00 25.91  ? 47  ILE A N   1 
ATOM   364  C CA  . ILE A 1 47 ? 6.531   4.978   10.629  1.00 24.87  ? 47  ILE A CA  1 
ATOM   365  C C   . ILE A 1 47 ? 5.307   4.274   11.140  1.00 24.48  ? 47  ILE A C   1 
ATOM   366  O O   . ILE A 1 47 ? 5.401   3.166   11.771  1.00 24.55  ? 47  ILE A O   1 
ATOM   367  C CB  . ILE A 1 47 ? 7.197   4.472   9.318   1.00 24.35  ? 47  ILE A CB  1 
ATOM   368  C CG1 . ILE A 1 47 ? 6.977   2.967   9.069   1.00 26.61  ? 47  ILE A CG1 1 
ATOM   369  C CG2 . ILE A 1 47 ? 8.708   4.816   9.188   1.00 27.03  ? 47  ILE A CG2 1 
ATOM   370  C CD1 . ILE A 1 47 ? 8.071   2.159   8.340   1.00 26.63  ? 47  ILE A CD1 1 
ATOM   371  N N   . GLY A 1 48 ? 4.093   4.797   10.890  1.00 23.57  ? 48  GLY A N   1 
ATOM   372  C CA  . GLY A 1 48 ? 2.981   3.942   11.428  1.00 24.83  ? 48  GLY A CA  1 
ATOM   373  C C   . GLY A 1 48 ? 1.905   3.702   10.422  1.00 25.88  ? 48  GLY A C   1 
ATOM   374  O O   . GLY A 1 48 ? 1.572   4.646   9.694   1.00 27.28  ? 48  GLY A O   1 
ATOM   375  N N   . GLY A 1 49 ? 1.264   2.563   10.467  1.00 26.41  ? 49  GLY A N   1 
ATOM   376  C CA  . GLY A 1 49 ? 0.119   2.255   9.580   1.00 27.93  ? 49  GLY A CA  1 
ATOM   377  C C   . GLY A 1 49 ? -1.011  1.634   10.432  1.00 28.72  ? 49  GLY A C   1 
ATOM   378  O O   . GLY A 1 49 ? -1.351  2.153   11.508  1.00 29.27  ? 49  GLY A O   1 
ATOM   379  N N   . ILE A 1 50 ? -1.476  0.485   9.961   1.00 27.43  ? 50  ILE A N   1 
ATOM   380  C CA  . ILE A 1 50 ? -2.501  -0.333  10.634  1.00 25.72  ? 50  ILE A CA  1 
ATOM   381  C C   . ILE A 1 50 ? -1.942  -1.156  11.758  1.00 24.85  ? 50  ILE A C   1 
ATOM   382  O O   . ILE A 1 50 ? -0.965  -1.919  11.634  1.00 23.69  ? 50  ILE A O   1 
ATOM   383  C CB  . ILE A 1 50 ? -3.191  -1.184  9.487   1.00 25.86  ? 50  ILE A CB  1 
ATOM   384  C CG1 . ILE A 1 50 ? -4.230  -0.246  8.863   1.00 23.93  ? 50  ILE A CG1 1 
ATOM   385  C CG2 . ILE A 1 50 ? -3.662  -2.563  9.968   1.00 25.77  ? 50  ILE A CG2 1 
ATOM   386  C CD1 . ILE A 1 50 ? -5.469  -0.809  8.249   1.00 24.43  ? 50  ILE A CD1 1 
ATOM   387  N N   . GLY A 1 51 ? -2.468  -0.931  12.971  1.00 24.25  ? 51  GLY A N   1 
ATOM   388  C CA  . GLY A 1 51 ? -1.837  -1.667  14.101  1.00 25.11  ? 51  GLY A CA  1 
ATOM   389  C C   . GLY A 1 51 ? -0.749  -0.776  14.688  1.00 25.41  ? 51  GLY A C   1 
ATOM   390  O O   . GLY A 1 51 ? 0.025   -1.219  15.587  1.00 26.75  ? 51  GLY A O   1 
ATOM   391  N N   . GLY A 1 52 ? -0.651  0.441   14.210  1.00 23.78  ? 52  GLY A N   1 
ATOM   392  C CA  . GLY A 1 52 ? 0.238   1.418   14.753  1.00 23.83  ? 52  GLY A CA  1 
ATOM   393  C C   . GLY A 1 52 ? 1.602   1.596   14.163  1.00 22.74  ? 52  GLY A C   1 
ATOM   394  O O   . GLY A 1 52 ? 1.853   1.142   13.062  1.00 23.28  ? 52  GLY A O   1 
ATOM   395  N N   . PHE A 1 53 ? 2.471   2.238   14.959  1.00 21.45  ? 53  PHE A N   1 
ATOM   396  C CA  . PHE A 1 53 ? 3.807   2.652   14.650  1.00 21.10  ? 53  PHE A CA  1 
ATOM   397  C C   . PHE A 1 53 ? 4.935   1.723   14.865  1.00 21.73  ? 53  PHE A C   1 
ATOM   398  O O   . PHE A 1 53 ? 4.970   1.072   15.950  1.00 24.97  ? 53  PHE A O   1 
ATOM   399  C CB  . PHE A 1 53 ? 4.036   3.986   15.524  1.00 18.90  ? 53  PHE A CB  1 
ATOM   400  C CG  . PHE A 1 53 ? 3.256   5.150   14.976  1.00 17.19  ? 53  PHE A CG  1 
ATOM   401  C CD1 . PHE A 1 53 ? 1.892   5.265   15.182  1.00 17.29  ? 53  PHE A CD1 1 
ATOM   402  C CD2 . PHE A 1 53 ? 3.863   6.062   14.119  1.00 14.82  ? 53  PHE A CD2 1 
ATOM   403  C CE1 . PHE A 1 53 ? 1.173   6.343   14.616  1.00 18.58  ? 53  PHE A CE1 1 
ATOM   404  C CE2 . PHE A 1 53 ? 3.155   7.097   13.539  1.00 12.42  ? 53  PHE A CE2 1 
ATOM   405  C CZ  . PHE A 1 53 ? 1.816   7.273   13.794  1.00 12.50  ? 53  PHE A CZ  1 
ATOM   406  N N   . ILE A 1 54 ? 5.971   1.651   14.051  1.00 21.87  ? 54  ILE A N   1 
ATOM   407  C CA  . ILE A 1 54 ? 7.213   0.874   14.383  1.00 21.56  ? 54  ILE A CA  1 
ATOM   408  C C   . ILE A 1 54 ? 8.430   1.777   14.225  1.00 23.59  ? 54  ILE A C   1 
ATOM   409  O O   . ILE A 1 54 ? 8.410   2.823   13.488  1.00 23.30  ? 54  ILE A O   1 
ATOM   410  C CB  . ILE A 1 54 ? 7.284   -0.425  13.538  1.00 18.22  ? 54  ILE A CB  1 
ATOM   411  C CG1 . ILE A 1 54 ? 7.218   0.001   12.020  1.00 18.92  ? 54  ILE A CG1 1 
ATOM   412  C CG2 . ILE A 1 54 ? 6.188   -1.434  13.884  1.00 14.95  ? 54  ILE A CG2 1 
ATOM   413  C CD1 . ILE A 1 54 ? 8.087   -0.944  11.090  1.00 19.27  ? 54  ILE A CD1 1 
ATOM   414  N N   . LYS A 1 55 ? 9.558   1.343   14.789  1.00 24.92  ? 55  LYS A N   1 
ATOM   415  C CA  . LYS A 1 55 ? 10.836  2.113   14.779  1.00 25.46  ? 55  LYS A CA  1 
ATOM   416  C C   . LYS A 1 55 ? 11.861  1.602   13.817  1.00 25.35  ? 55  LYS A C   1 
ATOM   417  O O   . LYS A 1 55 ? 12.466  0.548   14.016  1.00 26.59  ? 55  LYS A O   1 
ATOM   418  C CB  . LYS A 1 55 ? 11.391  2.124   16.204  1.00 28.62  ? 55  LYS A CB  1 
ATOM   419  C CG  . LYS A 1 55 ? 12.281  3.314   16.532  1.00 35.58  ? 55  LYS A CG  1 
ATOM   420  C CD  . LYS A 1 55 ? 13.743  2.856   16.583  1.00 42.73  ? 55  LYS A CD  1 
ATOM   421  C CE  . LYS A 1 55 ? 14.709  3.999   16.678  1.00 47.89  ? 55  LYS A CE  1 
ATOM   422  N NZ  . LYS A 1 55 ? 14.180  5.018   17.678  1.00 51.46  ? 55  LYS A NZ  1 
ATOM   423  N N   . VAL A 1 56 ? 12.133  2.303   12.764  1.00 26.88  ? 56  VAL A N   1 
ATOM   424  C CA  . VAL A 1 56 ? 13.005  1.998   11.593  1.00 25.95  ? 56  VAL A CA  1 
ATOM   425  C C   . VAL A 1 56 ? 14.279  2.806   11.663  1.00 27.98  ? 56  VAL A C   1 
ATOM   426  O O   . VAL A 1 56 ? 14.451  3.609   12.623  1.00 31.05  ? 56  VAL A O   1 
ATOM   427  C CB  . VAL A 1 56 ? 12.114  2.209   10.326  1.00 18.09  ? 56  VAL A CB  1 
ATOM   428  C CG1 . VAL A 1 56 ? 10.922  1.246   10.301  1.00 14.09  ? 56  VAL A CG1 1 
ATOM   429  C CG2 . VAL A 1 56 ? 11.648  3.629   10.173  1.00 11.30  ? 56  VAL A CG2 1 
ATOM   430  N N   . ARG A 1 57 ? 15.324  2.508   10.929  1.00 28.89  ? 57  ARG A N   1 
ATOM   431  C CA  . ARG A 1 57 ? 16.566  3.257   10.827  1.00 29.83  ? 57  ARG A CA  1 
ATOM   432  C C   . ARG A 1 57 ? 16.631  3.771   9.359   1.00 30.60  ? 57  ARG A C   1 
ATOM   433  O O   . ARG A 1 57 ? 16.622  2.927   8.461   1.00 32.40  ? 57  ARG A O   1 
ATOM   434  C CB  . ARG A 1 57 ? 17.850  2.573   11.096  1.00 30.20  ? 57  ARG A CB  1 
ATOM   435  C CG  . ARG A 1 57 ? 18.081  2.082   12.485  1.00 36.30  ? 57  ARG A CG  1 
ATOM   436  C CD  . ARG A 1 57 ? 19.205  1.039   12.430  1.00 41.89  ? 57  ARG A CD  1 
ATOM   437  N NE  . ARG A 1 57 ? 18.704  -0.099  11.649  1.00 46.57  ? 57  ARG A NE  1 
ATOM   438  C CZ  . ARG A 1 57 ? 19.287  -1.302  11.746  1.00 50.14  ? 57  ARG A CZ  1 
ATOM   439  N NH1 . ARG A 1 57 ? 20.632  -1.325  11.893  1.00 53.41  ? 57  ARG A NH1 1 
ATOM   440  N NH2 . ARG A 1 57 ? 18.583  -2.417  11.641  1.00 48.65  ? 57  ARG A NH2 1 
ATOM   441  N N   . GLN A 1 58 ? 16.650  5.050   9.229   1.00 30.45  ? 58  GLN A N   1 
ATOM   442  C CA  . GLN A 1 58 ? 16.647  5.703   7.890   1.00 30.13  ? 58  GLN A CA  1 
ATOM   443  C C   . GLN A 1 58 ? 18.073  5.699   7.388   1.00 29.79  ? 58  GLN A C   1 
ATOM   444  O O   . GLN A 1 58 ? 18.956  5.836   8.224   1.00 30.14  ? 58  GLN A O   1 
ATOM   445  C CB  . GLN A 1 58 ? 16.037  7.061   8.027   1.00 31.37  ? 58  GLN A CB  1 
ATOM   446  C CG  . GLN A 1 58 ? 16.620  8.079   7.114   1.00 40.01  ? 58  GLN A CG  1 
ATOM   447  C CD  . GLN A 1 58 ? 15.871  9.413   7.175   1.00 43.37  ? 58  GLN A CD  1 
ATOM   448  O OE1 . GLN A 1 58 ? 14.704  9.475   7.519   1.00 43.19  ? 58  GLN A OE1 1 
ATOM   449  N NE2 . GLN A 1 58 ? 16.664  10.449  6.826   1.00 45.10  ? 58  GLN A NE2 1 
ATOM   450  N N   . TYR A 1 59 ? 18.343  5.386   6.179   1.00 30.69  ? 59  TYR A N   1 
ATOM   451  C CA  . TYR A 1 59 ? 19.583  5.420   5.437   1.00 31.93  ? 59  TYR A CA  1 
ATOM   452  C C   . TYR A 1 59 ? 19.211  6.095   4.053   1.00 32.77  ? 59  TYR A C   1 
ATOM   453  O O   . TYR A 1 59 ? 18.313  5.684   3.367   1.00 31.00  ? 59  TYR A O   1 
ATOM   454  C CB  . TYR A 1 59 ? 20.404  4.196   5.127   1.00 29.92  ? 59  TYR A CB  1 
ATOM   455  C CG  . TYR A 1 59 ? 20.721  3.286   6.268   1.00 28.89  ? 59  TYR A CG  1 
ATOM   456  C CD1 . TYR A 1 59 ? 19.661  2.598   6.910   1.00 27.62  ? 59  TYR A CD1 1 
ATOM   457  C CD2 . TYR A 1 59 ? 22.027  3.096   6.703   1.00 27.10  ? 59  TYR A CD2 1 
ATOM   458  C CE1 . TYR A 1 59 ? 19.935  1.719   7.940   1.00 28.84  ? 59  TYR A CE1 1 
ATOM   459  C CE2 . TYR A 1 59 ? 22.301  2.297   7.795   1.00 26.65  ? 59  TYR A CE2 1 
ATOM   460  C CZ  . TYR A 1 59 ? 21.258  1.589   8.382   1.00 29.18  ? 59  TYR A CZ  1 
ATOM   461  O OH  . TYR A 1 59 ? 21.544  0.761   9.460   1.00 33.24  ? 59  TYR A OH  1 
ATOM   462  N N   . ASP A 1 60 ? 19.974  7.167   3.879   1.00 35.69  ? 60  ASP A N   1 
ATOM   463  C CA  . ASP A 1 60 ? 19.747  8.029   2.662   1.00 37.07  ? 60  ASP A CA  1 
ATOM   464  C C   . ASP A 1 60 ? 20.724  7.487   1.588   1.00 36.99  ? 60  ASP A C   1 
ATOM   465  O O   . ASP A 1 60 ? 21.709  6.774   1.889   1.00 35.60  ? 60  ASP A O   1 
ATOM   466  C CB  . ASP A 1 60 ? 19.725  9.455   3.008   1.00 41.80  ? 60  ASP A CB  1 
ATOM   467  C CG  . ASP A 1 60 ? 19.032  9.949   4.236   1.00 48.16  ? 60  ASP A CG  1 
ATOM   468  O OD1 . ASP A 1 60 ? 17.812  9.788   4.505   1.00 51.31  ? 60  ASP A OD1 1 
ATOM   469  O OD2 . ASP A 1 60 ? 19.718  10.665  5.056   1.00 52.20  ? 60  ASP A OD2 1 
ATOM   470  N N   . GLN A 1 61 ? 20.287  7.729   0.377   1.00 37.52  ? 61  GLN A N   1 
ATOM   471  C CA  . GLN A 1 61 ? 20.797  7.337   -0.897  1.00 38.03  ? 61  GLN A CA  1 
ATOM   472  C C   . GLN A 1 61 ? 21.264  5.890   -0.994  1.00 38.53  ? 61  GLN A C   1 
ATOM   473  O O   . GLN A 1 61 ? 22.407  5.577   -1.383  1.00 39.03  ? 61  GLN A O   1 
ATOM   474  C CB  . GLN A 1 61 ? 21.832  8.349   -1.422  1.00 35.96  ? 61  GLN A CB  1 
ATOM   475  C CG  . GLN A 1 61 ? 21.174  9.095   -2.585  0.00 -10.00 ? 61  GLN A CG  1 
ATOM   476  C CD  . GLN A 1 61 ? 22.216  10.107  -3.038  0.00 -10.00 ? 61  GLN A CD  1 
ATOM   477  O OE1 . GLN A 1 61 ? 23.309  10.193  -2.505  0.00 -10.00 ? 61  GLN A OE1 1 
ATOM   478  N NE2 . GLN A 1 61 ? 21.852  10.891  -4.080  0.00 -10.00 ? 61  GLN A NE2 1 
ATOM   479  N N   . ILE A 1 62 ? 20.325  4.945   -0.799  1.00 39.08  ? 62  ILE A N   1 
ATOM   480  C CA  . ILE A 1 62 ? 20.604  3.497   -0.966  1.00 38.83  ? 62  ILE A CA  1 
ATOM   481  C C   . ILE A 1 62 ? 20.160  3.022   -2.334  1.00 39.85  ? 62  ILE A C   1 
ATOM   482  O O   . ILE A 1 62 ? 19.019  3.281   -2.782  1.00 41.23  ? 62  ILE A O   1 
ATOM   483  C CB  . ILE A 1 62 ? 20.028  2.691   0.235   1.00 34.95  ? 62  ILE A CB  1 
ATOM   484  C CG1 . ILE A 1 62 ? 20.721  3.212   1.551   1.00 32.36  ? 62  ILE A CG1 1 
ATOM   485  C CG2 . ILE A 1 62 ? 20.185  1.147   0.120   1.00 32.25  ? 62  ILE A CG2 1 
ATOM   486  C CD1 . ILE A 1 62 ? 22.059  2.521   1.836   1.00 29.02  ? 62  ILE A CD1 1 
ATOM   487  N N   . LEU A 1 63 ? 21.053  2.334   -3.036  1.00 40.94  ? 63  LEU A N   1 
ATOM   488  C CA  . LEU A 1 63 ? 20.770  1.786   -4.345  1.00 42.46  ? 63  LEU A CA  1 
ATOM   489  C C   . LEU A 1 63 ? 20.079  0.407   -4.277  1.00 42.72  ? 63  LEU A C   1 
ATOM   490  O O   . LEU A 1 63 ? 20.648  -0.594  -3.851  1.00 41.52  ? 63  LEU A O   1 
ATOM   491  C CB  . LEU A 1 63 ? 22.061  1.714   -5.194  1.00 44.46  ? 63  LEU A CB  1 
ATOM   492  C CG  . LEU A 1 63 ? 22.034  0.569   -6.245  1.00 43.94  ? 63  LEU A CG  1 
ATOM   493  C CD1 . LEU A 1 63 ? 21.033  0.866   -7.329  1.00 44.89  ? 63  LEU A CD1 1 
ATOM   494  C CD2 . LEU A 1 63 ? 23.420  0.377   -6.771  1.00 44.08  ? 63  LEU A CD2 1 
ATOM   495  N N   . ILE A 1 64 ? 18.874  0.425   -4.832  1.00 43.51  ? 64  ILE A N   1 
ATOM   496  C CA  . ILE A 1 64 ? 18.053  -0.754  -4.991  1.00 44.53  ? 64  ILE A CA  1 
ATOM   497  C C   . ILE A 1 64 ? 17.980  -1.018  -6.521  1.00 44.80  ? 64  ILE A C   1 
ATOM   498  O O   . ILE A 1 64 ? 17.877  -0.039  -7.261  1.00 44.77  ? 64  ILE A O   1 
ATOM   499  C CB  . ILE A 1 64 ? 16.591  -0.636  -4.445  1.00 46.02  ? 64  ILE A CB  1 
ATOM   500  C CG1 . ILE A 1 64 ? 16.549  -0.033  -3.020  1.00 48.36  ? 64  ILE A CG1 1 
ATOM   501  C CG2 . ILE A 1 64 ? 15.834  -1.996  -4.486  1.00 41.33  ? 64  ILE A CG2 1 
ATOM   502  C CD1 . ILE A 1 64 ? 15.222  -0.372  -2.242  1.00 50.41  ? 64  ILE A CD1 1 
ATOM   503  N N   . GLU A 1 65 ? 17.988  -2.277  -6.831  1.00 44.75  ? 65  GLU A N   1 
ATOM   504  C CA  . GLU A 1 65 ? 17.753  -2.658  -8.263  1.00 44.48  ? 65  GLU A CA  1 
ATOM   505  C C   . GLU A 1 65 ? 16.383  -3.331  -8.278  1.00 44.19  ? 65  GLU A C   1 
ATOM   506  O O   . GLU A 1 65 ? 16.338  -4.542  -7.991  1.00 44.30  ? 65  GLU A O   1 
ATOM   507  C CB  . GLU A 1 65 ? 18.827  -3.570  -8.671  1.00 46.65  ? 65  GLU A CB  1 
ATOM   508  C CG  . GLU A 1 65 ? 19.448  -3.486  -10.057 1.00 51.70  ? 65  GLU A CG  1 
ATOM   509  C CD  . GLU A 1 65 ? 20.254  -4.736  -10.400 1.00 55.68  ? 65  GLU A CD  1 
ATOM   510  O OE1 . GLU A 1 65 ? 19.712  -5.828  -10.674 1.00 57.50  ? 65  GLU A OE1 1 
ATOM   511  O OE2 . GLU A 1 65 ? 21.482  -4.499  -10.266 1.00 55.92  ? 65  GLU A OE2 1 
ATOM   512  N N   . ILE A 1 66 ? 15.329  -2.594  -8.490  1.00 44.55  ? 66  ILE A N   1 
ATOM   513  C CA  . ILE A 1 66 ? 13.931  -3.063  -8.451  1.00 46.46  ? 66  ILE A CA  1 
ATOM   514  C C   . ILE A 1 66 ? 13.481  -3.802  -9.696  1.00 48.38  ? 66  ILE A C   1 
ATOM   515  O O   . ILE A 1 66 ? 12.875  -3.156  -10.629 1.00 48.42  ? 66  ILE A O   1 
ATOM   516  C CB  . ILE A 1 66 ? 12.960  -1.829  -8.175  1.00 45.31  ? 66  ILE A CB  1 
ATOM   517  C CG1 . ILE A 1 66 ? 13.468  -1.042  -6.932  1.00 44.64  ? 66  ILE A CG1 1 
ATOM   518  C CG2 . ILE A 1 66 ? 11.482  -2.174  -8.028  1.00 41.46  ? 66  ILE A CG2 1 
ATOM   519  C CD1 . ILE A 1 66 ? 12.781  0.368   -6.844  1.00 44.74  ? 66  ILE A CD1 1 
ATOM   520  N N   . CYS A 1 67 ? 13.626  -5.100  -9.737  1.00 50.01  ? 67  CYS A N   1 
ATOM   521  C CA  . CYS A 1 67 ? 13.219  -5.950  -10.903 1.00 51.87  ? 67  CYS A CA  1 
ATOM   522  C C   . CYS A 1 67 ? 14.010  -5.530  -12.134 1.00 53.28  ? 67  CYS A C   1 
ATOM   523  O O   . CYS A 1 67 ? 13.520  -5.280  -13.267 1.00 54.02  ? 67  CYS A O   1 
ATOM   524  C CB  . CYS A 1 67 ? 11.764  -6.145  -11.010 1.00 52.13  ? 67  CYS A CB  1 
ATOM   525  S SG  . CYS A 1 67 ? 10.543  -5.074  -11.814 1.00 56.08  ? 67  CYS A SG  1 
ATOM   526  N N   . GLY A 1 68 ? 15.351  -5.429  -11.951 1.00 53.14  ? 68  GLY A N   1 
ATOM   527  C CA  . GLY A 1 68 ? 16.232  -5.067  -13.082 1.00 52.07  ? 68  GLY A CA  1 
ATOM   528  C C   . GLY A 1 68 ? 16.700  -3.649  -13.091 1.00 51.31  ? 68  GLY A C   1 
ATOM   529  O O   . GLY A 1 68 ? 17.919  -3.348  -13.303 1.00 51.89  ? 68  GLY A O   1 
ATOM   530  N N   . HIS A 1 69 ? 15.809  -2.729  -12.872 1.00 50.53  ? 69  HIS A N   1 
ATOM   531  C CA  . HIS A 1 69 ? 16.034  -1.297  -12.898 1.00 50.50  ? 69  HIS A CA  1 
ATOM   532  C C   . HIS A 1 69 ? 16.529  -0.742  -11.570 1.00 50.77  ? 69  HIS A C   1 
ATOM   533  O O   . HIS A 1 69 ? 15.940  -0.960  -10.473 1.00 51.28  ? 69  HIS A O   1 
ATOM   534  C CB  . HIS A 1 69 ? 14.765  -0.548  -13.346 1.00 51.96  ? 69  HIS A CB  1 
ATOM   535  C CG  . HIS A 1 69 ? 13.839  -1.217  -14.286 1.00 54.22  ? 69  HIS A CG  1 
ATOM   536  N ND1 . HIS A 1 69 ? 12.944  -0.485  -15.089 1.00 54.69  ? 69  HIS A ND1 1 
ATOM   537  C CD2 . HIS A 1 69 ? 13.555  -2.512  -14.544 1.00 55.34  ? 69  HIS A CD2 1 
ATOM   538  C CE1 . HIS A 1 69 ? 12.230  -1.331  -15.801 1.00 57.05  ? 69  HIS A CE1 1 
ATOM   539  N NE2 . HIS A 1 69 ? 12.578  -2.578  -15.489 1.00 56.17  ? 69  HIS A NE2 1 
ATOM   540  N N   . LYS A 1 70 ? 17.545  0.122   -11.655 1.00 50.50  ? 70  LYS A N   1 
ATOM   541  C CA  . LYS A 1 70 ? 18.108  0.852   -10.516 1.00 50.07  ? 70  LYS A CA  1 
ATOM   542  C C   . LYS A 1 70 ? 17.308  2.095   -10.103 1.00 49.22  ? 70  LYS A C   1 
ATOM   543  O O   . LYS A 1 70 ? 16.629  2.780   -10.913 1.00 49.97  ? 70  LYS A O   1 
ATOM   544  C CB  . LYS A 1 70 ? 19.550  1.254   -10.802 1.00 49.48  ? 70  LYS A CB  1 
ATOM   545  C CG  . LYS A 1 70 ? 20.289  0.287   -11.685 1.00 53.64  ? 70  LYS A CG  1 
ATOM   546  C CD  . LYS A 1 70 ? 21.789  0.545   -11.704 1.00 56.90  ? 70  LYS A CD  1 
ATOM   547  C CE  . LYS A 1 70 ? 22.629  -0.682  -11.925 1.00 58.53  ? 70  LYS A CE  1 
ATOM   548  N NZ  . LYS A 1 70 ? 22.375  -1.341  -13.252 1.00 60.50  ? 70  LYS A NZ  1 
ATOM   549  N N   . ALA A 1 71 ? 17.366  2.393   -8.806  1.00 47.19  ? 71  ALA A N   1 
ATOM   550  C CA  . ALA A 1 71 ? 16.801  3.488   -8.098  1.00 46.24  ? 71  ALA A CA  1 
ATOM   551  C C   . ALA A 1 71 ? 17.570  3.760   -6.783  1.00 46.73  ? 71  ALA A C   1 
ATOM   552  O O   . ALA A 1 71 ? 17.768  2.867   -5.937  1.00 48.74  ? 71  ALA A O   1 
ATOM   553  C CB  . ALA A 1 71 ? 15.317  3.339   -7.766  1.00 44.36  ? 71  ALA A CB  1 
ATOM   554  N N   . ILE A 1 72 ? 17.974  5.011   -6.649  1.00 44.95  ? 72  ILE A N   1 
ATOM   555  C CA  . ILE A 1 72 ? 18.648  5.549   -5.461  1.00 41.49  ? 72  ILE A CA  1 
ATOM   556  C C   . ILE A 1 72 ? 17.524  6.181   -4.618  1.00 38.54  ? 72  ILE A C   1 
ATOM   557  O O   . ILE A 1 72 ? 16.466  6.590   -5.167  1.00 38.32  ? 72  ILE A O   1 
ATOM   558  C CB  . ILE A 1 72 ? 19.747  6.550   -5.833  1.00 43.93  ? 72  ILE A CB  1 
ATOM   559  C CG1 . ILE A 1 72 ? 20.547  6.720   -4.496  0.00 -10.00 ? 72  ILE A CG1 1 
ATOM   560  C CG2 . ILE A 1 72 ? 19.279  7.903   -6.338  0.00 -10.00 ? 72  ILE A CG2 1 
ATOM   561  C CD1 . ILE A 1 72 ? 22.029  6.413   -4.867  0.00 -10.00 ? 72  ILE A CD1 1 
ATOM   562  N N   . GLY A 1 73 ? 17.777  6.277   -3.349  1.00 35.29  ? 73  GLY A N   1 
ATOM   563  C CA  . GLY A 1 73 ? 16.844  6.986   -2.467  1.00 33.18  ? 73  GLY A CA  1 
ATOM   564  C C   . GLY A 1 73 ? 17.078  6.487   -1.047  1.00 31.48  ? 73  GLY A C   1 
ATOM   565  O O   . GLY A 1 73 ? 17.886  5.589   -0.869  1.00 30.76  ? 73  GLY A O   1 
ATOM   566  N N   . THR A 1 74 ? 16.340  7.065   -0.147  1.00 30.95  ? 74  THR A N   1 
ATOM   567  C CA  . THR A 1 74 ? 16.200  6.690   1.236   1.00 31.33  ? 74  THR A CA  1 
ATOM   568  C C   . THR A 1 74 ? 15.510  5.317   1.383   1.00 31.10  ? 74  THR A C   1 
ATOM   569  O O   . THR A 1 74 ? 14.495  5.039   0.703   1.00 31.85  ? 74  THR A O   1 
ATOM   570  C CB  . THR A 1 74 ? 15.251  7.768   1.969   1.00 32.14  ? 74  THR A CB  1 
ATOM   571  O OG1 . THR A 1 74 ? 15.983  9.001   1.773   1.00 33.72  ? 74  THR A OG1 1 
ATOM   572  C CG2 . THR A 1 74 ? 14.884  7.362   3.378   1.00 31.80  ? 74  THR A CG2 1 
ATOM   573  N N   . VAL A 1 75 ? 16.028  4.532   2.266   1.00 29.46  ? 75  VAL A N   1 
ATOM   574  C CA  . VAL A 1 75 ? 15.581  3.178   2.610   1.00 28.27  ? 75  VAL A CA  1 
ATOM   575  C C   . VAL A 1 75 ? 15.437  3.098   4.115   1.00 28.95  ? 75  VAL A C   1 
ATOM   576  O O   . VAL A 1 75 ? 16.305  3.546   4.900   1.00 30.08  ? 75  VAL A O   1 
ATOM   577  C CB  . VAL A 1 75 ? 16.585  2.216   1.949   1.00 26.51  ? 75  VAL A CB  1 
ATOM   578  C CG1 . VAL A 1 75 ? 16.601  0.819   2.457   1.00 27.77  ? 75  VAL A CG1 1 
ATOM   579  C CG2 . VAL A 1 75 ? 16.340  2.176   0.400   1.00 29.57  ? 75  VAL A CG2 1 
ATOM   580  N N   . LEU A 1 76 ? 14.311  2.581   4.631   1.00 27.57  ? 76  LEU A N   1 
ATOM   581  C CA  . LEU A 1 76 ? 14.163  2.427   6.118   1.00 23.88  ? 76  LEU A CA  1 
ATOM   582  C C   . LEU A 1 76 ? 14.476  0.954   6.397   1.00 23.80  ? 76  LEU A C   1 
ATOM   583  O O   . LEU A 1 76 ? 14.122  0.051   5.596   1.00 23.91  ? 76  LEU A O   1 
ATOM   584  C CB  . LEU A 1 76 ? 12.768  2.950   6.466   1.00 17.81  ? 76  LEU A CB  1 
ATOM   585  C CG  . LEU A 1 76 ? 12.285  4.280   5.986   1.00 18.45  ? 76  LEU A CG  1 
ATOM   586  C CD1 . LEU A 1 76 ? 10.862  4.634   6.307   1.00 14.05  ? 76  LEU A CD1 1 
ATOM   587  C CD2 . LEU A 1 76 ? 13.188  5.425   6.625   1.00 17.16  ? 76  LEU A CD2 1 
ATOM   588  N N   . VAL A 1 77 ? 15.211  0.648   7.423   1.00 23.79  ? 77  VAL A N   1 
ATOM   589  C CA  . VAL A 1 77 ? 15.468  -0.710  7.884   1.00 25.38  ? 77  VAL A CA  1 
ATOM   590  C C   . VAL A 1 77 ? 14.772  -0.887  9.235   1.00 27.11  ? 77  VAL A C   1 
ATOM   591  O O   . VAL A 1 77 ? 15.061  -0.216  10.238  1.00 28.10  ? 77  VAL A O   1 
ATOM   592  C CB  . VAL A 1 77 ? 16.988  -1.024  7.929   1.00 25.84  ? 77  VAL A CB  1 
ATOM   593  C CG1 . VAL A 1 77 ? 17.261  -2.307  8.727   1.00 23.69  ? 77  VAL A CG1 1 
ATOM   594  C CG2 . VAL A 1 77 ? 17.589  -1.072  6.567   1.00 25.90  ? 77  VAL A CG2 1 
ATOM   595  N N   . GLY A 1 78 ? 13.778  -1.763  9.289   1.00 28.01  ? 78  GLY A N   1 
ATOM   596  C CA  . GLY A 1 78 ? 13.066  -1.920  10.569  1.00 28.07  ? 78  GLY A CA  1 
ATOM   597  C C   . GLY A 1 78 ? 12.464  -3.341  10.492  1.00 29.17  ? 78  GLY A C   1 
ATOM   598  O O   . GLY A 1 78 ? 12.617  -3.979  9.485   1.00 28.55  ? 78  GLY A O   1 
ATOM   599  N N   . PRO A 1 79 ? 11.728  -3.611  11.554  1.00 30.86  ? 79  PRO A N   1 
ATOM   600  C CA  . PRO A 1 79 ? 10.950  -4.786  11.802  1.00 31.68  ? 79  PRO A CA  1 
ATOM   601  C C   . PRO A 1 79 ? 9.721   -4.986  10.953  1.00 32.95  ? 79  PRO A C   1 
ATOM   602  O O   . PRO A 1 79 ? 8.586   -5.158  11.542  1.00 33.54  ? 79  PRO A O   1 
ATOM   603  C CB  . PRO A 1 79 ? 10.420  -4.579  13.263  1.00 32.04  ? 79  PRO A CB  1 
ATOM   604  C CG  . PRO A 1 79 ? 11.249  -3.459  13.817  1.00 31.94  ? 79  PRO A CG  1 
ATOM   605  C CD  . PRO A 1 79 ? 11.554  -2.574  12.670  1.00 30.99  ? 79  PRO A CD  1 
ATOM   606  N N   . THR A 1 80 ? 9.862   -4.980  9.629   1.00 32.91  ? 80  THR A N   1 
ATOM   607  C CA  . THR A 1 80 ? 8.676   -5.086  8.748   1.00 31.29  ? 80  THR A CA  1 
ATOM   608  C C   . THR A 1 80 ? 8.332   -6.531  8.461   1.00 33.29  ? 80  THR A C   1 
ATOM   609  O O   . THR A 1 80 ? 9.223   -7.440  8.389   1.00 33.45  ? 80  THR A O   1 
ATOM   610  C CB  . THR A 1 80 ? 8.873   -4.250  7.438   1.00 26.57  ? 80  THR A CB  1 
ATOM   611  O OG1 . THR A 1 80 ? 7.554   -4.069  6.824   1.00 25.07  ? 80  THR A OG1 1 
ATOM   612  C CG2 . THR A 1 80 ? 9.905   -4.842  6.474   1.00 24.69  ? 80  THR A CG2 1 
ATOM   613  N N   . PRO A 1 81 ? 7.024   -6.713  8.241   1.00 34.78  ? 81  PRO A N   1 
ATOM   614  C CA  . PRO A 1 81 ? 6.408   -7.987  7.892   1.00 34.91  ? 81  PRO A CA  1 
ATOM   615  C C   . PRO A 1 81 ? 6.973   -8.598  6.596   1.00 35.76  ? 81  PRO A C   1 
ATOM   616  O O   . PRO A 1 81 ? 7.183   -9.850  6.446   1.00 36.47  ? 81  PRO A O   1 
ATOM   617  C CB  . PRO A 1 81 ? 4.924   -7.670  7.774   1.00 34.37  ? 81  PRO A CB  1 
ATOM   618  C CG  . PRO A 1 81 ? 4.735   -6.198  7.774   1.00 34.16  ? 81  PRO A CG  1 
ATOM   619  C CD  . PRO A 1 81 ? 5.996   -5.624  8.362   1.00 35.50  ? 81  PRO A CD  1 
ATOM   620  N N   . VAL A 1 82 ? 7.212   -7.696  5.668   1.00 34.34  ? 82  VAL A N   1 
ATOM   621  C CA  . VAL A 1 82 ? 7.651   -7.870  4.286   1.00 31.38  ? 82  VAL A CA  1 
ATOM   622  C C   . VAL A 1 82 ? 8.455   -6.664  3.836   1.00 30.31  ? 82  VAL A C   1 
ATOM   623  O O   . VAL A 1 82 ? 8.144   -5.477  4.198   1.00 30.39  ? 82  VAL A O   1 
ATOM   624  C CB  . VAL A 1 82 ? 6.335   -8.123  3.473   1.00 29.15  ? 82  VAL A CB  1 
ATOM   625  C CG1 . VAL A 1 82 ? 5.246   -7.089  3.788   1.00 25.32  ? 82  VAL A CG1 1 
ATOM   626  C CG2 . VAL A 1 82 ? 6.525   -8.252  1.973   1.00 30.43  ? 82  VAL A CG2 1 
ATOM   627  N N   . ASN A 1 83 ? 9.510   -6.900  3.070   1.00 28.65  ? 83  ASN A N   1 
ATOM   628  C CA  . ASN A 1 83 ? 10.194  -5.724  2.437   1.00 27.43  ? 83  ASN A CA  1 
ATOM   629  C C   . ASN A 1 83 ? 9.077   -4.978  1.663   1.00 27.91  ? 83  ASN A C   1 
ATOM   630  O O   . ASN A 1 83 ? 8.322   -5.700  0.976   1.00 29.28  ? 83  ASN A O   1 
ATOM   631  C CB  . ASN A 1 83 ? 11.273  -6.247  1.532   1.00 23.91  ? 83  ASN A CB  1 
ATOM   632  C CG  . ASN A 1 83 ? 12.179  -7.236  2.236   1.00 22.19  ? 83  ASN A CG  1 
ATOM   633  O OD1 . ASN A 1 83 ? 12.862  -6.795  3.158   1.00 22.90  ? 83  ASN A OD1 1 
ATOM   634  N ND2 . ASN A 1 83 ? 12.233  -8.462  1.799   1.00 23.13  ? 83  ASN A ND2 1 
ATOM   635  N N   . ILE A 1 84 ? 8.981   -3.680  1.708   1.00 27.53  ? 84  ILE A N   1 
ATOM   636  C CA  . ILE A 1 84 ? 8.099   -2.794  1.050   1.00 26.56  ? 84  ILE A CA  1 
ATOM   637  C C   . ILE A 1 84 ? 8.894   -1.793  0.156   1.00 27.37  ? 84  ILE A C   1 
ATOM   638  O O   . ILE A 1 84 ? 9.674   -1.014  0.709   1.00 27.73  ? 84  ILE A O   1 
ATOM   639  C CB  . ILE A 1 84 ? 7.216   -1.870  1.975   1.00 27.30  ? 84  ILE A CB  1 
ATOM   640  C CG1 . ILE A 1 84 ? 6.159   -2.730  2.719   1.00 28.21  ? 84  ILE A CG1 1 
ATOM   641  C CG2 . ILE A 1 84 ? 6.583   -0.657  1.230   1.00 25.61  ? 84  ILE A CG2 1 
ATOM   642  C CD1 . ILE A 1 84 ? 6.289   -2.439  4.300   1.00 28.85  ? 84  ILE A CD1 1 
ATOM   643  N N   . ILE A 1 85 ? 8.465   -1.803  -1.114  1.00 26.93  ? 85  ILE A N   1 
ATOM   644  C CA  . ILE A 1 85 ? 8.892   -0.847  -2.119  1.00 25.10  ? 85  ILE A CA  1 
ATOM   645  C C   . ILE A 1 85 ? 7.829   0.271   -2.227  1.00 23.84  ? 85  ILE A C   1 
ATOM   646  O O   . ILE A 1 85 ? 6.776   0.174   -2.823  1.00 22.87  ? 85  ILE A O   1 
ATOM   647  C CB  . ILE A 1 85 ? 9.299   -1.431  -3.484  1.00 23.95  ? 85  ILE A CB  1 
ATOM   648  C CG1 . ILE A 1 85 ? 10.399  -2.513  -3.476  1.00 21.62  ? 85  ILE A CG1 1 
ATOM   649  C CG2 . ILE A 1 85 ? 9.829   -0.221  -4.391  1.00 27.76  ? 85  ILE A CG2 1 
ATOM   650  C CD1 . ILE A 1 85 ? 11.689  -2.170  -2.719  1.00 15.43  ? 85  ILE A CD1 1 
ATOM   651  N N   . GLY A 1 86 ? 8.215   1.417   -1.662  1.00 24.30  ? 86  GLY A N   1 
ATOM   652  C CA  . GLY A 1 86 ? 7.293   2.566   -1.596  1.00 23.95  ? 86  GLY A CA  1 
ATOM   653  C C   . GLY A 1 86 ? 7.470   3.555   -2.724  1.00 23.16  ? 86  GLY A C   1 
ATOM   654  O O   . GLY A 1 86 ? 8.379   3.549   -3.549  1.00 21.27  ? 86  GLY A O   1 
ATOM   655  N N   . ARG A 1 87 ? 6.561   4.537   -2.675  1.00 23.78  ? 87  ARG A N   1 
ATOM   656  C CA  . ARG A 1 87 ? 6.422   5.592   -3.638  1.00 26.37  ? 87  ARG A CA  1 
ATOM   657  C C   . ARG A 1 87 ? 7.717   6.297   -4.037  1.00 28.66  ? 87  ARG A C   1 
ATOM   658  O O   . ARG A 1 87 ? 7.770   6.870   -5.187  1.00 29.48  ? 87  ARG A O   1 
ATOM   659  C CB  . ARG A 1 87 ? 5.359   6.581   -3.146  1.00 24.57  ? 87  ARG A CB  1 
ATOM   660  C CG  . ARG A 1 87 ? 3.942   6.157   -3.363  1.00 26.31  ? 87  ARG A CG  1 
ATOM   661  C CD  . ARG A 1 87 ? 2.931   7.175   -3.093  1.00 30.54  ? 87  ARG A CD  1 
ATOM   662  N NE  . ARG A 1 87 ? 3.052   8.006   -1.919  1.00 29.98  ? 87  ARG A NE  1 
ATOM   663  C CZ  . ARG A 1 87 ? 3.786   9.120   -1.828  1.00 31.26  ? 87  ARG A CZ  1 
ATOM   664  N NH1 . ARG A 1 87 ? 4.720   9.419   -2.748  1.00 33.79  ? 87  ARG A NH1 1 
ATOM   665  N NH2 . ARG A 1 87 ? 3.732   9.993   -0.834  1.00 30.78  ? 87  ARG A NH2 1 
ATOM   666  N N   . ASN A 1 88 ? 8.702   6.315   -3.200  1.00 28.96  ? 88  ASN A N   1 
ATOM   667  C CA  . ASN A 1 88 ? 10.002  6.935   -3.259  1.00 29.02  ? 88  ASN A CA  1 
ATOM   668  C C   . ASN A 1 88 ? 10.820  6.387   -4.422  1.00 29.56  ? 88  ASN A C   1 
ATOM   669  O O   . ASN A 1 88 ? 11.344  7.173   -5.262  1.00 30.40  ? 88  ASN A O   1 
ATOM   670  C CB  . ASN A 1 88 ? 10.748  6.930   -1.944  1.00 32.70  ? 88  ASN A CB  1 
ATOM   671  C CG  . ASN A 1 88 ? 11.428  5.813   -1.304  1.00 34.43  ? 88  ASN A CG  1 
ATOM   672  O OD1 . ASN A 1 88 ? 10.855  4.746   -0.914  1.00 36.67  ? 88  ASN A OD1 1 
ATOM   673  N ND2 . ASN A 1 88 ? 12.760  5.945   -0.989  1.00 31.79  ? 88  ASN A ND2 1 
ATOM   674  N N   . LEU A 1 89 ? 10.941  5.058   -4.420  1.00 28.54  ? 89  LEU A N   1 
ATOM   675  C CA  . LEU A 1 89 ? 11.686  4.382   -5.531  1.00 26.21  ? 89  LEU A CA  1 
ATOM   676  C C   . LEU A 1 89 ? 10.720  4.115   -6.686  1.00 24.59  ? 89  LEU A C   1 
ATOM   677  O O   . LEU A 1 89 ? 11.179  4.257   -7.867  1.00 25.85  ? 89  LEU A O   1 
ATOM   678  C CB  . LEU A 1 89 ? 12.502  3.251   -4.950  1.00 23.64  ? 89  LEU A CB  1 
ATOM   679  C CG  . LEU A 1 89 ? 13.468  3.411   -3.809  1.00 20.41  ? 89  LEU A CG  1 
ATOM   680  C CD1 . LEU A 1 89 ? 13.912  2.067   -3.225  1.00 16.48  ? 89  LEU A CD1 1 
ATOM   681  C CD2 . LEU A 1 89 ? 14.715  4.115   -4.307  1.00 23.11  ? 89  LEU A CD2 1 
ATOM   682  N N   . LEU A 1 90 ? 9.427   3.920   -6.488  1.00 22.46  ? 90  LEU A N   1 
ATOM   683  C CA  . LEU A 1 90 ? 8.449   3.625   -7.533  1.00 19.79  ? 90  LEU A CA  1 
ATOM   684  C C   . LEU A 1 90 ? 8.497   4.566   -8.705  1.00 17.47  ? 90  LEU A C   1 
ATOM   685  O O   . LEU A 1 90 ? 8.690   4.040   -9.874  1.00 16.33  ? 90  LEU A O   1 
ATOM   686  C CB  . LEU A 1 90 ? 7.045   3.299   -6.936  1.00 18.44  ? 90  LEU A CB  1 
ATOM   687  C CG  . LEU A 1 90 ? 6.874   1.884   -6.400  1.00 18.31  ? 90  LEU A CG  1 
ATOM   688  C CD1 . LEU A 1 90 ? 5.612   1.658   -5.572  1.00 17.64  ? 90  LEU A CD1 1 
ATOM   689  C CD2 . LEU A 1 90 ? 6.878   0.882   -7.566  1.00 19.08  ? 90  LEU A CD2 1 
ATOM   690  N N   . THR A 1 91 ? 8.442   5.831   -8.533  1.00 18.09  ? 91  THR A N   1 
ATOM   691  C CA  . THR A 1 91 ? 8.531   6.916   -9.519  1.00 18.96  ? 91  THR A CA  1 
ATOM   692  C C   . THR A 1 91 ? 9.867   6.935   -10.301 1.00 20.20  ? 91  THR A C   1 
ATOM   693  O O   . THR A 1 91 ? 9.880   7.330   -11.479 1.00 19.98  ? 91  THR A O   1 
ATOM   694  C CB  . THR A 1 91 ? 8.368   8.329   -8.847  1.00 15.16  ? 91  THR A CB  1 
ATOM   695  O OG1 . THR A 1 91 ? 9.269   8.342   -7.674  1.00 15.44  ? 91  THR A OG1 1 
ATOM   696  C CG2 . THR A 1 91 ? 6.981   8.635   -8.429  1.00 19.19  ? 91  THR A CG2 1 
ATOM   697  N N   . GLN A 1 92 ? 10.906  6.554   -9.587  1.00 21.52  ? 92  GLN A N   1 
ATOM   698  C CA  . GLN A 1 92 ? 12.267  6.395   -9.962  1.00 22.41  ? 92  GLN A CA  1 
ATOM   699  C C   . GLN A 1 92 ? 12.354  5.409   -11.121 1.00 25.20  ? 92  GLN A C   1 
ATOM   700  O O   . GLN A 1 92 ? 13.066  5.734   -12.096 1.00 26.37  ? 92  GLN A O   1 
ATOM   701  C CB  . GLN A 1 92 ? 13.252  5.989   -8.871  1.00 18.34  ? 92  GLN A CB  1 
ATOM   702  C CG  . GLN A 1 92 ? 13.506  7.122   -7.930  1.00 20.68  ? 92  GLN A CG  1 
ATOM   703  C CD  . GLN A 1 92 ? 13.997  8.419   -8.504  1.00 20.08  ? 92  GLN A CD  1 
ATOM   704  O OE1 . GLN A 1 92 ? 15.172  8.676   -8.686  1.00 17.86  ? 92  GLN A OE1 1 
ATOM   705  N NE2 . GLN A 1 92 ? 13.085  9.392   -8.719  1.00 21.86  ? 92  GLN A NE2 1 
ATOM   706  N N   . ILE A 1 93 ? 11.599  4.332   -10.985 1.00 27.14  ? 93  ILE A N   1 
ATOM   707  C CA  . ILE A 1 93 ? 11.515  3.280   -12.045 1.00 26.97  ? 93  ILE A CA  1 
ATOM   708  C C   . ILE A 1 93 ? 10.272  3.552   -12.919 1.00 26.36  ? 93  ILE A C   1 
ATOM   709  O O   . ILE A 1 93 ? 9.805   2.713   -13.702 1.00 26.56  ? 93  ILE A O   1 
ATOM   710  C CB  . ILE A 1 93 ? 11.637  1.839   -11.486 1.00 26.66  ? 93  ILE A CB  1 
ATOM   711  C CG1 . ILE A 1 93 ? 10.392  1.531   -10.559 1.00 28.56  ? 93  ILE A CG1 1 
ATOM   712  C CG2 . ILE A 1 93 ? 12.950  1.492   -10.759 1.00 23.80  ? 93  ILE A CG2 1 
ATOM   713  C CD1 . ILE A 1 93 ? 10.049  -0.011  -10.567 1.00 31.74  ? 93  ILE A CD1 1 
ATOM   714  N N   . GLY A 1 94 ? 9.768   4.783   -12.815 1.00 25.15  ? 94  GLY A N   1 
ATOM   715  C CA  . GLY A 1 94 ? 8.675   5.318   -13.581 1.00 24.00  ? 94  GLY A CA  1 
ATOM   716  C C   . GLY A 1 94 ? 7.433   4.435   -13.565 1.00 22.85  ? 94  GLY A C   1 
ATOM   717  O O   . GLY A 1 94 ? 6.709   4.171   -14.546 1.00 20.53  ? 94  GLY A O   1 
ATOM   718  N N   . CYS A 1 95 ? 7.146   4.052   -12.317 1.00 23.41  ? 95  CYS A N   1 
ATOM   719  C CA  . CYS A 1 95 ? 5.915   3.305   -12.079 1.00 23.88  ? 95  CYS A CA  1 
ATOM   720  C C   . CYS A 1 95 ? 4.742   4.258   -11.979 1.00 23.28  ? 95  CYS A C   1 
ATOM   721  O O   . CYS A 1 95 ? 4.823   5.389   -11.486 1.00 21.66  ? 95  CYS A O   1 
ATOM   722  C CB  . CYS A 1 95 ? 6.086   2.428   -10.845 1.00 26.94  ? 95  CYS A CB  1 
ATOM   723  S SG  . CYS A 1 95 ? 4.653   1.422   -10.528 1.00 32.46  ? 95  CYS A SG  1 
ATOM   724  N N   . THR A 1 96 ? 3.630   3.778   -12.526 1.00 23.94  ? 96  THR A N   1 
ATOM   725  C CA  . THR A 1 96 ? 2.333   4.405   -12.467 1.00 24.57  ? 96  THR A CA  1 
ATOM   726  C C   . THR A 1 96 ? 1.139   3.440   -12.392 1.00 24.74  ? 96  THR A C   1 
ATOM   727  O O   . THR A 1 96 ? 1.145   2.307   -12.919 1.00 25.73  ? 96  THR A O   1 
ATOM   728  C CB  . THR A 1 96 ? 2.165   5.441   -13.678 1.00 22.46  ? 96  THR A CB  1 
ATOM   729  O OG1 . THR A 1 96 ? 2.057   4.711   -14.877 1.00 21.08  ? 96  THR A OG1 1 
ATOM   730  C CG2 . THR A 1 96 ? 3.312   6.449   -13.707 1.00 24.15  ? 96  THR A CG2 1 
ATOM   731  N N   . LEU A 1 97 ? 0.035   3.924   -11.878 1.00 23.40  ? 97  LEU A N   1 
ATOM   732  C CA  . LEU A 1 97 ? -1.273  3.421   -11.791 1.00 23.49  ? 97  LEU A CA  1 
ATOM   733  C C   . LEU A 1 97 ? -2.179  3.780   -12.955 1.00 23.64  ? 97  LEU A C   1 
ATOM   734  O O   . LEU A 1 97 ? -2.410  4.990   -13.226 1.00 21.70  ? 97  LEU A O   1 
ATOM   735  C CB  . LEU A 1 97 ? -1.913  4.128   -10.502 1.00 26.04  ? 97  LEU A CB  1 
ATOM   736  C CG  . LEU A 1 97 ? -2.218  3.276   -9.335  1.00 27.44  ? 97  LEU A CG  1 
ATOM   737  C CD1 . LEU A 1 97 ? -1.327  1.960   -9.380  1.00 28.87  ? 97  LEU A CD1 1 
ATOM   738  C CD2 . LEU A 1 97 ? -1.951  4.030   -8.037  1.00 25.20  ? 97  LEU A CD2 1 
ATOM   739  N N   . ASN A 1 98 ? -2.929  2.814   -13.467 1.00 26.50  ? 98  ASN A N   1 
ATOM   740  C CA  . ASN A 1 98 ? -3.856  3.128   -14.602 1.00 29.15  ? 98  ASN A CA  1 
ATOM   741  C C   . ASN A 1 98 ? -5.207  2.417   -14.471 1.00 30.09  ? 98  ASN A C   1 
ATOM   742  O O   . ASN A 1 98 ? -5.336  1.280   -14.004 1.00 30.64  ? 98  ASN A O   1 
ATOM   743  C CB  . ASN A 1 98 ? -3.178  2.776   -15.935 1.00 33.22  ? 98  ASN A CB  1 
ATOM   744  C CG  . ASN A 1 98 ? -1.881  3.343   -16.333 1.00 35.23  ? 98  ASN A CG  1 
ATOM   745  O OD1 . ASN A 1 98 ? -0.787  3.190   -15.729 1.00 36.16  ? 98  ASN A OD1 1 
ATOM   746  N ND2 . ASN A 1 98 ? -1.893  4.064   -17.491 1.00 38.35  ? 98  ASN A ND2 1 
ATOM   747  N N   . PHE A 1 99 ? -6.186  2.999   -15.147 1.00 30.84  ? 99  PHE A N   1 
ATOM   748  C CA  . PHE A 1 99 ? -7.562  2.491   -15.205 1.00 31.93  ? 99  PHE A CA  1 
ATOM   749  C C   . PHE A 1 99 ? -8.436  3.361   -16.097 1.00 33.14  ? 99  PHE A C   1 
ATOM   750  O O   . PHE A 1 99 ? -7.955  4.396   -16.589 1.00 33.94  ? 99  PHE A O   1 
ATOM   751  C CB  . PHE A 1 99 ? -8.113  2.314   -13.791 1.00 32.19  ? 99  PHE A CB  1 
ATOM   752  C CG  . PHE A 1 99 ? -8.344  3.506   -12.924 1.00 31.38  ? 99  PHE A CG  1 
ATOM   753  C CD1 . PHE A 1 99 ? -9.547  4.201   -12.960 1.00 29.63  ? 99  PHE A CD1 1 
ATOM   754  C CD2 . PHE A 1 99 ? -7.343  3.898   -11.987 1.00 30.14  ? 99  PHE A CD2 1 
ATOM   755  C CE1 . PHE A 1 99 ? -9.818  5.241   -12.079 1.00 28.88  ? 99  PHE A CE1 1 
ATOM   756  C CE2 . PHE A 1 99 ? -7.597  4.964   -11.104 1.00 29.22  ? 99  PHE A CE2 1 
ATOM   757  C CZ  . PHE A 1 99 ? -8.840  5.622   -11.151 1.00 28.28  ? 99  PHE A CZ  1 
ATOM   758  O OXT . PHE A 1 99 ? -9.635  3.015   -16.335 1.00 38.45  ? 99  PHE A OXT 1 
ATOM   759  N N   . PRO B 1 1  ? -7.863  7.374   -15.651 1.00 46.89  ? 1   PRO B N   1 
ATOM   760  C CA  . PRO B 1 1  ? -6.671  8.147   -15.763 1.00 46.49  ? 1   PRO B CA  1 
ATOM   761  C C   . PRO B 1 1  ? -5.369  7.368   -15.674 1.00 45.23  ? 1   PRO B C   1 
ATOM   762  O O   . PRO B 1 1  ? -5.311  6.133   -15.627 1.00 44.87  ? 1   PRO B O   1 
ATOM   763  C CB  . PRO B 1 1  ? -6.763  9.160   -14.573 1.00 46.97  ? 1   PRO B CB  1 
ATOM   764  C CG  . PRO B 1 1  ? -7.609  8.491   -13.554 1.00 46.49  ? 1   PRO B CG  1 
ATOM   765  C CD  . PRO B 1 1  ? -8.550  7.588   -14.336 1.00 47.28  ? 1   PRO B CD  1 
ATOM   766  N N   . GLN B 1 2  ? -4.314  8.186   -15.687 1.00 43.66  ? 2   GLN B N   1 
ATOM   767  C CA  . GLN B 1 2  ? -2.926  7.680   -15.485 1.00 42.16  ? 2   GLN B CA  1 
ATOM   768  C C   . GLN B 1 2  ? -2.423  8.350   -14.227 1.00 40.86  ? 2   GLN B C   1 
ATOM   769  O O   . GLN B 1 2  ? -2.533  9.632   -14.143 1.00 42.54  ? 2   GLN B O   1 
ATOM   770  C CB  . GLN B 1 2  ? -2.123  7.957   -16.724 1.00 47.30  ? 2   GLN B CB  1 
ATOM   771  C CG  . GLN B 1 2  ? -1.206  6.798   -17.112 1.00 54.04  ? 2   GLN B CG  1 
ATOM   772  C CD  . GLN B 1 2  ? 0.246   7.153   -16.850 1.00 57.04  ? 2   GLN B CD  1 
ATOM   773  O OE1 . GLN B 1 2  ? 0.490   8.254   -16.316 1.00 61.55  ? 2   GLN B OE1 1 
ATOM   774  N NE2 . GLN B 1 2  ? 1.136   6.301   -17.299 1.00 57.20  ? 2   GLN B NE2 1 
ATOM   775  N N   . ILE B 1 3  ? -2.090  7.625   -13.179 1.00 37.05  ? 3   ILE B N   1 
ATOM   776  C CA  . ILE B 1 3  ? -1.706  8.317   -11.903 1.00 33.20  ? 3   ILE B CA  1 
ATOM   777  C C   . ILE B 1 3  ? -0.252  7.980   -11.607 1.00 31.97  ? 3   ILE B C   1 
ATOM   778  O O   . ILE B 1 3  ? 0.081   6.797   -11.539 1.00 31.09  ? 3   ILE B O   1 
ATOM   779  C CB  . ILE B 1 3  ? -2.703  7.959   -10.771 1.00 30.03  ? 3   ILE B CB  1 
ATOM   780  C CG1 . ILE B 1 3  ? -4.125  8.500   -11.125 1.00 29.44  ? 3   ILE B CG1 1 
ATOM   781  C CG2 . ILE B 1 3  ? -2.328  8.402   -9.347  1.00 27.73  ? 3   ILE B CG2 1 
ATOM   782  C CD1 . ILE B 1 3  ? -5.223  7.464   -10.796 1.00 32.30  ? 3   ILE B CD1 1 
ATOM   783  N N   . THR B 1 4  ? 0.552   9.022   -11.445 1.00 31.82  ? 4   THR B N   1 
ATOM   784  C CA  . THR B 1 4  ? 1.939   9.012   -11.049 1.00 31.13  ? 4   THR B CA  1 
ATOM   785  C C   . THR B 1 4  ? 1.995   9.069   -9.492  1.00 30.48  ? 4   THR B C   1 
ATOM   786  O O   . THR B 1 4  ? 1.046   9.366   -8.757  1.00 29.28  ? 4   THR B O   1 
ATOM   787  C CB  . THR B 1 4  ? 2.898   10.070  -11.677 1.00 33.15  ? 4   THR B CB  1 
ATOM   788  O OG1 . THR B 1 4  ? 2.319   11.411  -11.404 1.00 34.53  ? 4   THR B OG1 1 
ATOM   789  C CG2 . THR B 1 4  ? 3.219   9.911   -13.162 1.00 31.74  ? 4   THR B CG2 1 
ATOM   790  N N   . LEU B 1 5  ? 3.211   8.683   -9.043  1.00 29.15  ? 5   LEU B N   1 
ATOM   791  C CA  . LEU B 1 5  ? 3.438   8.495   -7.627  1.00 28.57  ? 5   LEU B CA  1 
ATOM   792  C C   . LEU B 1 5  ? 4.219   9.542   -6.923  1.00 28.72  ? 5   LEU B C   1 
ATOM   793  O O   . LEU B 1 5  ? 4.544   9.351   -5.694  1.00 29.62  ? 5   LEU B O   1 
ATOM   794  C CB  . LEU B 1 5  ? 3.975   7.022   -7.514  1.00 27.17  ? 5   LEU B CB  1 
ATOM   795  C CG  . LEU B 1 5  ? 2.964   6.043   -8.194  1.00 26.90  ? 5   LEU B CG  1 
ATOM   796  C CD1 . LEU B 1 5  ? 3.530   4.644   -8.205  1.00 26.03  ? 5   LEU B CD1 1 
ATOM   797  C CD2 . LEU B 1 5  ? 1.628   6.199   -7.489  1.00 24.47  ? 5   LEU B CD2 1 
ATOM   798  N N   . TRP B 1 6  ? 4.514   10.652  -7.575  1.00 28.11  ? 6   TRP B N   1 
ATOM   799  C CA  . TRP B 1 6  ? 5.264   11.767  -6.975  1.00 28.19  ? 6   TRP B CA  1 
ATOM   800  C C   . TRP B 1 6  ? 4.352   12.338  -5.875  1.00 29.13  ? 6   TRP B C   1 
ATOM   801  O O   . TRP B 1 6  ? 4.920   12.558  -4.760  1.00 31.16  ? 6   TRP B O   1 
ATOM   802  C CB  . TRP B 1 6  ? 5.902   12.805  -7.876  1.00 24.80  ? 6   TRP B CB  1 
ATOM   803  C CG  . TRP B 1 6  ? 6.594   12.349  -9.098  1.00 23.38  ? 6   TRP B CG  1 
ATOM   804  C CD1 . TRP B 1 6  ? 5.938   12.178  -10.315 1.00 21.91  ? 6   TRP B CD1 1 
ATOM   805  C CD2 . TRP B 1 6  ? 7.932   11.893  -9.303  1.00 23.42  ? 6   TRP B CD2 1 
ATOM   806  N NE1 . TRP B 1 6  ? 6.811   11.688  -11.237 1.00 24.33  ? 6   TRP B NE1 1 
ATOM   807  C CE2 . TRP B 1 6  ? 8.038   11.493  -10.656 1.00 25.41  ? 6   TRP B CE2 1 
ATOM   808  C CE3 . TRP B 1 6  ? 9.090   11.904  -8.546  1.00 27.07  ? 6   TRP B CE3 1 
ATOM   809  C CZ2 . TRP B 1 6  ? 9.234   11.038  -11.235 1.00 26.65  ? 6   TRP B CZ2 1 
ATOM   810  C CZ3 . TRP B 1 6  ? 10.310  11.477  -9.109  1.00 26.48  ? 6   TRP B CZ3 1 
ATOM   811  C CH2 . TRP B 1 6  ? 10.366  11.023  -10.423 1.00 25.98  ? 6   TRP B CH2 1 
ATOM   812  N N   . GLN B 1 7  ? 3.075   12.428  -6.116  1.00 29.44  ? 7   GLN B N   1 
ATOM   813  C CA  . GLN B 1 7  ? 2.098   12.853  -5.049  1.00 29.04  ? 7   GLN B CA  1 
ATOM   814  C C   . GLN B 1 7  ? 1.423   11.606  -4.503  1.00 26.97  ? 7   GLN B C   1 
ATOM   815  O O   . GLN B 1 7  ? 1.322   10.617  -5.263  1.00 28.08  ? 7   GLN B O   1 
ATOM   816  C CB  . GLN B 1 7  ? 1.055   13.768  -5.642  1.00 36.04  ? 7   GLN B CB  1 
ATOM   817  C CG  . GLN B 1 7  ? 1.406   15.263  -5.654  1.00 44.22  ? 7   GLN B CG  1 
ATOM   818  C CD  . GLN B 1 7  ? 0.080   16.041  -5.527  1.00 49.07  ? 7   GLN B CD  1 
ATOM   819  O OE1 . GLN B 1 7  ? -0.906  15.634  -6.185  1.00 52.32  ? 7   GLN B OE1 1 
ATOM   820  N NE2 . GLN B 1 7  ? 0.060   17.067  -4.679  1.00 49.79  ? 7   GLN B NE2 1 
ATOM   821  N N   . ARG B 1 8  ? 0.923   11.610  -3.330  1.00 25.77  ? 8   ARG B N   1 
ATOM   822  C CA  . ARG B 1 8  ? 0.119   10.463  -2.803  1.00 24.66  ? 8   ARG B CA  1 
ATOM   823  C C   . ARG B 1 8  ? -1.081  10.355  -3.761  1.00 22.27  ? 8   ARG B C   1 
ATOM   824  O O   . ARG B 1 8  ? -1.629  11.406  -4.121  1.00 19.98  ? 8   ARG B O   1 
ATOM   825  C CB  . ARG B 1 8  ? -0.442  10.692  -1.407  1.00 29.16  ? 8   ARG B CB  1 
ATOM   826  C CG  . ARG B 1 8  ? 0.153   9.955   -0.261  1.00 35.27  ? 8   ARG B CG  1 
ATOM   827  C CD  . ARG B 1 8  ? 0.024   10.677  1.037   1.00 41.78  ? 8   ARG B CD  1 
ATOM   828  N NE  . ARG B 1 8  ? 1.273   10.493  1.847   1.00 49.42  ? 8   ARG B NE  1 
ATOM   829  C CZ  . ARG B 1 8  ? 1.697   11.482  2.655   1.00 53.65  ? 8   ARG B CZ  1 
ATOM   830  N NH1 . ARG B 1 8  ? 2.279   12.594  2.159   1.00 55.52  ? 8   ARG B NH1 1 
ATOM   831  N NH2 . ARG B 1 8  ? 1.578   11.372  3.994   1.00 55.42  ? 8   ARG B NH2 1 
ATOM   832  N N   . PRO B 1 9  ? -1.416  9.112   -4.067  1.00 22.99  ? 9   PRO B N   1 
ATOM   833  C CA  . PRO B 1 9  ? -2.567  8.801   -4.958  1.00 22.13  ? 9   PRO B CA  1 
ATOM   834  C C   . PRO B 1 9  ? -3.905  8.970   -4.349  1.00 21.01  ? 9   PRO B C   1 
ATOM   835  O O   . PRO B 1 9  ? -4.664  8.006   -4.082  1.00 21.30  ? 9   PRO B O   1 
ATOM   836  C CB  . PRO B 1 9  ? -2.180  7.379   -5.477  1.00 21.15  ? 9   PRO B CB  1 
ATOM   837  C CG  . PRO B 1 9  ? -1.427  6.754   -4.371  1.00 20.38  ? 9   PRO B CG  1 
ATOM   838  C CD  . PRO B 1 9  ? -0.716  7.847   -3.644  1.00 21.77  ? 9   PRO B CD  1 
ATOM   839  N N   . LEU B 1 10 ? -4.379  10.159  -3.975  1.00 22.19  ? 10  LEU B N   1 
ATOM   840  C CA  . LEU B 1 10 ? -5.759  10.254  -3.416  1.00 24.46  ? 10  LEU B CA  1 
ATOM   841  C C   . LEU B 1 10 ? -6.718  10.351  -4.569  1.00 26.48  ? 10  LEU B C   1 
ATOM   842  O O   . LEU B 1 10 ? -6.319  10.823  -5.667  1.00 29.53  ? 10  LEU B O   1 
ATOM   843  C CB  . LEU B 1 10 ? -5.851  11.353  -2.340  1.00 22.67  ? 10  LEU B CB  1 
ATOM   844  C CG  . LEU B 1 10 ? -4.841  11.030  -1.195  1.00 24.21  ? 10  LEU B CG  1 
ATOM   845  C CD1 . LEU B 1 10 ? -4.431  12.244  -0.467  1.00 25.62  ? 10  LEU B CD1 1 
ATOM   846  C CD2 . LEU B 1 10 ? -5.539  10.006  -0.324  1.00 26.65  ? 10  LEU B CD2 1 
ATOM   847  N N   . VAL B 1 11 ? -7.883  9.784   -4.443  1.00 26.69  ? 11  VAL B N   1 
ATOM   848  C CA  . VAL B 1 11 ? -8.993  9.852   -5.395  1.00 25.95  ? 11  VAL B CA  1 
ATOM   849  C C   . VAL B 1 11 ? -10.283 9.989   -4.537  1.00 26.32  ? 11  VAL B C   1 
ATOM   850  O O   . VAL B 1 11 ? -10.293 9.629   -3.347  1.00 26.32  ? 11  VAL B O   1 
ATOM   851  C CB  . VAL B 1 11 ? -8.999  8.652   -6.336  1.00 23.33  ? 11  VAL B CB  1 
ATOM   852  C CG1 . VAL B 1 11 ? -7.827  8.689   -7.325  1.00 24.90  ? 11  VAL B CG1 1 
ATOM   853  C CG2 . VAL B 1 11 ? -9.013  7.352   -5.591  1.00 21.65  ? 11  VAL B CG2 1 
ATOM   854  N N   . THR B 1 12 ? -11.281 10.562  -5.169  1.00 25.37  ? 12  THR B N   1 
ATOM   855  C CA  . THR B 1 12 ? -12.583 10.688  -4.617  1.00 24.63  ? 12  THR B CA  1 
ATOM   856  C C   . THR B 1 12 ? -13.302 9.337   -4.877  1.00 25.25  ? 12  THR B C   1 
ATOM   857  O O   . THR B 1 12 ? -13.449 8.882   -6.032  1.00 26.87  ? 12  THR B O   1 
ATOM   858  C CB  . THR B 1 12 ? -13.490 11.816  -5.269  1.00 27.23  ? 12  THR B CB  1 
ATOM   859  O OG1 . THR B 1 12 ? -12.708 13.013  -5.327  1.00 26.89  ? 12  THR B OG1 1 
ATOM   860  C CG2 . THR B 1 12 ? -14.865 12.017  -4.510  1.00 27.70  ? 12  THR B CG2 1 
ATOM   861  N N   . ILE B 1 13 ? -13.760 8.801   -3.794  1.00 24.07  ? 13  ILE B N   1 
ATOM   862  C CA  . ILE B 1 13 ? -14.717 7.657   -3.822  1.00 21.57  ? 13  ILE B CA  1 
ATOM   863  C C   . ILE B 1 13 ? -16.031 8.358   -3.404  1.00 21.66  ? 13  ILE B C   1 
ATOM   864  O O   . ILE B 1 13 ? -16.029 9.562   -3.062  1.00 20.71  ? 13  ILE B O   1 
ATOM   865  C CB  . ILE B 1 13 ? -14.219 6.508   -2.952  1.00 16.01  ? 13  ILE B CB  1 
ATOM   866  C CG1 . ILE B 1 13 ? -14.426 6.903   -1.462  1.00 16.46  ? 13  ILE B CG1 1 
ATOM   867  C CG2 . ILE B 1 13 ? -12.738 6.111   -3.262  1.00 12.75  ? 13  ILE B CG2 1 
ATOM   868  C CD1 . ILE B 1 13 ? -13.397 6.374   -0.481  1.00 19.91  ? 13  ILE B CD1 1 
ATOM   869  N N   . LYS B 1 14 ? -17.100 7.665   -3.509  1.00 22.10  ? 14  LYS B N   1 
ATOM   870  C CA  . LYS B 1 14 ? -18.389 8.169   -3.117  1.00 22.93  ? 14  LYS B CA  1 
ATOM   871  C C   . LYS B 1 14 ? -19.205 7.000   -2.594  1.00 26.86  ? 14  LYS B C   1 
ATOM   872  O O   . LYS B 1 14 ? -19.758 6.191   -3.332  1.00 28.53  ? 14  LYS B O   1 
ATOM   873  C CB  . LYS B 1 14 ? -19.058 8.852   -4.281  1.00 19.22  ? 14  LYS B CB  1 
ATOM   874  C CG  . LYS B 1 14 ? -20.424 9.426   -3.795  1.00 16.56  ? 14  LYS B CG  1 
ATOM   875  C CD  . LYS B 1 14 ? -21.441 9.176   -4.808  1.00 15.28  ? 14  LYS B CD  1 
ATOM   876  C CE  . LYS B 1 14 ? -21.972 10.504  -5.363  1.00 20.46  ? 14  LYS B CE  1 
ATOM   877  N NZ  . LYS B 1 14 ? -22.523 10.196  -6.727  1.00 26.19  ? 14  LYS B NZ  1 
ATOM   878  N N   . ILE B 1 15 ? -19.162 6.870   -1.290  1.00 30.44  ? 15  ILE B N   1 
ATOM   879  C CA  . ILE B 1 15 ? -19.894 5.788   -0.599  1.00 33.54  ? 15  ILE B CA  1 
ATOM   880  C C   . ILE B 1 15 ? -21.046 6.431   0.153   1.00 36.66  ? 15  ILE B C   1 
ATOM   881  O O   . ILE B 1 15 ? -20.847 7.517   0.743   1.00 36.44  ? 15  ILE B O   1 
ATOM   882  C CB  . ILE B 1 15 ? -18.906 5.043   0.355   1.00 33.70  ? 15  ILE B CB  1 
ATOM   883  C CG1 . ILE B 1 15 ? -19.666 3.869   1.049   1.00 31.55  ? 15  ILE B CG1 1 
ATOM   884  C CG2 . ILE B 1 15 ? -18.217 6.004   1.355   1.00 33.58  ? 15  ILE B CG2 1 
ATOM   885  C CD1 . ILE B 1 15 ? -18.749 2.652   1.304   1.00 29.43  ? 15  ILE B CD1 1 
ATOM   886  N N   . GLY B 1 16 ? -22.203 5.826   0.070   1.00 39.70  ? 16  GLY B N   1 
ATOM   887  C CA  . GLY B 1 16 ? -23.417 6.268   0.726   1.00 42.99  ? 16  GLY B CA  1 
ATOM   888  C C   . GLY B 1 16 ? -23.871 7.674   0.479   1.00 45.68  ? 16  GLY B C   1 
ATOM   889  O O   . GLY B 1 16 ? -24.695 8.229   1.296   1.00 46.32  ? 16  GLY B O   1 
ATOM   890  N N   . GLY B 1 17 ? -23.406 8.308   -0.589  1.00 47.18  ? 17  GLY B N   1 
ATOM   891  C CA  . GLY B 1 17 ? -23.730 9.626   -1.063  1.00 46.97  ? 17  GLY B CA  1 
ATOM   892  C C   . GLY B 1 17 ? -22.813 10.728  -0.635  1.00 47.32  ? 17  GLY B C   1 
ATOM   893  O O   . GLY B 1 17 ? -23.050 11.949  -0.943  1.00 48.40  ? 17  GLY B O   1 
ATOM   894  N N   . GLN B 1 18 ? -21.776 10.378  0.099   1.00 46.60  ? 18  GLN B N   1 
ATOM   895  C CA  . GLN B 1 18 ? -20.809 11.375  0.569   1.00 46.61  ? 18  GLN B CA  1 
ATOM   896  C C   . GLN B 1 18 ? -19.513 11.077  -0.221  1.00 45.22  ? 18  GLN B C   1 
ATOM   897  O O   . GLN B 1 18 ? -19.291 9.902   -0.526  1.00 44.82  ? 18  GLN B O   1 
ATOM   898  C CB  . GLN B 1 18 ? -20.505 11.356  2.051   1.00 54.49  ? 18  GLN B CB  1 
ATOM   899  C CG  . GLN B 1 18 ? -21.678 11.274  3.028   1.00 61.03  ? 18  GLN B CG  1 
ATOM   900  C CD  . GLN B 1 18 ? -21.693 9.985   3.819   1.00 64.63  ? 18  GLN B CD  1 
ATOM   901  O OE1 . GLN B 1 18 ? -22.699 9.297   4.059   1.00 66.64  ? 18  GLN B OE1 1 
ATOM   902  N NE2 . GLN B 1 18 ? -20.463 9.596   4.225   1.00 67.54  ? 18  GLN B NE2 1 
ATOM   903  N N   . LEU B 1 19 ? -18.823 12.148  -0.504  1.00 44.07  ? 19  LEU B N   1 
ATOM   904  C CA  . LEU B 1 19 ? -17.494 12.153  -1.101  1.00 42.62  ? 19  LEU B CA  1 
ATOM   905  C C   . LEU B 1 19 ? -16.474 12.003  0.090   1.00 42.87  ? 19  LEU B C   1 
ATOM   906  O O   . LEU B 1 19 ? -16.692 12.568  1.164   1.00 44.10  ? 19  LEU B O   1 
ATOM   907  C CB  . LEU B 1 19 ? -17.209 13.331  -1.926  1.00 38.97  ? 19  LEU B CB  1 
ATOM   908  C CG  . LEU B 1 19 ? -17.709 13.660  -3.271  1.00 38.95  ? 19  LEU B CG  1 
ATOM   909  C CD1 . LEU B 1 19 ? -18.144 12.454  -4.110  1.00 37.10  ? 19  LEU B CD1 1 
ATOM   910  C CD2 . LEU B 1 19 ? -18.888 14.606  -3.087  1.00 37.89  ? 19  LEU B CD2 1 
ATOM   911  N N   . LYS B 1 20 ? -15.438 11.283  -0.208  1.00 42.05  ? 20  LYS B N   1 
ATOM   912  C CA  . LYS B 1 20 ? -14.293 10.982  0.632   1.00 40.54  ? 20  LYS B CA  1 
ATOM   913  C C   . LYS B 1 20 ? -13.078 10.825  -0.300  1.00 39.72  ? 20  LYS B C   1 
ATOM   914  O O   . LYS B 1 20 ? -13.251 10.597  -1.493  1.00 39.34  ? 20  LYS B O   1 
ATOM   915  C CB  . LYS B 1 20 ? -14.485 9.706   1.421   1.00 42.67  ? 20  LYS B CB  1 
ATOM   916  C CG  . LYS B 1 20 ? -15.407 9.696   2.583   1.00 44.08  ? 20  LYS B CG  1 
ATOM   917  C CD  . LYS B 1 20 ? -16.310 8.485   2.657   1.00 46.50  ? 20  LYS B CD  1 
ATOM   918  C CE  . LYS B 1 20 ? -17.495 8.698   3.593   1.00 47.63  ? 20  LYS B CE  1 
ATOM   919  N NZ  . LYS B 1 20 ? -17.009 8.953   4.997   1.00 48.33  ? 20  LYS B NZ  1 
ATOM   920  N N   . GLU B 1 21 ? -11.904 11.004  0.248   1.00 40.27  ? 21  GLU B N   1 
ATOM   921  C CA  . GLU B 1 21 ? -10.655 10.786  -0.491  1.00 40.46  ? 21  GLU B CA  1 
ATOM   922  C C   . GLU B 1 21 ? -10.199 9.377   0.048   1.00 37.76  ? 21  GLU B C   1 
ATOM   923  O O   . GLU B 1 21 ? -10.225 9.273   1.284   1.00 38.82  ? 21  GLU B O   1 
ATOM   924  C CB  . GLU B 1 21 ? -9.492  11.617  -0.290  1.00 47.31  ? 21  GLU B CB  1 
ATOM   925  C CG  . GLU B 1 21 ? -9.225  13.037  -0.393  1.00 59.56  ? 21  GLU B CG  1 
ATOM   926  C CD  . GLU B 1 21 ? -8.417  13.702  0.720   1.00 66.36  ? 21  GLU B CD  1 
ATOM   927  O OE1 . GLU B 1 21 ? -7.814  12.869  1.468   1.00 69.02  ? 21  GLU B OE1 1 
ATOM   928  O OE2 . GLU B 1 21 ? -8.401  14.934  0.876   1.00 69.59  ? 21  GLU B OE2 1 
ATOM   929  N N   . ALA B 1 22 ? -9.852  8.546   -0.859  1.00 33.36  ? 22  ALA B N   1 
ATOM   930  C CA  . ALA B 1 22 ? -9.298  7.229   -0.317  1.00 30.69  ? 22  ALA B CA  1 
ATOM   931  C C   . ALA B 1 22 ? -7.963  7.154   -1.019  1.00 28.24  ? 22  ALA B C   1 
ATOM   932  O O   . ALA B 1 22 ? -7.871  7.936   -1.990  1.00 28.68  ? 22  ALA B O   1 
ATOM   933  C CB  . ALA B 1 22 ? -10.314 6.187   -0.556  1.00 31.29  ? 22  ALA B CB  1 
ATOM   934  N N   . LEU B 1 23 ? -7.048  6.350   -0.643  1.00 26.05  ? 23  LEU B N   1 
ATOM   935  C CA  . LEU B 1 23 ? -5.748  6.097   -1.278  1.00 23.29  ? 23  LEU B CA  1 
ATOM   936  C C   . LEU B 1 23 ? -5.751  4.842   -2.144  1.00 21.82  ? 23  LEU B C   1 
ATOM   937  O O   . LEU B 1 23 ? -6.176  3.750   -1.666  1.00 21.68  ? 23  LEU B O   1 
ATOM   938  C CB  . LEU B 1 23 ? -4.717  6.056   -0.125  1.00 20.74  ? 23  LEU B CB  1 
ATOM   939  C CG  . LEU B 1 23 ? -3.256  6.017   -0.432  1.00 23.55  ? 23  LEU B CG  1 
ATOM   940  C CD1 . LEU B 1 23 ? -2.581  7.352   -0.635  1.00 18.62  ? 23  LEU B CD1 1 
ATOM   941  C CD2 . LEU B 1 23 ? -2.565  5.278   0.770   1.00 28.63  ? 23  LEU B CD2 1 
ATOM   942  N N   . LEU B 1 24 ? -5.223  4.953   -3.396  1.00 19.22  ? 24  LEU B N   1 
ATOM   943  C CA  . LEU B 1 24 ? -5.001  3.791   -4.290  1.00 15.68  ? 24  LEU B CA  1 
ATOM   944  C C   . LEU B 1 24 ? -3.704  3.089   -3.787  1.00 14.75  ? 24  LEU B C   1 
ATOM   945  O O   . LEU B 1 24 ? -2.612  3.642   -3.718  1.00 13.57  ? 24  LEU B O   1 
ATOM   946  C CB  . LEU B 1 24 ? -5.020  4.145   -5.702  1.00 15.67  ? 24  LEU B CB  1 
ATOM   947  C CG  . LEU B 1 24 ? -6.092  4.992   -6.339  1.00 16.98  ? 24  LEU B CG  1 
ATOM   948  C CD1 . LEU B 1 24 ? -6.046  4.844   -7.863  1.00 14.58  ? 24  LEU B CD1 1 
ATOM   949  C CD2 . LEU B 1 24 ? -7.448  4.574   -5.741  1.00 15.73  ? 24  LEU B CD2 1 
ATOM   950  N N   . ASP B 1 25 ? -3.973  1.892   -3.309  1.00 14.71  ? 25  ASP B N   1 
ATOM   951  C CA  . ASP B 1 25 ? -3.147  1.071   -2.464  1.00 15.07  ? 25  ASP B CA  1 
ATOM   952  C C   . ASP B 1 25 ? -3.059  -0.371  -2.902  1.00 16.69  ? 25  ASP B C   1 
ATOM   953  O O   . ASP B 1 25 ? -4.024  -1.162  -2.758  1.00 18.67  ? 25  ASP B O   1 
ATOM   954  C CB  . ASP B 1 25 ? -3.724  1.265   -1.002  1.00 8.54   ? 25  ASP B CB  1 
ATOM   955  C CG  . ASP B 1 25 ? -2.688  0.873   0.011   1.00 7.53   ? 25  ASP B CG  1 
ATOM   956  O OD1 . ASP B 1 25 ? -1.636  0.253   -0.365  1.00 6.52   ? 25  ASP B OD1 1 
ATOM   957  O OD2 . ASP B 1 25 ? -2.871  1.056   1.177   1.00 8.40   ? 25  ASP B OD2 1 
ATOM   958  N N   . THR B 1 26 ? -1.913  -0.728  -3.425  1.00 17.04  ? 26  THR B N   1 
ATOM   959  C CA  . THR B 1 26 ? -1.582  -2.000  -4.079  1.00 16.75  ? 26  THR B CA  1 
ATOM   960  C C   . THR B 1 26 ? -0.929  -2.958  -3.109  1.00 16.52  ? 26  THR B C   1 
ATOM   961  O O   . THR B 1 26 ? -0.851  -4.207  -3.241  1.00 15.81  ? 26  THR B O   1 
ATOM   962  C CB  . THR B 1 26 ? -0.773  -1.755  -5.440  1.00 14.96  ? 26  THR B CB  1 
ATOM   963  O OG1 . THR B 1 26 ? 0.457   -1.081  -5.158  1.00 14.30  ? 26  THR B OG1 1 
ATOM   964  C CG2 . THR B 1 26 ? -1.549  -0.922  -6.491  1.00 14.72  ? 26  THR B CG2 1 
ATOM   965  N N   . GLY B 1 27 ? -0.500  -2.291  -1.994  1.00 15.09  ? 27  GLY B N   1 
ATOM   966  C CA  . GLY B 1 27 ? 0.174   -3.053  -0.940  1.00 13.85  ? 27  GLY B CA  1 
ATOM   967  C C   . GLY B 1 27 ? -0.908  -3.708  -0.121  1.00 14.31  ? 27  GLY B C   1 
ATOM   968  O O   . GLY B 1 27 ? -0.591  -4.540  0.755   1.00 17.20  ? 27  GLY B O   1 
ATOM   969  N N   . ALA B 1 28 ? -2.156  -3.306  -0.385  1.00 12.65  ? 28  ALA B N   1 
ATOM   970  C CA  . ALA B 1 28 ? -3.264  -3.782  0.376   1.00 13.13  ? 28  ALA B CA  1 
ATOM   971  C C   . ALA B 1 28 ? -4.136  -4.801  -0.312  1.00 14.52  ? 28  ALA B C   1 
ATOM   972  O O   . ALA B 1 28 ? -4.837  -4.443  -1.300  1.00 15.81  ? 28  ALA B O   1 
ATOM   973  C CB  . ALA B 1 28 ? -4.186  -2.602  0.888   1.00 4.22   ? 28  ALA B CB  1 
ATOM   974  N N   . ASP B 1 29 ? -4.374  -5.915  0.395   1.00 14.88  ? 29  ASP B N   1 
ATOM   975  C CA  . ASP B 1 29 ? -5.415  -6.868  -0.002  1.00 15.32  ? 29  ASP B CA  1 
ATOM   976  C C   . ASP B 1 29 ? -6.804  -6.263  -0.045  1.00 15.94  ? 29  ASP B C   1 
ATOM   977  O O   . ASP B 1 29 ? -7.592  -6.492  -1.024  1.00 16.12  ? 29  ASP B O   1 
ATOM   978  C CB  . ASP B 1 29 ? -5.402  -8.057  0.972   1.00 17.41  ? 29  ASP B CB  1 
ATOM   979  C CG  . ASP B 1 29 ? -4.015  -8.711  0.925   1.00 23.10  ? 29  ASP B CG  1 
ATOM   980  O OD1 . ASP B 1 29 ? -3.226  -8.250  0.033   1.00 25.29  ? 29  ASP B OD1 1 
ATOM   981  O OD2 . ASP B 1 29 ? -3.742  -9.571  1.762   1.00 20.03  ? 29  ASP B OD2 1 
ATOM   982  N N   . ASP B 1 30 ? -7.192  -5.650  1.093   1.00 14.73  ? 30  ASP B N   1 
ATOM   983  C CA  . ASP B 1 30 ? -8.587  -5.185  1.210   1.00 14.09  ? 30  ASP B CA  1 
ATOM   984  C C   . ASP B 1 30 ? -8.753  -3.688  1.181   1.00 15.28  ? 30  ASP B C   1 
ATOM   985  O O   . ASP B 1 30 ? -7.817  -2.894  1.302   1.00 15.55  ? 30  ASP B O   1 
ATOM   986  C CB  . ASP B 1 30 ? -9.172  -5.777  2.484   1.00 15.00  ? 30  ASP B CB  1 
ATOM   987  C CG  . ASP B 1 30 ? -8.903  -7.271  2.586   1.00 18.99  ? 30  ASP B CG  1 
ATOM   988  O OD1 . ASP B 1 30 ? -9.513  -7.979  1.703   1.00 21.90  ? 30  ASP B OD1 1 
ATOM   989  O OD2 . ASP B 1 30 ? -8.184  -7.714  3.479   1.00 17.55  ? 30  ASP B OD2 1 
ATOM   990  N N   . THR B 1 31 ? -10.041 -3.343  1.059   1.00 15.52  ? 31  THR B N   1 
ATOM   991  C CA  . THR B 1 31 ? -10.458 -1.941  1.189   1.00 17.46  ? 31  THR B CA  1 
ATOM   992  C C   . THR B 1 31 ? -10.826 -1.647  2.626   1.00 19.88  ? 31  THR B C   1 
ATOM   993  O O   . THR B 1 31 ? -11.661 -2.371  3.198   1.00 22.29  ? 31  THR B O   1 
ATOM   994  C CB  . THR B 1 31 ? -11.644 -1.741  0.199   1.00 16.19  ? 31  THR B CB  1 
ATOM   995  O OG1 . THR B 1 31 ? -10.947 -1.872  -1.054  1.00 21.40  ? 31  THR B OG1 1 
ATOM   996  C CG2 . THR B 1 31 ? -12.394 -0.444  0.328   1.00 17.19  ? 31  THR B CG2 1 
ATOM   997  N N   . VAL B 1 32 ? -10.169 -0.762  3.301   1.00 21.08  ? 32  VAL B N   1 
ATOM   998  C CA  . VAL B 1 32 ? -10.330 -0.432  4.728   1.00 21.80  ? 32  VAL B CA  1 
ATOM   999  C C   . VAL B 1 32 ? -10.722 1.044   4.818   1.00 23.42  ? 32  VAL B C   1 
ATOM   1000 O O   . VAL B 1 32 ? -9.918  1.871   4.332   1.00 23.34  ? 32  VAL B O   1 
ATOM   1001 C CB  . VAL B 1 32 ? -8.982  -0.701  5.445   1.00 20.19  ? 32  VAL B CB  1 
ATOM   1002 C CG1 . VAL B 1 32 ? -9.065  -0.772  6.932   1.00 18.03  ? 32  VAL B CG1 1 
ATOM   1003 C CG2 . VAL B 1 32 ? -8.230  -1.898  4.854   1.00 20.34  ? 32  VAL B CG2 1 
ATOM   1004 N N   . LEU B 1 33 ? -11.899 1.344   5.269   1.00 26.18  ? 33  LEU B N   1 
ATOM   1005 C CA  . LEU B 1 33 ? -12.352 2.734   5.417   1.00 29.91  ? 33  LEU B CA  1 
ATOM   1006 C C   . LEU B 1 33 ? -12.264 3.024   6.944   1.00 33.22  ? 33  LEU B C   1 
ATOM   1007 O O   . LEU B 1 33 ? -12.070 2.079   7.702   1.00 35.28  ? 33  LEU B O   1 
ATOM   1008 C CB  . LEU B 1 33 ? -13.697 2.991   4.874   1.00 30.12  ? 33  LEU B CB  1 
ATOM   1009 C CG  . LEU B 1 33 ? -14.157 2.536   3.529   1.00 30.92  ? 33  LEU B CG  1 
ATOM   1010 C CD1 . LEU B 1 33 ? -15.323 3.444   3.105   1.00 33.17  ? 33  LEU B CD1 1 
ATOM   1011 C CD2 . LEU B 1 33 ? -13.038 2.604   2.499   1.00 31.69  ? 33  LEU B CD2 1 
ATOM   1012 N N   . GLU B 1 34 ? -12.278 4.278   7.236   1.00 34.93  ? 34  GLU B N   1 
ATOM   1013 C CA  . GLU B 1 34 ? -12.352 4.804   8.564   1.00 36.69  ? 34  GLU B CA  1 
ATOM   1014 C C   . GLU B 1 34 ? -13.841 4.625   8.956   1.00 40.19  ? 34  GLU B C   1 
ATOM   1015 O O   . GLU B 1 34 ? -14.726 4.514   8.104   1.00 39.95  ? 34  GLU B O   1 
ATOM   1016 C CB  . GLU B 1 34 ? -12.096 6.282   8.656   1.00 35.09  ? 34  GLU B CB  1 
ATOM   1017 C CG  . GLU B 1 34 ? -10.707 6.744   8.224   1.00 37.54  ? 34  GLU B CG  1 
ATOM   1018 C CD  . GLU B 1 34 ? -10.630 8.112   7.630   1.00 37.75  ? 34  GLU B CD  1 
ATOM   1019 O OE1 . GLU B 1 34 ? -11.672 8.777   7.756   1.00 39.62  ? 34  GLU B OE1 1 
ATOM   1020 O OE2 . GLU B 1 34 ? -9.640  8.556   7.057   1.00 38.92  ? 34  GLU B OE2 1 
ATOM   1021 N N   . GLU B 1 35 ? -13.961 4.585   10.253  1.00 44.90  ? 35  GLU B N   1 
ATOM   1022 C CA  . GLU B 1 35 ? -15.230 4.474   10.947  1.00 49.23  ? 35  GLU B CA  1 
ATOM   1023 C C   . GLU B 1 35 ? -16.329 5.211   10.181  1.00 50.94  ? 35  GLU B C   1 
ATOM   1024 O O   . GLU B 1 35 ? -16.263 6.420   9.909   1.00 51.43  ? 35  GLU B O   1 
ATOM   1025 C CB  . GLU B 1 35 ? -15.191 5.012   12.371  1.00 53.58  ? 35  GLU B CB  1 
ATOM   1026 C CG  . GLU B 1 35 ? -15.244 4.011   13.535  1.00 59.70  ? 35  GLU B CG  1 
ATOM   1027 C CD  . GLU B 1 35 ? -16.422 3.087   13.573  1.00 63.04  ? 35  GLU B CD  1 
ATOM   1028 O OE1 . GLU B 1 35 ? -17.616 3.390   13.433  1.00 62.83  ? 35  GLU B OE1 1 
ATOM   1029 O OE2 . GLU B 1 35 ? -16.023 1.878   13.753  1.00 65.38  ? 35  GLU B OE2 1 
ATOM   1030 N N   . MET B 1 36 ? -17.363 4.432   9.865   1.00 52.08  ? 36  MET B N   1 
ATOM   1031 C CA  . MET B 1 36 ? -18.525 5.003   9.173   1.00 53.48  ? 36  MET B CA  1 
ATOM   1032 C C   . MET B 1 36 ? -19.703 4.056   9.365   1.00 55.06  ? 36  MET B C   1 
ATOM   1033 O O   . MET B 1 36 ? -19.556 2.921   9.856   1.00 56.40  ? 36  MET B O   1 
ATOM   1034 C CB  . MET B 1 36 ? -18.225 5.332   7.760   1.00 55.36  ? 36  MET B CB  1 
ATOM   1035 C CG  . MET B 1 36 ? -17.947 4.217   6.797   1.00 53.80  ? 36  MET B CG  1 
ATOM   1036 S SD  . MET B 1 36 ? -17.968 5.073   5.150   1.00 54.26  ? 36  MET B SD  1 
ATOM   1037 C CE  . MET B 1 36 ? -19.739 5.425   5.034   1.00 50.66  ? 36  MET B CE  1 
ATOM   1038 N N   . SER B 1 37 ? -20.830 4.588   8.915   1.00 55.04  ? 37  SER B N   1 
ATOM   1039 C CA  . SER B 1 37 ? -22.078 3.855   9.007   1.00 55.12  ? 37  SER B CA  1 
ATOM   1040 C C   . SER B 1 37 ? -22.374 2.999   7.835   1.00 53.93  ? 37  SER B C   1 
ATOM   1041 O O   . SER B 1 37 ? -23.186 3.411   6.964   1.00 54.33  ? 37  SER B O   1 
ATOM   1042 C CB  . SER B 1 37 ? -23.234 4.886   9.298   1.00 60.77  ? 37  SER B CB  1 
ATOM   1043 O OG  . SER B 1 37 ? -23.755 4.737   10.578  0.00 -10.00 ? 37  SER B OG  1 
ATOM   1044 N N   . LEU B 1 38 ? -21.853 1.779   7.886   1.00 52.13  ? 38  LEU B N   1 
ATOM   1045 C CA  . LEU B 1 38 ? -22.290 0.882   6.751   1.00 52.35  ? 38  LEU B CA  1 
ATOM   1046 C C   . LEU B 1 38 ? -23.613 0.227   7.069   1.00 53.88  ? 38  LEU B C   1 
ATOM   1047 O O   . LEU B 1 38 ? -24.083 0.094   8.223   1.00 53.98  ? 38  LEU B O   1 
ATOM   1048 C CB  . LEU B 1 38 ? -21.057 0.131   6.313   1.00 44.29  ? 38  LEU B CB  1 
ATOM   1049 C CG  . LEU B 1 38 ? -19.993 1.102   5.698   1.00 39.26  ? 38  LEU B CG  1 
ATOM   1050 C CD1 . LEU B 1 38 ? -18.885 0.323   5.090   1.00 32.16  ? 38  LEU B CD1 1 
ATOM   1051 C CD2 . LEU B 1 38 ? -20.794 1.967   4.705   1.00 34.79  ? 38  LEU B CD2 1 
ATOM   1052 N N   . PRO B 1 39 ? -24.364 -0.095  5.988   1.00 54.71  ? 39  PRO B N   1 
ATOM   1053 C CA  . PRO B 1 39 ? -25.656 -0.711  5.996   1.00 53.76  ? 39  PRO B CA  1 
ATOM   1054 C C   . PRO B 1 39 ? -25.648 -2.227  6.189   1.00 52.75  ? 39  PRO B C   1 
ATOM   1055 O O   . PRO B 1 39 ? -24.948 -3.016  5.488   1.00 52.05  ? 39  PRO B O   1 
ATOM   1056 C CB  . PRO B 1 39 ? -26.238 -0.324  4.625   1.00 54.68  ? 39  PRO B CB  1 
ATOM   1057 C CG  . PRO B 1 39 ? -25.141 0.220   3.766   1.00 54.68  ? 39  PRO B CG  1 
ATOM   1058 C CD  . PRO B 1 39 ? -23.869 0.106   4.559   1.00 55.20  ? 39  PRO B CD  1 
ATOM   1059 N N   . GLY B 1 40 ? -26.493 -2.658  7.130   1.00 51.69  ? 40  GLY B N   1 
ATOM   1060 C CA  . GLY B 1 40 ? -26.714 -4.056  7.469   1.00 49.09  ? 40  GLY B CA  1 
ATOM   1061 C C   . GLY B 1 40 ? -25.791 -4.617  8.521   1.00 46.59  ? 40  GLY B C   1 
ATOM   1062 O O   . GLY B 1 40 ? -25.333 -4.014  9.503   1.00 45.12  ? 40  GLY B O   1 
ATOM   1063 N N   . ARG B 1 41 ? -25.511 -5.903  8.318   1.00 45.53  ? 41  ARG B N   1 
ATOM   1064 C CA  . ARG B 1 41 ? -24.717 -6.676  9.257   1.00 44.44  ? 41  ARG B CA  1 
ATOM   1065 C C   . ARG B 1 41 ? -23.226 -6.626  8.947   1.00 41.98  ? 41  ARG B C   1 
ATOM   1066 O O   . ARG B 1 41 ? -22.778 -6.335  7.857   1.00 42.24  ? 41  ARG B O   1 
ATOM   1067 C CB  . ARG B 1 41 ? -25.126 -8.166  9.297   1.00 46.77  ? 41  ARG B CB  1 
ATOM   1068 C CG  . ARG B 1 41 ? -26.467 -8.443  9.954   1.00 49.38  ? 41  ARG B CG  1 
ATOM   1069 C CD  . ARG B 1 41 ? -26.584 -9.893  10.326  1.00 51.80  ? 41  ARG B CD  1 
ATOM   1070 N NE  . ARG B 1 41 ? -27.324 -10.024 11.619  1.00 52.07  ? 41  ARG B NE  1 
ATOM   1071 C CZ  . ARG B 1 41 ? -26.644 -10.218 12.763  1.00 50.54  ? 41  ARG B CZ  1 
ATOM   1072 N NH1 . ARG B 1 41 ? -26.953 -9.389  13.763  1.00 52.33  ? 41  ARG B NH1 1 
ATOM   1073 N NH2 . ARG B 1 41 ? -25.769 -11.199 12.879  1.00 47.11  ? 41  ARG B NH2 1 
ATOM   1074 N N   . TRP B 1 42 ? -22.522 -7.066  9.986   1.00 39.27  ? 42  TRP B N   1 
ATOM   1075 C CA  . TRP B 1 42 ? -21.077 -7.190  9.931   1.00 36.51  ? 42  TRP B CA  1 
ATOM   1076 C C   . TRP B 1 42 ? -20.693 -8.494  10.646  1.00 36.05  ? 42  TRP B C   1 
ATOM   1077 O O   . TRP B 1 42 ? -21.481 -9.164  11.344  1.00 34.94  ? 42  TRP B O   1 
ATOM   1078 C CB  . TRP B 1 42 ? -20.375 -5.961  10.447  1.00 30.77  ? 42  TRP B CB  1 
ATOM   1079 C CG  . TRP B 1 42 ? -20.645 -5.624  11.877  1.00 27.49  ? 42  TRP B CG  1 
ATOM   1080 C CD1 . TRP B 1 42 ? -21.723 -4.941  12.412  1.00 25.19  ? 42  TRP B CD1 1 
ATOM   1081 C CD2 . TRP B 1 42 ? -19.784 -5.960  12.979  1.00 24.43  ? 42  TRP B CD2 1 
ATOM   1082 N NE1 . TRP B 1 42 ? -21.596 -4.898  13.778  1.00 22.73  ? 42  TRP B NE1 1 
ATOM   1083 C CE2 . TRP B 1 42 ? -20.404 -5.481  14.144  1.00 23.02  ? 42  TRP B CE2 1 
ATOM   1084 C CE3 . TRP B 1 42 ? -18.561 -6.617  13.067  1.00 26.51  ? 42  TRP B CE3 1 
ATOM   1085 C CZ2 . TRP B 1 42 ? -19.816 -5.646  15.395  1.00 22.95  ? 42  TRP B CZ2 1 
ATOM   1086 C CZ3 . TRP B 1 42 ? -17.961 -6.752  14.334  1.00 27.85  ? 42  TRP B CZ3 1 
ATOM   1087 C CH2 . TRP B 1 42 ? -18.609 -6.293  15.491  1.00 24.12  ? 42  TRP B CH2 1 
ATOM   1088 N N   . LYS B 1 43 ? -19.479 -8.799  10.309  1.00 37.11  ? 43  LYS B N   1 
ATOM   1089 C CA  . LYS B 1 43 ? -18.717 -9.915  10.808  1.00 39.12  ? 43  LYS B CA  1 
ATOM   1090 C C   . LYS B 1 43 ? -17.316 -9.333  11.137  1.00 40.33  ? 43  LYS B C   1 
ATOM   1091 O O   . LYS B 1 43 ? -16.946 -8.295  10.593  1.00 41.11  ? 43  LYS B O   1 
ATOM   1092 C CB  . LYS B 1 43 ? -18.571 -11.085 9.938   1.00 41.38  ? 43  LYS B CB  1 
ATOM   1093 C CG  . LYS B 1 43 ? -18.975 -11.136 8.477   1.00 45.03  ? 43  LYS B CG  1 
ATOM   1094 C CD  . LYS B 1 43 ? -18.650 -12.554 7.936   1.00 46.66  ? 43  LYS B CD  1 
ATOM   1095 C CE  . LYS B 1 43 ? -19.096 -12.872 6.540   1.00 46.86  ? 43  LYS B CE  1 
ATOM   1096 N NZ  . LYS B 1 43 ? -18.183 -13.995 5.980   1.00 44.96  ? 43  LYS B NZ  1 
ATOM   1097 N N   . PRO B 1 44 ? -16.645 -10.063 11.988  1.00 40.97  ? 44  PRO B N   1 
ATOM   1098 C CA  . PRO B 1 44 ? -15.291 -9.697  12.416  1.00 40.79  ? 44  PRO B CA  1 
ATOM   1099 C C   . PRO B 1 44 ? -14.219 -10.365 11.587  1.00 39.57  ? 44  PRO B C   1 
ATOM   1100 O O   . PRO B 1 44 ? -14.212 -11.543 11.193  1.00 38.87  ? 44  PRO B O   1 
ATOM   1101 C CB  . PRO B 1 44 ? -15.298 -10.113 13.895  1.00 41.22  ? 44  PRO B CB  1 
ATOM   1102 C CG  . PRO B 1 44 ? -16.061 -11.423 13.847  1.00 41.24  ? 44  PRO B CG  1 
ATOM   1103 C CD  . PRO B 1 44 ? -17.080 -11.282 12.701  1.00 41.14  ? 44  PRO B CD  1 
ATOM   1104 N N   . LYS B 1 45 ? -13.214 -9.519  11.364  1.00 39.09  ? 45  LYS B N   1 
ATOM   1105 C CA  . LYS B 1 45 ? -12.005 -9.785  10.671  1.00 38.50  ? 45  LYS B CA  1 
ATOM   1106 C C   . LYS B 1 45 ? -10.791 -9.283  11.437  1.00 38.58  ? 45  LYS B C   1 
ATOM   1107 O O   . LYS B 1 45 ? -10.851 -8.117  11.879  1.00 39.04  ? 45  LYS B O   1 
ATOM   1108 C CB  . LYS B 1 45 ? -11.990 -9.084  9.269   1.00 35.13  ? 45  LYS B CB  1 
ATOM   1109 C CG  . LYS B 1 45 ? -11.007 -9.775  8.328   1.00 33.81  ? 45  LYS B CG  1 
ATOM   1110 C CD  . LYS B 1 45 ? -11.455 -9.769  6.881   1.00 37.25  ? 45  LYS B CD  1 
ATOM   1111 C CE  . LYS B 1 45 ? -10.574 -10.562 5.961   1.00 37.64  ? 45  LYS B CE  1 
ATOM   1112 N NZ  . LYS B 1 45 ? -10.389 -9.923  4.625   1.00 40.16  ? 45  LYS B NZ  1 
ATOM   1113 N N   . MET B 1 46 ? -9.803  -10.127 11.559  1.00 39.24  ? 46  MET B N   1 
ATOM   1114 C CA  . MET B 1 46 ? -8.447  -9.763  11.965  1.00 40.81  ? 46  MET B CA  1 
ATOM   1115 C C   . MET B 1 46 ? -7.771  -9.290  10.633  1.00 40.76  ? 46  MET B C   1 
ATOM   1116 O O   . MET B 1 46 ? -8.071  -9.970  9.621   1.00 41.82  ? 46  MET B O   1 
ATOM   1117 C CB  . MET B 1 46 ? -7.627  -10.907 12.503  1.00 46.74  ? 46  MET B CB  1 
ATOM   1118 C CG  . MET B 1 46 ? -7.754  -11.085 13.990  1.00 53.67  ? 46  MET B CG  1 
ATOM   1119 S SD  . MET B 1 46 ? -6.984  -9.573  14.785  1.00 60.31  ? 46  MET B SD  1 
ATOM   1120 C CE  . MET B 1 46 ? -5.532  -10.421 15.503  1.00 57.15  ? 46  MET B CE  1 
ATOM   1121 N N   . ILE B 1 47 ? -7.035  -8.249  10.628  1.00 39.54  ? 47  ILE B N   1 
ATOM   1122 C CA  . ILE B 1 47 ? -6.196  -7.714  9.590   1.00 37.59  ? 47  ILE B CA  1 
ATOM   1123 C C   . ILE B 1 47 ? -4.965  -7.025  10.283  1.00 37.26  ? 47  ILE B C   1 
ATOM   1124 O O   . ILE B 1 47 ? -5.145  -6.109  11.081  1.00 37.89  ? 47  ILE B O   1 
ATOM   1125 C CB  . ILE B 1 47 ? -6.806  -6.711  8.573   1.00 35.08  ? 47  ILE B CB  1 
ATOM   1126 C CG1 . ILE B 1 47 ? -7.189  -5.388  9.337   1.00 35.49  ? 47  ILE B CG1 1 
ATOM   1127 C CG2 . ILE B 1 47 ? -7.946  -7.173  7.688   1.00 32.56  ? 47  ILE B CG2 1 
ATOM   1128 C CD1 . ILE B 1 47 ? -6.898  -4.110  8.503   1.00 34.94  ? 47  ILE B CD1 1 
ATOM   1129 N N   . GLY B 1 48 ? -3.805  -7.452  9.901   1.00 37.23  ? 48  GLY B N   1 
ATOM   1130 C CA  . GLY B 1 48 ? -2.510  -6.889  10.246  1.00 36.09  ? 48  GLY B CA  1 
ATOM   1131 C C   . GLY B 1 48 ? -2.009  -5.908  9.162   1.00 35.10  ? 48  GLY B C   1 
ATOM   1132 O O   . GLY B 1 48 ? -2.416  -5.970  7.996   1.00 35.58  ? 48  GLY B O   1 
ATOM   1133 N N   . GLY B 1 49 ? -1.210  -4.992  9.571   1.00 33.76  ? 49  GLY B N   1 
ATOM   1134 C CA  . GLY B 1 49 ? -0.554  -3.983  8.700   1.00 33.50  ? 49  GLY B CA  1 
ATOM   1135 C C   . GLY B 1 49 ? 0.878   -3.969  9.363   1.00 33.97  ? 49  GLY B C   1 
ATOM   1136 O O   . GLY B 1 49 ? 1.105   -4.969  10.079  1.00 32.56  ? 49  GLY B O   1 
ATOM   1137 N N   . ILE B 1 50 ? 1.504   -2.853  9.275   1.00 35.14  ? 50  ILE B N   1 
ATOM   1138 C CA  . ILE B 1 50 ? 2.849   -2.568  9.754   1.00 36.74  ? 50  ILE B CA  1 
ATOM   1139 C C   . ILE B 1 50 ? 3.065   -2.465  11.241  1.00 37.38  ? 50  ILE B C   1 
ATOM   1140 O O   . ILE B 1 50 ? 4.171   -2.769  11.770  1.00 37.09  ? 50  ILE B O   1 
ATOM   1141 C CB  . ILE B 1 50 ? 3.390   -1.238  9.004   1.00 37.03  ? 50  ILE B CB  1 
ATOM   1142 C CG1 . ILE B 1 50 ? 4.883   -1.478  8.660   1.00 35.37  ? 50  ILE B CG1 1 
ATOM   1143 C CG2 . ILE B 1 50 ? 3.104   0.043   9.789   1.00 33.07  ? 50  ILE B CG2 1 
ATOM   1144 C CD1 . ILE B 1 50 ? 5.380   -0.885  7.335   1.00 32.59  ? 50  ILE B CD1 1 
ATOM   1145 N N   . GLY B 1 51 ? 2.075   -1.973  11.966  1.00 38.18  ? 51  GLY B N   1 
ATOM   1146 C CA  . GLY B 1 51 ? 2.103   -1.808  13.438  1.00 37.55  ? 51  GLY B CA  1 
ATOM   1147 C C   . GLY B 1 51 ? 1.704   -3.158  14.089  1.00 36.87  ? 51  GLY B C   1 
ATOM   1148 O O   . GLY B 1 51 ? 1.953   -3.372  15.286  1.00 37.59  ? 51  GLY B O   1 
ATOM   1149 N N   . GLY B 1 52 ? 1.112   -3.978  13.260  1.00 35.24  ? 52  GLY B N   1 
ATOM   1150 C CA  . GLY B 1 52 ? 0.656   -5.310  13.494  1.00 33.43  ? 52  GLY B CA  1 
ATOM   1151 C C   . GLY B 1 52 ? -0.837  -5.413  13.234  1.00 32.73  ? 52  GLY B C   1 
ATOM   1152 O O   . GLY B 1 52 ? -1.320  -4.580  12.485  1.00 32.01  ? 52  GLY B O   1 
ATOM   1153 N N   . PHE B 1 53 ? -1.475  -6.307  13.969  1.00 33.31  ? 53  PHE B N   1 
ATOM   1154 C CA  . PHE B 1 53 ? -2.873  -6.683  13.842  1.00 33.25  ? 53  PHE B CA  1 
ATOM   1155 C C   . PHE B 1 53 ? -3.899  -5.839  14.524  1.00 32.28  ? 53  PHE B C   1 
ATOM   1156 O O   . PHE B 1 53 ? -3.614  -5.199  15.534  1.00 32.87  ? 53  PHE B O   1 
ATOM   1157 C CB  . PHE B 1 53 ? -3.028  -8.175  14.293  1.00 37.38  ? 53  PHE B CB  1 
ATOM   1158 C CG  . PHE B 1 53 ? -2.308  -9.081  13.302  1.00 40.64  ? 53  PHE B CG  1 
ATOM   1159 C CD1 . PHE B 1 53 ? -2.979  -9.528  12.167  1.00 43.40  ? 53  PHE B CD1 1 
ATOM   1160 C CD2 . PHE B 1 53 ? -0.967  -9.395  13.487  1.00 41.73  ? 53  PHE B CD2 1 
ATOM   1161 C CE1 . PHE B 1 53 ? -2.363  -10.366 11.233  1.00 46.96  ? 53  PHE B CE1 1 
ATOM   1162 C CE2 . PHE B 1 53 ? -0.324  -10.261 12.588  1.00 44.80  ? 53  PHE B CE2 1 
ATOM   1163 C CZ  . PHE B 1 53 ? -1.021  -10.747 11.456  1.00 46.30  ? 53  PHE B CZ  1 
ATOM   1164 N N   . ILE B 1 54 ? -5.072  -5.776  13.908  1.00 31.23  ? 54  ILE B N   1 
ATOM   1165 C CA  . ILE B 1 54 ? -6.262  -5.122  14.300  1.00 31.00  ? 54  ILE B CA  1 
ATOM   1166 C C   . ILE B 1 54 ? -7.537  -5.903  13.840  1.00 32.82  ? 54  ILE B C   1 
ATOM   1167 O O   . ILE B 1 54 ? -7.664  -6.615  12.875  1.00 31.20  ? 54  ILE B O   1 
ATOM   1168 C CB  . ILE B 1 54 ? -6.395  -3.616  13.934  1.00 25.90  ? 54  ILE B CB  1 
ATOM   1169 C CG1 . ILE B 1 54 ? -7.326  -3.488  12.705  1.00 26.79  ? 54  ILE B CG1 1 
ATOM   1170 C CG2 . ILE B 1 54 ? -5.107  -2.848  13.727  1.00 25.26  ? 54  ILE B CG2 1 
ATOM   1171 C CD1 . ILE B 1 54 ? -7.209  -2.129  11.968  1.00 29.64  ? 54  ILE B CD1 1 
ATOM   1172 N N   . LYS B 1 55 ? -8.547  -5.657  14.692  1.00 35.73  ? 55  LYS B N   1 
ATOM   1173 C CA  . LYS B 1 55 ? -9.894  -6.215  14.527  1.00 36.60  ? 55  LYS B CA  1 
ATOM   1174 C C   . LYS B 1 55 ? -10.685 -5.179  13.710  1.00 35.24  ? 55  LYS B C   1 
ATOM   1175 O O   . LYS B 1 55 ? -10.572 -3.947  14.083  1.00 36.15  ? 55  LYS B O   1 
ATOM   1176 C CB  . LYS B 1 55 ? -10.609 -6.412  15.865  1.00 45.85  ? 55  LYS B CB  1 
ATOM   1177 C CG  . LYS B 1 55 ? -10.393 -7.663  16.667  1.00 52.82  ? 55  LYS B CG  1 
ATOM   1178 C CD  . LYS B 1 55 ? -10.305 -8.946  15.814  1.00 58.51  ? 55  LYS B CD  1 
ATOM   1179 C CE  . LYS B 1 55 ? -11.716 -9.412  15.405  1.00 63.76  ? 55  LYS B CE  1 
ATOM   1180 N NZ  . LYS B 1 55 ? -11.609 -10.582 14.432  1.00 67.63  ? 55  LYS B NZ  1 
ATOM   1181 N N   . VAL B 1 56 ? -11.357 -5.643  12.683  1.00 31.58  ? 56  VAL B N   1 
ATOM   1182 C CA  . VAL B 1 56 ? -12.172 -4.695  11.831  1.00 28.76  ? 56  VAL B CA  1 
ATOM   1183 C C   . VAL B 1 56 ? -13.589 -5.284  11.855  1.00 28.24  ? 56  VAL B C   1 
ATOM   1184 O O   . VAL B 1 56 ? -13.768 -6.349  12.501  1.00 27.23  ? 56  VAL B O   1 
ATOM   1185 C CB  . VAL B 1 56 ? -11.545 -4.426  10.467  1.00 23.76  ? 56  VAL B CB  1 
ATOM   1186 C CG1 . VAL B 1 56 ? -10.455 -3.337  10.520  1.00 20.09  ? 56  VAL B CG1 1 
ATOM   1187 C CG2 . VAL B 1 56 ? -10.961 -5.650  9.761   1.00 16.56  ? 56  VAL B CG2 1 
ATOM   1188 N N   . ARG B 1 57 ? -14.501 -4.603  11.277  1.00 29.26  ? 57  ARG B N   1 
ATOM   1189 C CA  . ARG B 1 57 ? -15.903 -4.938  11.031  1.00 29.95  ? 57  ARG B CA  1 
ATOM   1190 C C   . ARG B 1 57 ? -16.036 -5.102  9.504   1.00 30.24  ? 57  ARG B C   1 
ATOM   1191 O O   . ARG B 1 57 ? -15.705 -4.167  8.720   1.00 30.29  ? 57  ARG B O   1 
ATOM   1192 C CB  . ARG B 1 57 ? -16.917 -3.891  11.488  1.00 29.63  ? 57  ARG B CB  1 
ATOM   1193 C CG  . ARG B 1 57 ? -16.857 -3.493  12.967  1.00 33.02  ? 57  ARG B CG  1 
ATOM   1194 C CD  . ARG B 1 57 ? -18.098 -2.768  13.385  1.00 35.23  ? 57  ARG B CD  1 
ATOM   1195 N NE  . ARG B 1 57 ? -17.992 -1.334  13.461  1.00 37.79  ? 57  ARG B NE  1 
ATOM   1196 C CZ  . ARG B 1 57 ? -18.477 -0.467  12.573  1.00 40.30  ? 57  ARG B CZ  1 
ATOM   1197 N NH1 . ARG B 1 57 ? -19.248 -0.945  11.570  1.00 41.59  ? 57  ARG B NH1 1 
ATOM   1198 N NH2 . ARG B 1 57 ? -18.270 0.850   12.616  1.00 38.95  ? 57  ARG B NH2 1 
ATOM   1199 N N   . GLN B 1 58 ? -16.583 -6.242  9.080   1.00 29.60  ? 58  GLN B N   1 
ATOM   1200 C CA  . GLN B 1 58 ? -16.679 -6.397  7.595   1.00 28.23  ? 58  GLN B CA  1 
ATOM   1201 C C   . GLN B 1 58 ? -18.074 -6.411  7.046   1.00 26.47  ? 58  GLN B C   1 
ATOM   1202 O O   . GLN B 1 58 ? -18.933 -7.175  7.448   1.00 27.03  ? 58  GLN B O   1 
ATOM   1203 C CB  . GLN B 1 58 ? -15.894 -7.601  7.186   1.00 29.59  ? 58  GLN B CB  1 
ATOM   1204 C CG  . GLN B 1 58 ? -16.187 -7.988  5.741   1.00 31.83  ? 58  GLN B CG  1 
ATOM   1205 C CD  . GLN B 1 58 ? -16.119 -9.563  5.766   1.00 32.99  ? 58  GLN B CD  1 
ATOM   1206 O OE1 . GLN B 1 58 ? -15.079 -10.132 6.078   1.00 30.80  ? 58  GLN B OE1 1 
ATOM   1207 N NE2 . GLN B 1 58 ? -17.318 -10.021 5.504   1.00 33.23  ? 58  GLN B NE2 1 
ATOM   1208 N N   . TYR B 1 59 ? -18.248 -5.594  6.054   1.00 25.46  ? 59  TYR B N   1 
ATOM   1209 C CA  . TYR B 1 59 ? -19.509 -5.449  5.343   1.00 27.28  ? 59  TYR B CA  1 
ATOM   1210 C C   . TYR B 1 59 ? -19.369 -5.957  3.915   1.00 28.77  ? 59  TYR B C   1 
ATOM   1211 O O   . TYR B 1 59 ? -18.434 -5.607  3.188   1.00 28.89  ? 59  TYR B O   1 
ATOM   1212 C CB  . TYR B 1 59 ? -19.953 -3.988  5.350   1.00 26.07  ? 59  TYR B CB  1 
ATOM   1213 C CG  . TYR B 1 59 ? -20.187 -3.448  6.734   1.00 26.32  ? 59  TYR B CG  1 
ATOM   1214 C CD1 . TYR B 1 59 ? -19.162 -3.151  7.639   1.00 27.39  ? 59  TYR B CD1 1 
ATOM   1215 C CD2 . TYR B 1 59 ? -21.511 -3.208  7.120   1.00 24.65  ? 59  TYR B CD2 1 
ATOM   1216 C CE1 . TYR B 1 59 ? -19.420 -2.622  8.935   1.00 24.34  ? 59  TYR B CE1 1 
ATOM   1217 C CE2 . TYR B 1 59 ? -21.760 -2.702  8.376   1.00 25.94  ? 59  TYR B CE2 1 
ATOM   1218 C CZ  . TYR B 1 59 ? -20.740 -2.407  9.269   1.00 25.75  ? 59  TYR B CZ  1 
ATOM   1219 O OH  . TYR B 1 59 ? -21.176 -1.908  10.490  1.00 29.50  ? 59  TYR B OH  1 
ATOM   1220 N N   . ASP B 1 60 ? -20.324 -6.801  3.540   1.00 30.26  ? 60  ASP B N   1 
ATOM   1221 C CA  . ASP B 1 60 ? -20.290 -7.404  2.204   1.00 31.22  ? 60  ASP B CA  1 
ATOM   1222 C C   . ASP B 1 60 ? -21.308 -6.731  1.299   1.00 31.51  ? 60  ASP B C   1 
ATOM   1223 O O   . ASP B 1 60 ? -22.370 -6.239  1.651   1.00 32.32  ? 60  ASP B O   1 
ATOM   1224 C CB  . ASP B 1 60 ? -20.345 -8.897  2.196   1.00 35.70  ? 60  ASP B CB  1 
ATOM   1225 C CG  . ASP B 1 60 ? -19.267 -9.517  3.082   1.00 40.78  ? 60  ASP B CG  1 
ATOM   1226 O OD1 . ASP B 1 60 ? -18.282 -8.805  3.361   1.00 40.70  ? 60  ASP B OD1 1 
ATOM   1227 O OD2 . ASP B 1 60 ? -19.449 -10.691 3.509   1.00 44.82  ? 60  ASP B OD2 1 
ATOM   1228 N N   . GLN B 1 61 ? -20.852 -6.779  0.087   1.00 32.31  ? 61  GLN B N   1 
ATOM   1229 C CA  . GLN B 1 61 ? -21.448 -6.168  -1.069  1.00 34.01  ? 61  GLN B CA  1 
ATOM   1230 C C   . GLN B 1 61 ? -21.835 -4.706  -0.666  1.00 33.48  ? 61  GLN B C   1 
ATOM   1231 O O   . GLN B 1 61 ? -23.031 -4.532  -0.465  1.00 35.92  ? 61  GLN B O   1 
ATOM   1232 C CB  . GLN B 1 61 ? -22.489 -6.822  -1.824  1.00 36.90  ? 61  GLN B CB  1 
ATOM   1233 C CG  . GLN B 1 61 ? -23.713 -7.476  -1.666  1.00 41.64  ? 61  GLN B CG  1 
ATOM   1234 C CD  . GLN B 1 61 ? -23.840 -8.834  -2.392  1.00 44.31  ? 61  GLN B CD  1 
ATOM   1235 O OE1 . GLN B 1 61 ? -22.827 -9.518  -2.467  1.00 44.95  ? 61  GLN B OE1 1 
ATOM   1236 N NE2 . GLN B 1 61 ? -25.049 -9.166  -2.836  1.00 46.42  ? 61  GLN B NE2 1 
ATOM   1237 N N   . ILE B 1 62 ? -20.826 -3.876  -0.648  1.00 30.81  ? 62  ILE B N   1 
ATOM   1238 C CA  . ILE B 1 62 ? -21.023 -2.408  -0.502  1.00 29.18  ? 62  ILE B CA  1 
ATOM   1239 C C   . ILE B 1 62 ? -20.759 -1.789  -1.886  1.00 29.77  ? 62  ILE B C   1 
ATOM   1240 O O   . ILE B 1 62 ? -19.880 -2.241  -2.675  1.00 28.65  ? 62  ILE B O   1 
ATOM   1241 C CB  . ILE B 1 62 ? -20.184 -1.856  0.669   1.00 27.18  ? 62  ILE B CB  1 
ATOM   1242 C CG1 . ILE B 1 62 ? -20.553 -2.485  2.046   1.00 26.22  ? 62  ILE B CG1 1 
ATOM   1243 C CG2 . ILE B 1 62 ? -20.175 -0.303  0.767   1.00 24.62  ? 62  ILE B CG2 1 
ATOM   1244 C CD1 . ILE B 1 62 ? -22.094 -2.545  2.318   1.00 23.05  ? 62  ILE B CD1 1 
ATOM   1245 N N   . LEU B 1 63 ? -21.619 -0.841  -2.318  1.00 31.20  ? 63  LEU B N   1 
ATOM   1246 C CA  . LEU B 1 63 ? -21.470 -0.156  -3.550  1.00 32.85  ? 63  LEU B CA  1 
ATOM   1247 C C   . LEU B 1 63 ? -20.715 1.208   -3.316  1.00 33.89  ? 63  LEU B C   1 
ATOM   1248 O O   . LEU B 1 63 ? -21.311 2.245   -3.009  1.00 36.19  ? 63  LEU B O   1 
ATOM   1249 C CB  . LEU B 1 63 ? -22.707 0.201   -4.433  1.00 31.69  ? 63  LEU B CB  1 
ATOM   1250 C CG  . LEU B 1 63 ? -22.091 1.008   -5.695  1.00 33.02  ? 63  LEU B CG  1 
ATOM   1251 C CD1 . LEU B 1 63 ? -21.984 0.073   -6.872  1.00 31.54  ? 63  LEU B CD1 1 
ATOM   1252 C CD2 . LEU B 1 63 ? -22.872 2.255   -5.909  1.00 30.87  ? 63  LEU B CD2 1 
ATOM   1253 N N   . ILE B 1 64 ? -19.508 1.166   -3.723  1.00 33.13  ? 64  ILE B N   1 
ATOM   1254 C CA  . ILE B 1 64 ? -18.654 2.355   -3.664  1.00 32.70  ? 64  ILE B CA  1 
ATOM   1255 C C   . ILE B 1 64 ? -18.250 2.713   -5.082  1.00 33.60  ? 64  ILE B C   1 
ATOM   1256 O O   . ILE B 1 64 ? -17.805 1.889   -5.879  1.00 32.82  ? 64  ILE B O   1 
ATOM   1257 C CB  . ILE B 1 64 ? -17.543 2.000   -2.669  1.00 31.13  ? 64  ILE B CB  1 
ATOM   1258 C CG1 . ILE B 1 64 ? -16.272 2.818   -2.954  1.00 27.08  ? 64  ILE B CG1 1 
ATOM   1259 C CG2 . ILE B 1 64 ? -17.263 0.458   -2.607  1.00 30.21  ? 64  ILE B CG2 1 
ATOM   1260 C CD1 . ILE B 1 64 ? -15.552 3.078   -1.574  1.00 28.48  ? 64  ILE B CD1 1 
ATOM   1261 N N   . GLU B 1 65 ? -18.504 3.969   -5.366  1.00 34.90  ? 65  GLU B N   1 
ATOM   1262 C CA  . GLU B 1 65 ? -18.062 4.573   -6.642  1.00 36.44  ? 65  GLU B CA  1 
ATOM   1263 C C   . GLU B 1 65 ? -16.668 5.177   -6.427  1.00 36.20  ? 65  GLU B C   1 
ATOM   1264 O O   . GLU B 1 65 ? -16.345 5.603   -5.272  1.00 37.35  ? 65  GLU B O   1 
ATOM   1265 C CB  . GLU B 1 65 ? -19.051 5.597   -7.069  1.00 39.95  ? 65  GLU B CB  1 
ATOM   1266 C CG  . GLU B 1 65 ? -19.053 5.999   -8.556  1.00 45.83  ? 65  GLU B CG  1 
ATOM   1267 C CD  . GLU B 1 65 ? -19.840 7.265   -8.784  1.00 50.14  ? 65  GLU B CD  1 
ATOM   1268 O OE1 . GLU B 1 65 ? -21.072 6.993   -8.627  1.00 52.54  ? 65  GLU B OE1 1 
ATOM   1269 O OE2 . GLU B 1 65 ? -19.346 8.372   -8.994  1.00 53.60  ? 65  GLU B OE2 1 
ATOM   1270 N N   . ILE B 1 66 ? -15.768 5.048   -7.365  1.00 34.34  ? 66  ILE B N   1 
ATOM   1271 C CA  . ILE B 1 66 ? -14.371 5.478   -7.346  1.00 33.32  ? 66  ILE B CA  1 
ATOM   1272 C C   . ILE B 1 66 ? -13.944 6.192   -8.628  1.00 34.26  ? 66  ILE B C   1 
ATOM   1273 O O   . ILE B 1 66 ? -13.780 5.551   -9.714  1.00 34.64  ? 66  ILE B O   1 
ATOM   1274 C CB  . ILE B 1 66 ? -13.413 4.208   -7.183  1.00 27.77  ? 66  ILE B CB  1 
ATOM   1275 C CG1 . ILE B 1 66 ? -13.858 3.355   -6.030  1.00 22.78  ? 66  ILE B CG1 1 
ATOM   1276 C CG2 . ILE B 1 66 ? -11.930 4.671   -7.199  1.00 23.75  ? 66  ILE B CG2 1 
ATOM   1277 C CD1 . ILE B 1 66 ? -13.443 1.877   -6.026  1.00 24.64  ? 66  ILE B CD1 1 
ATOM   1278 N N   . CYS B 1 67 ? -13.761 7.494   -8.558  1.00 34.25  ? 67  CYS B N   1 
ATOM   1279 C CA  . CYS B 1 67 ? -13.532 8.289   -9.804  1.00 33.28  ? 67  CYS B CA  1 
ATOM   1280 C C   . CYS B 1 67 ? -14.640 7.961   -10.814 1.00 33.05  ? 67  CYS B C   1 
ATOM   1281 O O   . CYS B 1 67 ? -14.338 7.735   -11.971 1.00 33.23  ? 67  CYS B O   1 
ATOM   1282 C CB  . CYS B 1 67 ? -12.167 8.041   -10.377 1.00 28.27  ? 67  CYS B CB  1 
ATOM   1283 S SG  . CYS B 1 67 ? -10.866 8.592   -9.301  1.00 26.00  ? 67  CYS B SG  1 
ATOM   1284 N N   . GLY B 1 68 ? -15.875 7.973   -10.357 1.00 33.59  ? 68  GLY B N   1 
ATOM   1285 C CA  . GLY B 1 68 ? -17.072 7.714   -11.111 1.00 34.86  ? 68  GLY B CA  1 
ATOM   1286 C C   . GLY B 1 68 ? -17.124 6.333   -11.784 1.00 34.94  ? 68  GLY B C   1 
ATOM   1287 O O   . GLY B 1 68 ? -17.560 6.231   -12.948 1.00 36.17  ? 68  GLY B O   1 
ATOM   1288 N N   . HIS B 1 69 ? -16.676 5.348   -11.086 1.00 33.43  ? 69  HIS B N   1 
ATOM   1289 C CA  . HIS B 1 69 ? -16.599 3.978   -11.302 1.00 33.62  ? 69  HIS B CA  1 
ATOM   1290 C C   . HIS B 1 69 ? -17.106 3.160   -10.069 1.00 33.51  ? 69  HIS B C   1 
ATOM   1291 O O   . HIS B 1 69 ? -16.568 3.196   -8.970  1.00 33.07  ? 69  HIS B O   1 
ATOM   1292 C CB  . HIS B 1 69 ? -15.211 3.395   -11.618 1.00 36.59  ? 69  HIS B CB  1 
ATOM   1293 C CG  . HIS B 1 69 ? -14.569 3.903   -12.845 1.00 37.46  ? 69  HIS B CG  1 
ATOM   1294 N ND1 . HIS B 1 69 ? -14.039 3.083   -13.817 1.00 37.55  ? 69  HIS B ND1 1 
ATOM   1295 C CD2 . HIS B 1 69 ? -14.272 5.168   -13.206 1.00 39.45  ? 69  HIS B CD2 1 
ATOM   1296 C CE1 . HIS B 1 69 ? -13.435 3.852   -14.699 1.00 41.06  ? 69  HIS B CE1 1 
ATOM   1297 N NE2 . HIS B 1 69 ? -13.552 5.131   -14.350 1.00 40.48  ? 69  HIS B NE2 1 
ATOM   1298 N N   . LYS B 1 70 ? -18.050 2.301   -10.422 1.00 33.47  ? 70  LYS B N   1 
ATOM   1299 C CA  . LYS B 1 70 ? -18.768 1.475   -9.494  1.00 33.86  ? 70  LYS B CA  1 
ATOM   1300 C C   . LYS B 1 70 ? -18.159 0.134   -9.217  1.00 33.30  ? 70  LYS B C   1 
ATOM   1301 O O   . LYS B 1 70 ? -17.894 -0.650  -10.129 1.00 35.74  ? 70  LYS B O   1 
ATOM   1302 C CB  . LYS B 1 70 ? -20.236 1.296   -9.947  1.00 37.68  ? 70  LYS B CB  1 
ATOM   1303 C CG  . LYS B 1 70 ? -20.978 2.675   -9.826  1.00 43.31  ? 70  LYS B CG  1 
ATOM   1304 C CD  . LYS B 1 70 ? -22.322 2.500   -9.156  1.00 46.64  ? 70  LYS B CD  1 
ATOM   1305 C CE  . LYS B 1 70 ? -23.411 3.404   -9.671  1.00 49.48  ? 70  LYS B CE  1 
ATOM   1306 N NZ  . LYS B 1 70 ? -23.849 3.088   -11.057 1.00 51.19  ? 70  LYS B NZ  1 
ATOM   1307 N N   . ALA B 1 71 ? -17.890 -0.122  -7.951  1.00 31.31  ? 71  ALA B N   1 
ATOM   1308 C CA  . ALA B 1 71 ? -17.468 -1.434  -7.455  1.00 29.50  ? 71  ALA B CA  1 
ATOM   1309 C C   . ALA B 1 71 ? -18.570 -1.821  -6.420  1.00 28.28  ? 71  ALA B C   1 
ATOM   1310 O O   . ALA B 1 71 ? -19.512 -1.004  -6.144  1.00 27.57  ? 71  ALA B O   1 
ATOM   1311 C CB  . ALA B 1 71 ? -16.064 -1.492  -7.007  1.00 29.59  ? 71  ALA B CB  1 
ATOM   1312 N N   . ILE B 1 72 ? -18.640 -3.086  -6.128  1.00 25.78  ? 72  ILE B N   1 
ATOM   1313 C CA  . ILE B 1 72 ? -19.577 -3.723  -5.231  1.00 24.07  ? 72  ILE B CA  1 
ATOM   1314 C C   . ILE B 1 72 ? -18.705 -4.885  -4.648  1.00 24.16  ? 72  ILE B C   1 
ATOM   1315 O O   . ILE B 1 72 ? -18.349 -5.833  -5.325  1.00 23.13  ? 72  ILE B O   1 
ATOM   1316 C CB  . ILE B 1 72 ? -20.903 -4.243  -5.762  1.00 21.00  ? 72  ILE B CB  1 
ATOM   1317 C CG1 . ILE B 1 72 ? -21.873 -3.136  -6.268  1.00 21.82  ? 72  ILE B CG1 1 
ATOM   1318 C CG2 . ILE B 1 72 ? -21.648 -5.113  -4.701  1.00 18.91  ? 72  ILE B CG2 1 
ATOM   1319 C CD1 . ILE B 1 72 ? -22.327 -3.336  -7.758  1.00 21.07  ? 72  ILE B CD1 1 
ATOM   1320 N N   . GLY B 1 73 ? -18.262 -4.524  -3.434  1.00 23.78  ? 73  GLY B N   1 
ATOM   1321 C CA  . GLY B 1 73 ? -17.354 -5.474  -2.778  1.00 23.64  ? 73  GLY B CA  1 
ATOM   1322 C C   . GLY B 1 73 ? -17.595 -5.304  -1.262  1.00 24.12  ? 73  GLY B C   1 
ATOM   1323 O O   . GLY B 1 73 ? -18.586 -4.729  -0.847  1.00 23.90  ? 73  GLY B O   1 
ATOM   1324 N N   . THR B 1 74 ? -16.676 -5.909  -0.604  1.00 24.29  ? 74  THR B N   1 
ATOM   1325 C CA  . THR B 1 74 ? -16.303 -6.004  0.705   1.00 25.68  ? 74  THR B CA  1 
ATOM   1326 C C   . THR B 1 74 ? -15.349 -4.811  1.093   1.00 28.08  ? 74  THR B C   1 
ATOM   1327 O O   . THR B 1 74 ? -14.216 -4.694  0.646   1.00 28.01  ? 74  THR B O   1 
ATOM   1328 C CB  . THR B 1 74 ? -15.514 -7.316  1.125   1.00 26.25  ? 74  THR B CB  1 
ATOM   1329 O OG1 . THR B 1 74 ? -16.498 -8.397  1.090   1.00 29.66  ? 74  THR B OG1 1 
ATOM   1330 C CG2 . THR B 1 74 ? -14.782 -7.143  2.447   1.00 23.80  ? 74  THR B CG2 1 
ATOM   1331 N N   . VAL B 1 75 ? -15.993 -4.111  2.025   1.00 29.13  ? 75  VAL B N   1 
ATOM   1332 C CA  . VAL B 1 75 ? -15.499 -2.940  2.724   1.00 27.02  ? 75  VAL B CA  1 
ATOM   1333 C C   . VAL B 1 75 ? -15.248 -3.371  4.157   1.00 27.05  ? 75  VAL B C   1 
ATOM   1334 O O   . VAL B 1 75 ? -16.133 -4.058  4.710   1.00 29.27  ? 75  VAL B O   1 
ATOM   1335 C CB  . VAL B 1 75 ? -16.521 -1.802  2.544   1.00 24.65  ? 75  VAL B CB  1 
ATOM   1336 C CG1 . VAL B 1 75 ? -15.910 -0.433  2.853   1.00 25.71  ? 75  VAL B CG1 1 
ATOM   1337 C CG2 . VAL B 1 75 ? -17.082 -1.688  1.127   1.00 22.08  ? 75  VAL B CG2 1 
ATOM   1338 N N   . LEU B 1 76 ? -14.131 -3.082  4.729   1.00 26.83  ? 76  LEU B N   1 
ATOM   1339 C CA  . LEU B 1 76 ? -13.809 -3.242  6.154   1.00 26.01  ? 76  LEU B CA  1 
ATOM   1340 C C   . LEU B 1 76 ? -13.873 -1.851  6.840   1.00 26.34  ? 76  LEU B C   1 
ATOM   1341 O O   . LEU B 1 76 ? -13.165 -0.929  6.396   1.00 28.14  ? 76  LEU B O   1 
ATOM   1342 C CB  . LEU B 1 76 ? -12.410 -3.866  6.300   1.00 21.56  ? 76  LEU B CB  1 
ATOM   1343 C CG  . LEU B 1 76 ? -11.990 -5.034  5.446   1.00 17.64  ? 76  LEU B CG  1 
ATOM   1344 C CD1 . LEU B 1 76 ? -10.701 -5.678  5.971   1.00 14.68  ? 76  LEU B CD1 1 
ATOM   1345 C CD2 . LEU B 1 76 ? -13.084 -6.048  5.345   1.00 15.40  ? 76  LEU B CD2 1 
ATOM   1346 N N   . VAL B 1 77 ? -14.637 -1.677  7.883   1.00 26.07  ? 77  VAL B N   1 
ATOM   1347 C CA  . VAL B 1 77 ? -14.655 -0.457  8.734   1.00 23.88  ? 77  VAL B CA  1 
ATOM   1348 C C   . VAL B 1 77 ? -13.822 -0.603  9.998   1.00 24.89  ? 77  VAL B C   1 
ATOM   1349 O O   . VAL B 1 77 ? -13.905 -1.533  10.831  1.00 24.75  ? 77  VAL B O   1 
ATOM   1350 C CB  . VAL B 1 77 ? -16.103 -0.046  8.961   1.00 17.50  ? 77  VAL B CB  1 
ATOM   1351 C CG1 . VAL B 1 77 ? -16.186 1.118   9.904   1.00 14.60  ? 77  VAL B CG1 1 
ATOM   1352 C CG2 . VAL B 1 77 ? -16.734 0.219   7.599   1.00 13.56  ? 77  VAL B CG2 1 
ATOM   1353 N N   . GLY B 1 78 ? -12.854 0.320   10.143  1.00 26.04  ? 78  GLY B N   1 
ATOM   1354 C CA  . GLY B 1 78 ? -11.888 0.379   11.163  1.00 26.98  ? 78  GLY B CA  1 
ATOM   1355 C C   . GLY B 1 78 ? -10.975 1.562   11.261  1.00 29.10  ? 78  GLY B C   1 
ATOM   1356 O O   . GLY B 1 78 ? -10.907 2.565   10.511  1.00 29.55  ? 78  GLY B O   1 
ATOM   1357 N N   . PRO B 1 79 ? -10.107 1.447   12.292  1.00 30.15  ? 79  PRO B N   1 
ATOM   1358 C CA  . PRO B 1 79 ? -9.146  2.460   12.681  1.00 31.52  ? 79  PRO B CA  1 
ATOM   1359 C C   . PRO B 1 79 ? -7.955  2.587   11.776  1.00 32.73  ? 79  PRO B C   1 
ATOM   1360 O O   . PRO B 1 79 ? -6.794  2.198   12.223  1.00 34.87  ? 79  PRO B O   1 
ATOM   1361 C CB  . PRO B 1 79 ? -8.643  2.011   14.067  1.00 31.00  ? 79  PRO B CB  1 
ATOM   1362 C CG  . PRO B 1 79 ? -8.996  0.581   14.182  1.00 30.00  ? 79  PRO B CG  1 
ATOM   1363 C CD  . PRO B 1 79 ? -10.124 0.320   13.237  1.00 29.83  ? 79  PRO B CD  1 
ATOM   1364 N N   . THR B 1 80 ? -8.168  3.125   10.621  1.00 31.42  ? 80  THR B N   1 
ATOM   1365 C CA  . THR B 1 80 ? -6.961  3.252   9.707   1.00 30.64  ? 80  THR B CA  1 
ATOM   1366 C C   . THR B 1 80 ? -6.543  4.680   9.746   1.00 31.34  ? 80  THR B C   1 
ATOM   1367 O O   . THR B 1 80 ? -7.402  5.582   10.058  1.00 31.08  ? 80  THR B O   1 
ATOM   1368 C CB  . THR B 1 80 ? -7.528  2.711   8.344   1.00 31.77  ? 80  THR B CB  1 
ATOM   1369 O OG1 . THR B 1 80 ? -6.519  3.010   7.343   1.00 34.41  ? 80  THR B OG1 1 
ATOM   1370 C CG2 . THR B 1 80 ? -8.949  3.244   8.048   1.00 28.05  ? 80  THR B CG2 1 
ATOM   1371 N N   . PRO B 1 81 ? -5.268  4.978   9.472   1.00 31.36  ? 81  PRO B N   1 
ATOM   1372 C CA  . PRO B 1 81 ? -4.766  6.357   9.391   1.00 29.50  ? 81  PRO B CA  1 
ATOM   1373 C C   . PRO B 1 81 ? -5.569  7.111   8.333   1.00 29.60  ? 81  PRO B C   1 
ATOM   1374 O O   . PRO B 1 81 ? -5.877  8.295   8.573   1.00 31.03  ? 81  PRO B O   1 
ATOM   1375 C CB  . PRO B 1 81 ? -3.303  6.245   9.060   1.00 28.72  ? 81  PRO B CB  1 
ATOM   1376 C CG  . PRO B 1 81 ? -2.896  4.830   9.424   1.00 29.71  ? 81  PRO B CG  1 
ATOM   1377 C CD  . PRO B 1 81 ? -4.179  4.008   9.175   1.00 31.36  ? 81  PRO B CD  1 
ATOM   1378 N N   . VAL B 1 82 ? -5.918  6.448   7.248   1.00 28.09  ? 82  VAL B N   1 
ATOM   1379 C CA  . VAL B 1 82 ? -6.585  6.887   6.043   1.00 25.62  ? 82  VAL B CA  1 
ATOM   1380 C C   . VAL B 1 82 ? -7.468  5.808   5.412   1.00 24.66  ? 82  VAL B C   1 
ATOM   1381 O O   . VAL B 1 82 ? -7.328  4.615   5.738   1.00 25.70  ? 82  VAL B O   1 
ATOM   1382 C CB  . VAL B 1 82 ? -5.469  7.322   5.016   1.00 27.20  ? 82  VAL B CB  1 
ATOM   1383 C CG1 . VAL B 1 82 ? -4.531  6.189   4.601   1.00 23.19  ? 82  VAL B CG1 1 
ATOM   1384 C CG2 . VAL B 1 82 ? -6.116  7.985   3.810   1.00 26.98  ? 82  VAL B CG2 1 
ATOM   1385 N N   . ASN B 1 83 ? -8.336  6.138   4.508   1.00 23.67  ? 83  ASN B N   1 
ATOM   1386 C CA  . ASN B 1 83 ? -9.237  5.329   3.732   1.00 23.64  ? 83  ASN B CA  1 
ATOM   1387 C C   . ASN B 1 83 ? -8.406  4.517   2.690   1.00 23.28  ? 83  ASN B C   1 
ATOM   1388 O O   . ASN B 1 83 ? -7.958  5.290   1.791   1.00 23.97  ? 83  ASN B O   1 
ATOM   1389 C CB  . ASN B 1 83 ? -10.211 6.199   2.882   1.00 23.90  ? 83  ASN B CB  1 
ATOM   1390 C CG  . ASN B 1 83 ? -11.368 6.732   3.629   1.00 25.73  ? 83  ASN B CG  1 
ATOM   1391 O OD1 . ASN B 1 83 ? -11.750 6.199   4.686   1.00 28.50  ? 83  ASN B OD1 1 
ATOM   1392 N ND2 . ASN B 1 83 ? -12.052 7.746   3.107   1.00 26.61  ? 83  ASN B ND2 1 
ATOM   1393 N N   . ILE B 1 84 ? -8.270  3.252   2.803   1.00 21.66  ? 84  ILE B N   1 
ATOM   1394 C CA  . ILE B 1 84 ? -7.517  2.388   1.875   1.00 20.71  ? 84  ILE B CA  1 
ATOM   1395 C C   . ILE B 1 84 ? -8.453  1.778   0.836   1.00 21.64  ? 84  ILE B C   1 
ATOM   1396 O O   . ILE B 1 84 ? -9.548  1.316   1.225   1.00 22.95  ? 84  ILE B O   1 
ATOM   1397 C CB  . ILE B 1 84 ? -6.708  1.352   2.728   1.00 18.16  ? 84  ILE B CB  1 
ATOM   1398 C CG1 . ILE B 1 84 ? -5.408  1.978   3.227   1.00 16.68  ? 84  ILE B CG1 1 
ATOM   1399 C CG2 . ILE B 1 84 ? -6.372  0.011   2.042   1.00 19.70  ? 84  ILE B CG2 1 
ATOM   1400 C CD1 . ILE B 1 84 ? -5.456  2.516   4.676   1.00 21.81  ? 84  ILE B CD1 1 
ATOM   1401 N N   . ILE B 1 85 ? -8.156  1.873   -0.441  1.00 21.81  ? 85  ILE B N   1 
ATOM   1402 C CA  . ILE B 1 85 ? -8.865  1.232   -1.579  1.00 21.34  ? 85  ILE B CA  1 
ATOM   1403 C C   . ILE B 1 85 ? -7.913  0.132   -2.050  1.00 21.65  ? 85  ILE B C   1 
ATOM   1404 O O   . ILE B 1 85 ? -6.806  0.490   -2.536  1.00 22.83  ? 85  ILE B O   1 
ATOM   1405 C CB  . ILE B 1 85 ? -9.199  2.220   -2.706  1.00 21.06  ? 85  ILE B CB  1 
ATOM   1406 C CG1 . ILE B 1 85 ? -10.177 3.297   -2.149  1.00 25.15  ? 85  ILE B CG1 1 
ATOM   1407 C CG2 . ILE B 1 85 ? -9.759  1.576   -3.988  1.00 19.55  ? 85  ILE B CG2 1 
ATOM   1408 C CD1 . ILE B 1 85 ? -11.666 2.794   -1.981  1.00 24.63  ? 85  ILE B CD1 1 
ATOM   1409 N N   . GLY B 1 86 ? -8.217  -1.100  -1.696  1.00 20.11  ? 86  GLY B N   1 
ATOM   1410 C CA  . GLY B 1 86 ? -7.242  -2.177  -1.911  1.00 18.27  ? 86  GLY B CA  1 
ATOM   1411 C C   . GLY B 1 86 ? -7.468  -3.000  -3.120  1.00 17.08  ? 86  GLY B C   1 
ATOM   1412 O O   . GLY B 1 86 ? -8.413  -2.765  -3.895  1.00 16.04  ? 86  GLY B O   1 
ATOM   1413 N N   . ARG B 1 87 ? -6.628  -4.028  -3.248  1.00 17.71  ? 87  ARG B N   1 
ATOM   1414 C CA  . ARG B 1 87 ? -6.652  -4.916  -4.428  1.00 20.31  ? 87  ARG B CA  1 
ATOM   1415 C C   . ARG B 1 87 ? -8.024  -5.408  -4.772  1.00 22.11  ? 87  ARG B C   1 
ATOM   1416 O O   . ARG B 1 87 ? -8.458  -5.334  -5.991  1.00 25.15  ? 87  ARG B O   1 
ATOM   1417 C CB  . ARG B 1 87 ? -5.583  -6.048  -4.322  1.00 17.63  ? 87  ARG B CB  1 
ATOM   1418 C CG  . ARG B 1 87 ? -4.192  -5.497  -4.423  1.00 17.37  ? 87  ARG B CG  1 
ATOM   1419 C CD  . ARG B 1 87 ? -3.025  -6.253  -4.317  1.00 18.10  ? 87  ARG B CD  1 
ATOM   1420 N NE  . ARG B 1 87 ? -2.959  -7.449  -3.545  1.00 18.29  ? 87  ARG B NE  1 
ATOM   1421 C CZ  . ARG B 1 87 ? -3.552  -8.588  -3.843  1.00 17.25  ? 87  ARG B CZ  1 
ATOM   1422 N NH1 . ARG B 1 87 ? -4.386  -8.606  -4.874  1.00 21.09  ? 87  ARG B NH1 1 
ATOM   1423 N NH2 . ARG B 1 87 ? -3.377  -9.709  -3.195  1.00 20.75  ? 87  ARG B NH2 1 
ATOM   1424 N N   . ASN B 1 88 ? -8.843  -5.830  -3.830  1.00 20.34  ? 88  ASN B N   1 
ATOM   1425 C CA  . ASN B 1 88 ? -10.206 -6.274  -4.055  1.00 17.45  ? 88  ASN B CA  1 
ATOM   1426 C C   . ASN B 1 88 ? -10.980 -5.364  -4.955  1.00 17.80  ? 88  ASN B C   1 
ATOM   1427 O O   . ASN B 1 88 ? -11.775 -5.827  -5.872  1.00 18.75  ? 88  ASN B O   1 
ATOM   1428 C CB  . ASN B 1 88 ? -10.771 -6.566  -2.617  1.00 14.96  ? 88  ASN B CB  1 
ATOM   1429 C CG  . ASN B 1 88 ? -11.093 -5.284  -1.917  1.00 17.52  ? 88  ASN B CG  1 
ATOM   1430 O OD1 . ASN B 1 88 ? -10.159 -4.589  -1.515  1.00 18.19  ? 88  ASN B OD1 1 
ATOM   1431 N ND2 . ASN B 1 88 ? -12.375 -4.868  -1.850  1.00 16.74  ? 88  ASN B ND2 1 
ATOM   1432 N N   . LEU B 1 89 ? -10.879 -4.029  -4.831  1.00 16.90  ? 89  LEU B N   1 
ATOM   1433 C CA  . LEU B 1 89 ? -11.719 -3.149  -5.677  1.00 15.83  ? 89  LEU B CA  1 
ATOM   1434 C C   . LEU B 1 89 ? -10.879 -2.554  -6.796  1.00 16.05  ? 89  LEU B C   1 
ATOM   1435 O O   . LEU B 1 89 ? -11.462 -2.017  -7.799  1.00 16.13  ? 89  LEU B O   1 
ATOM   1436 C CB  . LEU B 1 89 ? -12.498 -2.211  -4.829  1.00 15.27  ? 89  LEU B CB  1 
ATOM   1437 C CG  . LEU B 1 89 ? -13.350 -2.517  -3.636  1.00 15.36  ? 89  LEU B CG  1 
ATOM   1438 C CD1 . LEU B 1 89 ? -13.519 -1.234  -2.788  1.00 12.19  ? 89  LEU B CD1 1 
ATOM   1439 C CD2 . LEU B 1 89 ? -14.749 -2.939  -4.031  1.00 13.98  ? 89  LEU B CD2 1 
ATOM   1440 N N   . LEU B 1 90 ? -9.559  -2.632  -6.664  1.00 15.29  ? 90  LEU B N   1 
ATOM   1441 C CA  . LEU B 1 90 ? -8.679  -2.148  -7.746  1.00 15.71  ? 90  LEU B CA  1 
ATOM   1442 C C   . LEU B 1 90 ? -8.851  -3.100  -8.937  1.00 17.79  ? 90  LEU B C   1 
ATOM   1443 O O   . LEU B 1 90 ? -9.089  -2.550  -10.054 1.00 20.08  ? 90  LEU B O   1 
ATOM   1444 C CB  . LEU B 1 90 ? -7.261  -1.917  -7.345  1.00 15.18  ? 90  LEU B CB  1 
ATOM   1445 C CG  . LEU B 1 90 ? -6.882  -0.962  -6.247  1.00 14.56  ? 90  LEU B CG  1 
ATOM   1446 C CD1 . LEU B 1 90 ? -5.425  -1.150  -5.835  1.00 13.62  ? 90  LEU B CD1 1 
ATOM   1447 C CD2 . LEU B 1 90 ? -7.164  0.454   -6.646  1.00 14.16  ? 90  LEU B CD2 1 
ATOM   1448 N N   . THR B 1 91 ? -8.791  -4.414  -8.759  1.00 16.93  ? 91  THR B N   1 
ATOM   1449 C CA  . THR B 1 91 ? -9.144  -5.328  -9.858  1.00 17.20  ? 91  THR B CA  1 
ATOM   1450 C C   . THR B 1 91 ? -10.533 -5.063  -10.429 1.00 18.34  ? 91  THR B C   1 
ATOM   1451 O O   . THR B 1 91 ? -10.701 -5.135  -11.671 1.00 18.25  ? 91  THR B O   1 
ATOM   1452 C CB  . THR B 1 91 ? -9.065  -6.824  -9.404  1.00 14.19  ? 91  THR B CB  1 
ATOM   1453 O OG1 . THR B 1 91 ? -10.080 -6.885  -8.327  1.00 17.25  ? 91  THR B OG1 1 
ATOM   1454 C CG2 . THR B 1 91 ? -7.720  -7.259  -8.957  1.00 14.19  ? 91  THR B CG2 1 
ATOM   1455 N N   . GLN B 1 92 ? -11.523 -4.732  -9.619  1.00 20.60  ? 92  GLN B N   1 
ATOM   1456 C CA  . GLN B 1 92 ? -12.871 -4.456  -10.080 1.00 22.92  ? 92  GLN B CA  1 
ATOM   1457 C C   . GLN B 1 92 ? -12.893 -3.331  -11.117 1.00 25.21  ? 92  GLN B C   1 
ATOM   1458 O O   . GLN B 1 92 ? -13.673 -3.576  -12.064 1.00 26.66  ? 92  GLN B O   1 
ATOM   1459 C CB  . GLN B 1 92 ? -13.943 -4.128  -9.077  1.00 23.56  ? 92  GLN B CB  1 
ATOM   1460 C CG  . GLN B 1 92 ? -14.189 -5.205  -8.016  1.00 27.69  ? 92  GLN B CG  1 
ATOM   1461 C CD  . GLN B 1 92 ? -15.650 -5.252  -7.621  1.00 25.76  ? 92  GLN B CD  1 
ATOM   1462 O OE1 . GLN B 1 92 ? -16.467 -4.593  -8.290  1.00 28.04  ? 92  GLN B OE1 1 
ATOM   1463 N NE2 . GLN B 1 92 ? -15.940 -6.043  -6.614  1.00 24.13  ? 92  GLN B NE2 1 
ATOM   1464 N N   . ILE B 1 93 ? -12.235 -2.222  -10.860 1.00 26.76  ? 93  ILE B N   1 
ATOM   1465 C CA  . ILE B 1 93 ? -12.214 -1.001  -11.725 1.00 25.74  ? 93  ILE B CA  1 
ATOM   1466 C C   . ILE B 1 93 ? -11.134 -1.009  -12.820 1.00 26.16  ? 93  ILE B C   1 
ATOM   1467 O O   . ILE B 1 93 ? -10.924 -0.038  -13.584 1.00 26.23  ? 93  ILE B O   1 
ATOM   1468 C CB  . ILE B 1 93 ? -12.185 0.300   -10.849 1.00 21.03  ? 93  ILE B CB  1 
ATOM   1469 C CG1 . ILE B 1 93 ? -10.700 0.535   -10.333 1.00 18.06  ? 93  ILE B CG1 1 
ATOM   1470 C CG2 . ILE B 1 93 ? -13.166 0.384   -9.682  1.00 20.55  ? 93  ILE B CG2 1 
ATOM   1471 C CD1 . ILE B 1 93 ? -10.462 2.029   -10.030 1.00 12.50  ? 93  ILE B CD1 1 
ATOM   1472 N N   . GLY B 1 94 ? -10.435 -2.061  -13.002 1.00 27.79  ? 94  GLY B N   1 
ATOM   1473 C CA  . GLY B 1 94 ? -9.409  -2.446  -13.874 1.00 30.41  ? 94  GLY B CA  1 
ATOM   1474 C C   . GLY B 1 94 ? -8.153  -1.619  -13.757 1.00 32.49  ? 94  GLY B C   1 
ATOM   1475 O O   . GLY B 1 94 ? -7.812  -0.945  -14.776 1.00 34.00  ? 94  GLY B O   1 
ATOM   1476 N N   . CYS B 1 95 ? -7.572  -1.680  -12.568 1.00 31.99  ? 95  CYS B N   1 
ATOM   1477 C CA  . CYS B 1 95 ? -6.378  -0.900  -12.197 1.00 31.35  ? 95  CYS B CA  1 
ATOM   1478 C C   . CYS B 1 95 ? -5.122  -1.753  -12.349 1.00 31.22  ? 95  CYS B C   1 
ATOM   1479 O O   . CYS B 1 95 ? -5.082  -2.881  -11.752 1.00 32.14  ? 95  CYS B O   1 
ATOM   1480 C CB  . CYS B 1 95 ? -6.462  -0.335  -10.758 1.00 31.16  ? 95  CYS B CB  1 
ATOM   1481 S SG  . CYS B 1 95 ? -5.128  0.811   -10.252 1.00 28.00  ? 95  CYS B SG  1 
ATOM   1482 N N   . THR B 1 96 ? -4.134  -1.159  -13.072 1.00 29.03  ? 96  THR B N   1 
ATOM   1483 C CA  . THR B 1 96 ? -2.844  -1.796  -13.234 1.00 27.52  ? 96  THR B CA  1 
ATOM   1484 C C   . THR B 1 96 ? -1.649  -0.886  -12.924 1.00 27.30  ? 96  THR B C   1 
ATOM   1485 O O   . THR B 1 96 ? -1.698  0.329   -13.028 1.00 25.71  ? 96  THR B O   1 
ATOM   1486 C CB  . THR B 1 96 ? -2.622  -2.454  -14.665 1.00 25.91  ? 96  THR B CB  1 
ATOM   1487 O OG1 . THR B 1 96 ? -2.610  -1.351  -15.592 1.00 24.71  ? 96  THR B OG1 1 
ATOM   1488 C CG2 . THR B 1 96 ? -3.586  -3.561  -15.021 1.00 22.72  ? 96  THR B CG2 1 
ATOM   1489 N N   . LEU B 1 97 ? -0.597  -1.611  -12.475 1.00 28.76  ? 97  LEU B N   1 
ATOM   1490 C CA  . LEU B 1 97 ? 0.727   -1.007  -12.257 1.00 31.52  ? 97  LEU B CA  1 
ATOM   1491 C C   . LEU B 1 97 ? 1.391   -1.062  -13.685 1.00 34.14  ? 97  LEU B C   1 
ATOM   1492 O O   . LEU B 1 97 ? 1.150   -1.977  -14.452 1.00 33.92  ? 97  LEU B O   1 
ATOM   1493 C CB  . LEU B 1 97 ? 1.534   -1.546  -11.157 1.00 27.40  ? 97  LEU B CB  1 
ATOM   1494 C CG  . LEU B 1 97 ? 1.305   -1.436  -9.672  1.00 26.95  ? 97  LEU B CG  1 
ATOM   1495 C CD1 . LEU B 1 97 ? 2.124   -2.549  -8.954  1.00 22.45  ? 97  LEU B CD1 1 
ATOM   1496 C CD2 . LEU B 1 97 ? 1.753   -0.102  -9.113  1.00 21.78  ? 97  LEU B CD2 1 
ATOM   1497 N N   . ASN B 1 98 ? 1.968   0.040   -14.044 1.00 37.34  ? 98  ASN B N   1 
ATOM   1498 C CA  . ASN B 1 98 ? 2.609   0.190   -15.366 1.00 41.16  ? 98  ASN B CA  1 
ATOM   1499 C C   . ASN B 1 98 ? 3.986   0.739   -15.097 1.00 45.24  ? 98  ASN B C   1 
ATOM   1500 O O   . ASN B 1 98 ? 4.090   1.506   -14.090 1.00 46.34  ? 98  ASN B O   1 
ATOM   1501 C CB  . ASN B 1 98 ? 1.719   1.108   -16.203 1.00 42.55  ? 98  ASN B CB  1 
ATOM   1502 C CG  . ASN B 1 98 ? 0.618   0.220   -16.827 1.00 43.78  ? 98  ASN B CG  1 
ATOM   1503 O OD1 . ASN B 1 98 ? 1.006   -0.695  -17.534 1.00 45.92  ? 98  ASN B OD1 1 
ATOM   1504 N ND2 . ASN B 1 98 ? -0.597  0.467   -16.427 1.00 44.24  ? 98  ASN B ND2 1 
ATOM   1505 N N   . PHE B 1 99 ? 4.984   0.251   -15.788 1.00 48.35  ? 99  PHE B N   1 
ATOM   1506 C CA  . PHE B 1 99 ? 6.372   0.734   -15.646 1.00 50.47  ? 99  PHE B CA  1 
ATOM   1507 C C   . PHE B 1 99 ? 7.125   0.412   -16.978 1.00 51.73  ? 99  PHE B C   1 
ATOM   1508 O O   . PHE B 1 99 ? 6.541   0.888   -17.971 1.00 53.09  ? 99  PHE B O   1 
ATOM   1509 C CB  . PHE B 1 99 ? 7.178   0.349   -14.501 1.00 52.51  ? 99  PHE B CB  1 
ATOM   1510 C CG  . PHE B 1 99 ? 6.990   -0.709  -13.532 1.00 54.62  ? 99  PHE B CG  1 
ATOM   1511 C CD1 . PHE B 1 99 ? 5.735   -1.079  -13.039 1.00 54.11  ? 99  PHE B CD1 1 
ATOM   1512 C CD2 . PHE B 1 99 ? 8.143   -1.330  -12.984 1.00 56.67  ? 99  PHE B CD2 1 
ATOM   1513 C CE1 . PHE B 1 99 ? 5.593   -2.065  -12.083 1.00 55.07  ? 99  PHE B CE1 1 
ATOM   1514 C CE2 . PHE B 1 99 ? 8.030   -2.314  -12.017 1.00 57.89  ? 99  PHE B CE2 1 
ATOM   1515 C CZ  . PHE B 1 99 ? 6.751   -2.686  -11.579 1.00 57.16  ? 99  PHE B CZ  1 
ATOM   1516 O OXT . PHE B 1 99 ? 8.174   -0.218  -16.826 1.00 52.57  ? 99  PHE B OXT 1 
ATOM   1517 N N   . LEU C 2 1  ? 0.586   -1.041  3.400   1.00 77.59  ? 202 LEU C N   1 
ATOM   1518 C CA  . LEU C 2 1  ? 0.531   -2.503  3.490   1.00 78.15  ? 202 LEU C CA  1 
ATOM   1519 C C   . LEU C 2 1  ? -0.669  -2.887  4.364   1.00 80.25  ? 202 LEU C C   1 
ATOM   1520 O O   . LEU C 2 1  ? -0.833  -2.305  5.451   1.00 80.30  ? 202 LEU C O   1 
ATOM   1521 C CB  . LEU C 2 1  ? 1.863   -3.026  4.013   1.00 73.65  ? 202 LEU C CB  1 
ATOM   1522 C CG  . LEU C 2 1  ? 1.937   -4.381  4.682   1.00 71.05  ? 202 LEU C CG  1 
ATOM   1523 C CD1 . LEU C 2 1  ? 2.195   -5.498  3.704   1.00 68.37  ? 202 LEU C CD1 1 
ATOM   1524 C CD2 . LEU C 2 1  ? 3.035   -4.345  5.757   1.00 69.37  ? 202 LEU C CD2 1 
ATOM   1525 N N   . GLN C 2 2  ? -1.417  -3.835  3.842   1.00 82.84  ? 203 GLN C N   1 
ATOM   1526 C CA  . GLN C 2 2  ? -2.567  -4.467  4.517   1.00 85.16  ? 203 GLN C CA  1 
ATOM   1527 C C   . GLN C 2 2  ? -2.768  -5.879  3.899   1.00 87.13  ? 203 GLN C C   1 
ATOM   1528 O O   . GLN C 2 2  ? -3.074  -6.098  2.731   1.00 87.13  ? 203 GLN C O   1 
ATOM   1529 C CB  . GLN C 2 2  ? -3.833  -3.658  4.615   1.00 83.38  ? 203 GLN C CB  1 
ATOM   1530 C CG  . GLN C 2 2  ? -4.892  -4.161  5.582   1.00 80.61  ? 203 GLN C CG  1 
ATOM   1531 C CD  . GLN C 2 2  ? -6.024  -4.863  4.865   1.00 79.93  ? 203 GLN C CD  1 
ATOM   1532 O OE1 . GLN C 2 2  ? -6.512  -4.366  3.854   1.00 80.31  ? 203 GLN C OE1 1 
ATOM   1533 N NE2 . GLN C 2 2  ? -6.445  -6.009  5.373   1.00 79.21  ? 203 GLN C NE2 1 
ATOM   1534 N N   . GLU C 2 3  ? -2.476  -6.817  4.777   1.00 89.22  ? 204 GLU C N   1 
ATOM   1535 C CA  . GLU C 2 3  ? -2.527  -8.222  4.645   1.00 91.50  ? 204 GLU C CA  1 
ATOM   1536 C C   . GLU C 2 3  ? -3.796  -8.739  5.373   1.00 93.52  ? 204 GLU C C   1 
ATOM   1537 O O   . GLU C 2 3  ? -4.395  -8.012  6.147   1.00 93.24  ? 204 GLU C O   1 
ATOM   1538 C CB  . GLU C 2 3  ? -1.359  -8.943  5.344   1.00 93.71  ? 204 GLU C CB  1 
ATOM   1539 C CG  . GLU C 2 3  ? 0.055   -8.458  5.057   1.00 95.71  ? 204 GLU C CG  1 
ATOM   1540 C CD  . GLU C 2 3  ? 0.508   -8.674  3.636   1.00 97.39  ? 204 GLU C CD  1 
ATOM   1541 O OE1 . GLU C 2 3  ? -0.118  -8.352  2.637   1.00 98.09  ? 204 GLU C OE1 1 
ATOM   1542 O OE2 . GLU C 2 3  ? 1.612   -9.252  3.596   1.00 98.56  ? 204 GLU C OE2 1 
ATOM   1543 N N   . SER C 2 4  ? -4.075  -9.956  5.091   1.00 96.61  ? 205 SER C N   1 
ATOM   1544 C CA  . SER C 2 4  ? -5.108  -10.869 5.516   1.00 98.91  ? 205 SER C CA  1 
ATOM   1545 C C   . SER C 2 4  ? -6.525  -10.439 5.176   1.00 100.13 ? 205 SER C C   1 
ATOM   1546 O O   . SER C 2 4  ? -7.384  -10.424 6.109   1.00 100.13 ? 205 SER C O   1 
ATOM   1547 C CB  . SER C 2 4  ? -4.913  -11.282 6.984   1.00 99.16  ? 205 SER C CB  1 
ATOM   1548 O OG  . SER C 2 4  ? -3.976  -12.347 7.115   1.00 99.54  ? 205 SER C OG  1 
ATOM   1549 O OXT . SER C 2 4  ? -6.877  -10.220 3.973   1.00 100.13 ? 205 SER C OXT 1 
HETATM 1550 C C1  . G23 D 3 .  ? -0.128  3.303   5.006   1.00 67.32  ? 200 G23 A C1  1 
HETATM 1551 C C2  . G23 D 3 .  ? 0.048   5.372   6.259   1.00 68.08  ? 200 G23 A C2  1 
HETATM 1552 C C3  . G23 D 3 .  ? 0.983   6.489   5.768   1.00 69.73  ? 200 G23 A C3  1 
HETATM 1553 C C4  . G23 D 3 .  ? 0.451   7.803   6.353   1.00 72.37  ? 200 G23 A C4  1 
HETATM 1554 C C5  . G23 D 3 .  ? -2.365  2.806   6.293   1.00 65.75  ? 200 G23 A C5  1 
HETATM 1555 C C6  . G23 D 3 .  ? -2.492  3.400   3.972   1.00 67.62  ? 200 G23 A C6  1 
HETATM 1556 C C7  . G23 D 3 .  ? 0.487   1.912   5.079   1.00 66.99  ? 200 G23 A C7  1 
HETATM 1557 C C8  . G23 D 3 .  ? -1.613  3.576   5.250   1.00 67.11  ? 200 G23 A C8  1 
HETATM 1558 C C9  . G23 D 3 .  ? -0.852  9.766   5.775   1.00 78.00  ? 200 G23 A C9  1 
HETATM 1559 C C10 . G23 D 3 .  ? 3.514   5.940   5.340   1.00 66.26  ? 200 G23 A C10 1 
HETATM 1560 C C11 . G23 D 3 .  ? 4.621   5.517   6.267   1.00 65.84  ? 200 G23 A C11 1 
HETATM 1561 C C12 . G23 D 3 .  ? 4.531   3.026   6.062   1.00 65.82  ? 200 G23 A C12 1 
HETATM 1562 C C13 . G23 D 3 .  ? 5.150   4.225   5.704   1.00 65.54  ? 200 G23 A C13 1 
HETATM 1563 C C14 . G23 D 3 .  ? 6.237   4.188   4.897   1.00 64.93  ? 200 G23 A C14 1 
HETATM 1564 C C15 . G23 D 3 .  ? 6.721   2.994   4.406   1.00 64.70  ? 200 G23 A C15 1 
HETATM 1565 C C16 . G23 D 3 .  ? 6.113   1.836   4.693   1.00 65.07  ? 200 G23 A C16 1 
HETATM 1566 C C17 . G23 D 3 .  ? 4.991   1.867   5.559   1.00 65.67  ? 200 G23 A C17 1 
HETATM 1567 C C18 . G23 D 3 .  ? -3.247  9.333   2.883   1.00 81.57  ? 200 G23 A C18 1 
HETATM 1568 C C19 . G23 D 3 .  ? -3.633  10.606  2.564   1.00 81.84  ? 200 G23 A C19 1 
HETATM 1569 C C20 . G23 D 3 .  ? -3.107  11.628  3.295   1.00 81.66  ? 200 G23 A C20 1 
HETATM 1570 C C21 . G23 D 3 .  ? -2.225  11.357  4.312   1.00 81.14  ? 200 G23 A C21 1 
HETATM 1571 C C22 . G23 D 3 .  ? -1.841  10.116  4.660   1.00 80.35  ? 200 G23 A C22 1 
HETATM 1572 C C23 . G23 D 3 .  ? -2.389  9.076   3.896   1.00 81.22  ? 200 G23 A C23 1 
HETATM 1573 N N1  . G23 D 3 .  ? 0.633   4.109   5.941   1.00 67.73  ? 200 G23 A N1  1 
HETATM 1574 N N2  . G23 D 3 .  ? 2.363   6.138   6.075   1.00 67.91  ? 200 G23 A N2  1 
HETATM 1575 N N3  . G23 D 3 .  ? -0.237  8.520   5.463   1.00 75.09  ? 200 G23 A N3  1 
HETATM 1576 O O1  . G23 D 3 .  ? 0.572   8.126   7.504   1.00 72.75  ? 200 G23 A O1  1 
HETATM 1577 O O2  . G23 D 3 .  ? 3.741   6.009   4.145   1.00 64.89  ? 200 G23 A O2  1 
HETATM 1578 O O3  . G23 D 3 .  ? 0.445   1.288   6.126   1.00 66.32  ? 200 G23 A O3  1 
HETATM 1579 O O4  . G23 D 3 .  ? 1.141   1.452   4.137   1.00 66.78  ? 200 G23 A O4  1 
HETATM 1580 S S1  . G23 D 3 .  ? -1.595  5.416   5.541   1.00 66.99  ? 200 G23 A S1  1 
HETATM 1581 O O   . HOH E 4 .  ? 0.012   -0.345  7.569   1.00 33.67  ? 301 HOH A O   1 
HETATM 1582 O O   . HOH E 4 .  ? 16.904  -6.986  -9.700  1.00 9.70   ? 303 HOH A O   1 
HETATM 1583 O O   . HOH E 4 .  ? 5.192   7.900   -10.879 1.00 14.53  ? 305 HOH A O   1 
HETATM 1584 O O   . HOH E 4 .  ? 0.189   -8.980  -9.753  1.00 17.23  ? 309 HOH A O   1 
HETATM 1585 O O   . HOH E 4 .  ? 0.751   7.024   2.081   1.00 17.51  ? 310 HOH A O   1 
HETATM 1586 O O   . HOH E 4 .  ? 22.837  -7.884  6.014   1.00 17.60  ? 311 HOH A O   1 
HETATM 1587 O O   . HOH E 4 .  ? 1.982   -0.571  17.608  1.00 21.46  ? 318 HOH A O   1 
HETATM 1588 O O   . HOH E 4 .  ? 17.049  7.008   -9.266  1.00 24.32  ? 320 HOH A O   1 
HETATM 1589 O O   . HOH E 4 .  ? 1.082   7.042   -0.826  1.00 24.61  ? 321 HOH A O   1 
HETATM 1590 O O   . HOH E 4 .  ? 7.623   8.050   -12.357 1.00 25.91  ? 322 HOH A O   1 
HETATM 1591 O O   . HOH E 4 .  ? -1.258  -3.373  16.356  1.00 28.16  ? 326 HOH A O   1 
HETATM 1592 O O   . HOH E 4 .  ? -4.505  0.475   13.555  1.00 30.05  ? 331 HOH A O   1 
HETATM 1593 O O   . HOH E 4 .  ? -2.405  -10.553 -11.226 1.00 31.36  ? 334 HOH A O   1 
HETATM 1594 O O   . HOH E 4 .  ? 16.673  6.087   -11.919 1.00 34.70  ? 336 HOH A O   1 
HETATM 1595 O O   . HOH E 4 .  ? 24.166  -2.616  -7.679  1.00 35.58  ? 338 HOH A O   1 
HETATM 1596 O O   . HOH E 4 .  ? 17.485  -1.706  -17.804 1.00 35.64  ? 340 HOH A O   1 
HETATM 1597 O O   . HOH E 4 .  ? 6.153   8.744   6.320   1.00 36.86  ? 344 HOH A O   1 
HETATM 1598 O O   . HOH E 4 .  ? 21.750  -9.684  8.572   1.00 37.25  ? 345 HOH A O   1 
HETATM 1599 O O   . HOH E 4 .  ? 9.667   -10.182 2.273   1.00 38.18  ? 347 HOH A O   1 
HETATM 1600 O O   . HOH E 4 .  ? 4.307   4.102   -16.786 1.00 38.74  ? 348 HOH A O   1 
HETATM 1601 O O   . HOH E 4 .  ? 9.385   -1.116  16.287  1.00 39.63  ? 350 HOH A O   1 
HETATM 1602 O O   . HOH E 4 .  ? 6.672   6.751   -16.502 1.00 40.39  ? 351 HOH A O   1 
HETATM 1603 O O   . HOH E 4 .  ? -0.902  8.683   10.643  1.00 40.73  ? 352 HOH A O   1 
HETATM 1604 O O   . HOH E 4 .  ? 19.695  13.089  6.814   1.00 41.52  ? 356 HOH A O   1 
HETATM 1605 O O   . HOH E 4 .  ? 16.151  13.428  6.038   1.00 42.23  ? 358 HOH A O   1 
HETATM 1606 O O   . HOH E 4 .  ? 7.414   9.457   -1.293  1.00 42.24  ? 359 HOH A O   1 
HETATM 1607 O O   . HOH E 4 .  ? 4.794   12.924  -1.488  1.00 42.44  ? 360 HOH A O   1 
HETATM 1608 O O   . HOH E 4 .  ? 12.448  5.967   19.669  1.00 43.53  ? 362 HOH A O   1 
HETATM 1609 O O   . HOH E 4 .  ? 12.689  -12.280 0.860   1.00 44.20  ? 364 HOH A O   1 
HETATM 1610 O O   . HOH E 4 .  ? -10.571 0.504   -16.876 1.00 44.31  ? 365 HOH A O   1 
HETATM 1611 O O   . HOH E 4 .  ? 26.635  0.988   10.077  1.00 45.45  ? 368 HOH A O   1 
HETATM 1612 O O   . HOH E 4 .  ? 14.023  -1.849  15.749  1.00 46.58  ? 369 HOH A O   1 
HETATM 1613 O O   . HOH E 4 .  ? 10.899  -4.850  -16.012 1.00 46.63  ? 370 HOH A O   1 
HETATM 1614 O O   . HOH E 4 .  ? -1.605  10.217  8.555   1.00 46.80  ? 371 HOH A O   1 
HETATM 1615 O O   . HOH E 4 .  ? 13.528  -8.704  10.328  1.00 47.50  ? 373 HOH A O   1 
HETATM 1616 O O   . HOH E 4 .  ? 14.738  5.651   -15.216 1.00 49.66  ? 374 HOH A O   1 
HETATM 1617 O O   . HOH E 4 .  ? 14.588  8.905   -1.131  1.00 50.68  ? 375 HOH A O   1 
HETATM 1618 O O   . HOH E 4 .  ? 12.660  -7.902  12.687  1.00 51.00  ? 376 HOH A O   1 
HETATM 1619 O O   . HOH E 4 .  ? 20.067  9.629   7.644   1.00 51.25  ? 377 HOH A O   1 
HETATM 1620 O O   . HOH E 4 .  ? 22.679  6.759   5.619   1.00 52.37  ? 379 HOH A O   1 
HETATM 1621 O O   . HOH E 4 .  ? 1.206   -9.845  -13.283 1.00 53.36  ? 380 HOH A O   1 
HETATM 1622 O O   . HOH E 4 .  ? 7.655   -8.714  11.959  1.00 53.95  ? 381 HOH A O   1 
HETATM 1623 O O   . HOH E 4 .  ? 23.242  -5.431  -5.476  1.00 55.07  ? 384 HOH A O   1 
HETATM 1624 O O   . HOH E 4 .  ? -0.266  -8.502  -16.798 1.00 55.42  ? 385 HOH A O   1 
HETATM 1625 O O   . HOH E 4 .  ? 23.240  -2.160  -4.220  1.00 56.19  ? 387 HOH A O   1 
HETATM 1626 O O   . HOH E 4 .  ? 16.570  -9.673  -9.797  1.00 57.66  ? 389 HOH A O   1 
HETATM 1627 O O   . HOH E 4 .  ? 24.316  1.850   -2.476  1.00 58.06  ? 390 HOH A O   1 
HETATM 1628 O O   . HOH E 4 .  ? 26.260  4.357   12.454  1.00 59.00  ? 395 HOH A O   1 
HETATM 1629 O O   . HOH E 4 .  ? 10.061  -10.651 -9.594  1.00 59.33  ? 397 HOH A O   1 
HETATM 1630 O O   . HOH E 4 .  ? 6.624   11.461  1.782   1.00 62.32  ? 402 HOH A O   1 
HETATM 1631 O O   . HOH E 4 .  ? 15.304  -0.823  12.818  1.00 64.61  ? 406 HOH A O   1 
HETATM 1632 O O   . HOH E 4 .  ? 7.711   -12.698 -8.171  1.00 66.01  ? 407 HOH A O   1 
HETATM 1633 O O   . HOH E 4 .  ? -3.050  -15.132 2.057   1.00 68.31  ? 409 HOH A O   1 
HETATM 1634 O O   . HOH E 4 .  ? 28.390  -1.813  7.938   1.00 70.71  ? 411 HOH A O   1 
HETATM 1635 O O   . HOH E 4 .  ? 12.029  -5.559  15.842  1.00 70.76  ? 412 HOH A O   1 
HETATM 1636 O O   . HOH E 4 .  ? 11.811  -11.661 3.016   1.00 71.00  ? 413 HOH A O   1 
HETATM 1637 O O   . HOH E 4 .  ? 3.132   -11.513 -9.430  1.00 71.04  ? 414 HOH A O   1 
HETATM 1638 O O   . HOH E 4 .  ? 20.517  -1.569  -15.203 1.00 74.62  ? 418 HOH A O   1 
HETATM 1639 O O   . HOH E 4 .  ? -0.856  -14.000 -3.130  1.00 79.22  ? 420 HOH A O   1 
HETATM 1640 O O   . HOH F 4 .  ? -1.041  -6.386  -2.057  1.00 8.68   ? 302 HOH B O   1 
HETATM 1641 O O   . HOH F 4 .  ? -17.356 11.404  -11.268 1.00 10.48  ? 304 HOH B O   1 
HETATM 1642 O O   . HOH F 4 .  ? -0.590  10.731  -7.646  1.00 15.54  ? 307 HOH B O   1 
HETATM 1643 O O   . HOH F 4 .  ? -16.209 8.545   -7.497  1.00 15.86  ? 308 HOH B O   1 
HETATM 1644 O O   . HOH F 4 .  ? -14.875 15.052  -13.313 1.00 18.86  ? 312 HOH B O   1 
HETATM 1645 O O   . HOH F 4 .  ? -22.288 -6.823  5.602   1.00 19.23  ? 313 HOH B O   1 
HETATM 1646 O O   . HOH F 4 .  ? -16.587 7.461   -15.884 1.00 20.54  ? 314 HOH B O   1 
HETATM 1647 O O   . HOH F 4 .  ? -18.657 -8.167  -0.893  1.00 20.63  ? 315 HOH B O   1 
HETATM 1648 O O   . HOH F 4 .  ? -12.260 4.682   12.637  1.00 20.71  ? 316 HOH B O   1 
HETATM 1649 O O   . HOH F 4 .  ? -9.670  5.502   11.606  1.00 21.41  ? 317 HOH B O   1 
HETATM 1650 O O   . HOH F 4 .  ? -14.483 -8.164  -2.543  1.00 23.92  ? 319 HOH B O   1 
HETATM 1651 O O   . HOH F 4 .  ? -12.111 11.748  3.729   1.00 26.00  ? 323 HOH B O   1 
HETATM 1652 O O   . HOH F 4 .  ? -12.243 -5.741  1.587   1.00 26.84  ? 324 HOH B O   1 
HETATM 1653 O O   . HOH F 4 .  ? -20.441 -7.768  -5.811  1.00 27.79  ? 325 HOH B O   1 
HETATM 1654 O O   . HOH F 4 .  ? 1.788   12.491  -8.664  1.00 28.53  ? 327 HOH B O   1 
HETATM 1655 O O   . HOH F 4 .  ? -11.254 10.991  -8.541  1.00 29.70  ? 328 HOH B O   1 
HETATM 1656 O O   . HOH F 4 .  ? -18.650 -2.337  17.288  1.00 29.96  ? 329 HOH B O   1 
HETATM 1657 O O   . HOH F 4 .  ? -13.578 9.732   5.171   1.00 30.00  ? 330 HOH B O   1 
HETATM 1658 O O   . HOH F 4 .  ? -12.074 -8.432  2.225   1.00 30.11  ? 332 HOH B O   1 
HETATM 1659 O O   . HOH F 4 .  ? -4.947  -0.899  -16.488 1.00 30.36  ? 333 HOH B O   1 
HETATM 1660 O O   . HOH F 4 .  ? -21.123 -9.263  6.320   1.00 33.69  ? 335 HOH B O   1 
HETATM 1661 O O   . HOH F 4 .  ? -8.059  -0.871  -17.856 1.00 34.76  ? 337 HOH B O   1 
HETATM 1662 O O   . HOH F 4 .  ? -14.306 -5.903  15.594  1.00 35.62  ? 339 HOH B O   1 
HETATM 1663 O O   . HOH F 4 .  ? -14.930 -0.798  14.025  1.00 35.79  ? 341 HOH B O   1 
HETATM 1664 O O   . HOH F 4 .  ? -14.461 6.934   6.199   1.00 36.35  ? 342 HOH B O   1 
HETATM 1665 O O   . HOH F 4 .  ? -7.657  -8.866  -1.907  1.00 36.38  ? 343 HOH B O   1 
HETATM 1666 O O   . HOH F 4 .  ? -22.286 5.792   -3.716  1.00 38.08  ? 346 HOH B O   1 
HETATM 1667 O O   . HOH F 4 .  ? 1.733   14.157  -1.108  1.00 39.33  ? 349 HOH B O   1 
HETATM 1668 O O   . HOH F 4 .  ? -12.468 -5.074  -15.018 1.00 40.76  ? 353 HOH B O   1 
HETATM 1669 O O   . HOH F 4 .  ? -10.606 -10.104 -3.448  1.00 40.94  ? 354 HOH B O   1 
HETATM 1670 O O   . HOH F 4 .  ? -10.883 -9.061  -7.206  1.00 41.42  ? 355 HOH B O   1 
HETATM 1671 O O   . HOH F 4 .  ? -13.196 13.655  -11.337 1.00 41.77  ? 357 HOH B O   1 
HETATM 1672 O O   . HOH F 4 .  ? -20.929 14.465  0.454   1.00 42.92  ? 361 HOH B O   1 
HETATM 1673 O O   . HOH F 4 .  ? -20.263 8.010   -13.801 1.00 43.71  ? 363 HOH B O   1 
HETATM 1674 O O   . HOH F 4 .  ? -10.094 13.265  -8.150  1.00 45.13  ? 366 HOH B O   1 
HETATM 1675 O O   . HOH F 4 .  ? -5.906  -5.176  -12.020 1.00 45.27  ? 367 HOH B O   1 
HETATM 1676 O O   . HOH F 4 .  ? -10.195 11.156  -10.528 1.00 47.00  ? 372 HOH B O   1 
HETATM 1677 O O   . HOH F 4 .  ? -14.087 -7.970  -5.525  1.00 52.07  ? 378 HOH B O   1 
HETATM 1678 O O   . HOH F 4 .  ? -8.934  9.826   4.100   1.00 53.96  ? 382 HOH B O   1 
HETATM 1679 O O   . HOH F 4 .  ? -16.773 9.083   7.643   1.00 54.96  ? 383 HOH B O   1 
HETATM 1680 O O   . HOH F 4 .  ? 7.269   11.158  -14.368 1.00 55.56  ? 386 HOH B O   1 
HETATM 1681 O O   . HOH F 4 .  ? -1.148  14.256  0.479   1.00 57.42  ? 388 HOH B O   1 
HETATM 1682 O O   . HOH F 4 .  ? -5.147  15.113  -3.540  1.00 58.28  ? 391 HOH B O   1 
HETATM 1683 O O   . HOH F 4 .  ? 5.443   -5.250  12.502  1.00 58.61  ? 392 HOH B O   1 
HETATM 1684 O O   . HOH F 4 .  ? -13.287 8.298   -14.989 1.00 58.73  ? 393 HOH B O   1 
HETATM 1685 O O   . HOH F 4 .  ? -27.289 -1.314  11.667  1.00 58.82  ? 394 HOH B O   1 
HETATM 1686 O O   . HOH F 4 .  ? -2.671  12.020  -8.962  1.00 59.09  ? 396 HOH B O   1 
HETATM 1687 O O   . HOH F 4 .  ? 3.252   6.696   -21.570 1.00 59.55  ? 398 HOH B O   1 
HETATM 1688 O O   . HOH F 4 .  ? -24.990 -1.784  9.556   1.00 61.45  ? 399 HOH B O   1 
HETATM 1689 O O   . HOH F 4 .  ? -8.213  14.428  -5.376  1.00 61.72  ? 400 HOH B O   1 
HETATM 1690 O O   . HOH F 4 .  ? -8.517  -10.158 -5.733  1.00 62.11  ? 401 HOH B O   1 
HETATM 1691 O O   . HOH F 4 .  ? 1.451   -7.620  9.723   1.00 63.20  ? 403 HOH B O   1 
HETATM 1692 O O   . HOH F 4 .  ? -24.453 -1.346  -0.510  1.00 63.78  ? 404 HOH B O   1 
HETATM 1693 O O   . HOH F 4 .  ? -11.097 7.318   -15.856 1.00 64.26  ? 405 HOH B O   1 
HETATM 1694 O O   . HOH F 4 .  ? -22.959 4.111   -1.929  1.00 67.93  ? 408 HOH B O   1 
HETATM 1695 O O   . HOH F 4 .  ? -23.107 -4.649  4.459   1.00 70.08  ? 410 HOH B O   1 
HETATM 1696 O O   . HOH F 4 .  ? -2.242  13.757  -2.814  1.00 71.63  ? 415 HOH B O   1 
HETATM 1697 O O   . HOH F 4 .  ? -7.655  14.346  -2.576  1.00 72.58  ? 416 HOH B O   1 
HETATM 1698 O O   . HOH F 4 .  ? -23.677 -12.187 9.719   1.00 72.59  ? 417 HOH B O   1 
HETATM 1699 O O   . HOH F 4 .  ? -16.182 -9.930  -6.267  1.00 75.10  ? 419 HOH B O   1 
HETATM 1700 O O   . HOH G 4 .  ? -0.768  0.177   1.970   1.00 37.62  ? 300 HOH C O   1 
HETATM 1701 O O   . HOH G 4 .  ? -0.765  -7.130  0.626   1.00 15.25  ? 306 HOH C O   1 
# 
